data_1EZ4
#
_entry.id   1EZ4
#
_cell.length_a   149.351
_cell.length_b   145.544
_cell.length_c   111.926
_cell.angle_alpha   90.00
_cell.angle_beta   90.00
_cell.angle_gamma   90.00
#
_symmetry.space_group_name_H-M   'P 21 21 21'
#
loop_
_entity.id
_entity.type
_entity.pdbx_description
1 polymer 'LACTATE DEHYDROGENASE'
2 non-polymer NICOTINAMIDE-ADENINE-DINUCLEOTIDE
3 water water
#
_entity_poly.entity_id   1
_entity_poly.type   'polypeptide(L)'
_entity_poly.pdbx_seq_one_letter_code
;SMPNHQKVVLVGDGAVGSSYAFAMAQQGIAEEFVIVDVVKDRTKGDALDLEDAQAFTAPKKIYSGEYSDCKDADLVVITA
GAPQKPGESRLDLVNKNLNILSSIVKPVVDSGFDGIFLVAANPVDILTYATWKFSGFPKERVIGSGTSLDSSRLRVALGK
QFNVDPRSVDAYIMGEHGDSEFAAYSTATIGTRPVRDVAKEQGVSDDDLAKLEDGVRNKAYDIINLKGATFYGIGTALMR
ISKAILRDENAVLPVGAYMDGQYGLNDIYIGTPAIIGGTGLKQIIESPLSADELKKMQDSAATLKKVLNDGLAELENK
;
_entity_poly.pdbx_strand_id   A,B,C,D
#
loop_
_chem_comp.id
_chem_comp.type
_chem_comp.name
_chem_comp.formula
NAD non-polymer NICOTINAMIDE-ADENINE-DINUCLEOTIDE 'C21 H27 N7 O14 P2'
#
# COMPACT_ATOMS: atom_id res chain seq x y z
N SER A 1 2.27 -14.51 -18.23
CA SER A 1 3.25 -14.31 -19.32
C SER A 1 4.63 -15.03 -19.26
N MET A 2 5.49 -14.70 -18.27
CA MET A 2 6.78 -15.36 -17.93
C MET A 2 6.84 -15.42 -16.38
N PRO A 3 7.73 -16.02 -15.57
CA PRO A 3 7.44 -16.42 -14.18
C PRO A 3 7.10 -15.26 -13.28
N ASN A 4 5.98 -15.33 -12.53
CA ASN A 4 5.62 -14.27 -11.57
C ASN A 4 5.47 -12.87 -12.18
N HIS A 5 4.99 -12.89 -13.41
CA HIS A 5 4.91 -11.70 -14.23
C HIS A 5 3.59 -11.59 -14.96
N GLN A 6 2.66 -10.80 -14.43
CA GLN A 6 1.39 -10.55 -15.11
C GLN A 6 1.43 -9.40 -16.17
N LYS A 7 0.69 -9.67 -17.24
CA LYS A 7 0.59 -8.84 -18.45
C LYS A 7 -0.82 -8.35 -18.82
N VAL A 8 -1.03 -7.05 -18.78
CA VAL A 8 -2.27 -6.41 -19.19
C VAL A 8 -2.10 -5.67 -20.52
N VAL A 9 -3.01 -5.86 -21.48
CA VAL A 9 -3.01 -5.04 -22.68
C VAL A 9 -4.22 -4.11 -22.67
N LEU A 10 -3.94 -2.83 -22.73
CA LEU A 10 -4.99 -1.80 -22.87
C LEU A 10 -5.31 -1.47 -24.34
N VAL A 11 -6.51 -1.69 -24.81
CA VAL A 11 -6.87 -1.27 -26.15
C VAL A 11 -7.73 -0.02 -26.00
N GLY A 12 -7.19 1.13 -26.44
CA GLY A 12 -7.90 2.38 -26.34
C GLY A 12 -7.20 3.31 -25.41
N ASP A 13 -6.28 4.13 -25.92
CA ASP A 13 -5.56 5.07 -25.08
C ASP A 13 -6.10 6.49 -24.96
N GLY A 14 -7.42 6.67 -24.86
CA GLY A 14 -7.93 8.00 -24.59
C GLY A 14 -7.83 8.37 -23.12
N ALA A 15 -8.54 9.38 -22.61
CA ALA A 15 -8.40 9.73 -21.20
C ALA A 15 -8.83 8.66 -20.18
N VAL A 16 -9.82 7.82 -20.50
CA VAL A 16 -10.24 6.70 -19.66
C VAL A 16 -9.14 5.63 -19.58
N GLY A 17 -8.73 5.12 -20.72
CA GLY A 17 -7.65 4.14 -20.77
C GLY A 17 -6.36 4.61 -20.14
N SER A 18 -6.01 5.85 -20.43
CA SER A 18 -4.82 6.43 -19.83
C SER A 18 -4.92 6.67 -18.32
N SER A 19 -6.04 7.12 -17.78
CA SER A 19 -6.06 7.30 -16.34
C SER A 19 -6.16 5.94 -15.62
N TYR A 20 -6.80 4.94 -16.22
CA TYR A 20 -6.71 3.55 -15.80
C TYR A 20 -5.25 3.07 -15.71
N ALA A 21 -4.45 3.33 -16.75
CA ALA A 21 -3.04 2.93 -16.74
C ALA A 21 -2.27 3.63 -15.64
N PHE A 22 -2.58 4.90 -15.41
CA PHE A 22 -1.92 5.61 -14.34
C PHE A 22 -2.30 5.06 -12.96
N ALA A 23 -3.57 4.76 -12.74
CA ALA A 23 -4.08 4.15 -11.51
C ALA A 23 -3.40 2.79 -11.30
N MET A 24 -3.24 1.97 -12.34
CA MET A 24 -2.54 0.70 -12.24
C MET A 24 -1.07 0.87 -11.89
N ALA A 25 -0.46 1.97 -12.39
CA ALA A 25 0.93 2.28 -12.01
C ALA A 25 1.01 2.75 -10.56
N GLN A 26 0.12 3.59 -10.05
CA GLN A 26 0.17 4.00 -8.66
C GLN A 26 -0.04 2.82 -7.72
N GLN A 27 -0.87 1.87 -8.14
CA GLN A 27 -1.22 0.69 -7.35
C GLN A 27 -0.27 -0.52 -7.47
N GLY A 28 0.68 -0.53 -8.39
CA GLY A 28 1.59 -1.63 -8.56
C GLY A 28 0.89 -2.91 -8.96
N ILE A 29 -0.18 -2.80 -9.73
CA ILE A 29 -0.88 -4.00 -10.19
C ILE A 29 -0.43 -4.30 -11.59
N ALA A 30 -0.04 -5.55 -11.83
CA ALA A 30 0.57 -6.09 -13.02
C ALA A 30 2.00 -5.57 -13.27
N GLU A 31 2.76 -6.41 -13.94
CA GLU A 31 4.19 -6.12 -14.12
C GLU A 31 4.52 -5.62 -15.52
N GLU A 32 3.61 -5.83 -16.47
CA GLU A 32 3.77 -5.40 -17.84
C GLU A 32 2.42 -4.89 -18.36
N PHE A 33 2.48 -3.70 -18.94
CA PHE A 33 1.30 -2.98 -19.40
C PHE A 33 1.50 -2.50 -20.85
N VAL A 34 0.85 -3.15 -21.79
CA VAL A 34 0.93 -2.78 -23.19
C VAL A 34 -0.21 -1.81 -23.57
N ILE A 35 0.12 -0.68 -24.18
CA ILE A 35 -0.87 0.29 -24.72
C ILE A 35 -1.05 0.19 -26.24
N VAL A 36 -2.26 -0.20 -26.64
CA VAL A 36 -2.63 -0.34 -28.03
C VAL A 36 -3.73 0.66 -28.42
N ASP A 37 -3.51 1.47 -29.46
CA ASP A 37 -4.55 2.31 -30.03
C ASP A 37 -4.30 2.54 -31.53
N VAL A 38 -5.22 3.03 -32.37
CA VAL A 38 -4.92 3.38 -33.77
C VAL A 38 -3.91 4.50 -33.95
N VAL A 39 -3.96 5.44 -33.02
CA VAL A 39 -3.08 6.58 -33.12
C VAL A 39 -1.79 6.28 -32.37
N LYS A 40 -0.86 5.65 -33.06
CA LYS A 40 0.39 5.17 -32.45
C LYS A 40 1.30 6.14 -31.69
N ASP A 41 1.39 7.37 -32.17
CA ASP A 41 2.18 8.41 -31.51
C ASP A 41 1.70 8.74 -30.11
N ARG A 42 0.39 8.77 -29.98
CA ARG A 42 -0.20 9.04 -28.68
C ARG A 42 0.16 7.96 -27.66
N THR A 43 0.09 6.71 -28.10
CA THR A 43 0.40 5.62 -27.20
C THR A 43 1.87 5.54 -26.88
N LYS A 44 2.73 5.81 -27.88
CA LYS A 44 4.19 5.92 -27.66
C LYS A 44 4.54 6.99 -26.64
N GLY A 45 3.87 8.11 -26.76
CA GLY A 45 4.09 9.20 -25.84
C GLY A 45 3.55 8.94 -24.46
N ASP A 46 2.44 8.20 -24.36
CA ASP A 46 1.84 7.93 -23.08
C ASP A 46 2.62 6.89 -22.31
N ALA A 47 3.15 5.86 -22.99
CA ALA A 47 4.04 4.88 -22.35
C ALA A 47 5.26 5.54 -21.74
N LEU A 48 5.84 6.54 -22.40
CA LEU A 48 6.98 7.26 -21.87
C LEU A 48 6.65 8.12 -20.68
N ASP A 49 5.49 8.71 -20.72
CA ASP A 49 5.09 9.56 -19.62
C ASP A 49 4.73 8.70 -18.40
N LEU A 50 3.98 7.62 -18.66
CA LEU A 50 3.54 6.69 -17.63
C LEU A 50 4.72 6.02 -16.94
N GLU A 51 5.67 5.53 -17.72
CA GLU A 51 6.79 4.85 -17.13
C GLU A 51 7.63 5.67 -16.15
N ASP A 52 7.60 6.98 -16.21
CA ASP A 52 8.28 7.83 -15.25
C ASP A 52 7.66 7.78 -13.88
N ALA A 53 6.44 7.30 -13.73
CA ALA A 53 5.85 7.10 -12.39
C ALA A 53 6.54 6.00 -11.56
N GLN A 54 7.26 5.10 -12.23
CA GLN A 54 7.97 4.00 -11.61
C GLN A 54 9.02 4.35 -10.59
N ALA A 55 9.78 5.43 -10.73
CA ALA A 55 10.81 5.66 -9.74
C ALA A 55 10.25 5.84 -8.33
N PHE A 56 8.99 6.24 -8.24
CA PHE A 56 8.40 6.46 -6.93
C PHE A 56 7.16 5.61 -6.70
N THR A 57 6.88 4.62 -7.54
CA THR A 57 5.79 3.76 -7.19
C THR A 57 6.30 2.33 -7.25
N ALA A 58 6.12 1.55 -8.28
CA ALA A 58 6.58 0.19 -8.28
C ALA A 58 7.04 -0.13 -9.69
N PRO A 59 8.01 -1.00 -10.01
CA PRO A 59 8.40 -1.24 -11.38
C PRO A 59 7.29 -1.87 -12.22
N LYS A 60 7.23 -1.38 -13.46
CA LYS A 60 6.28 -1.87 -14.45
C LYS A 60 6.86 -1.70 -15.84
N LYS A 61 6.74 -2.70 -16.71
CA LYS A 61 7.20 -2.60 -18.09
C LYS A 61 6.07 -2.04 -18.93
N ILE A 62 6.10 -0.73 -19.21
CA ILE A 62 5.02 -0.07 -19.95
C ILE A 62 5.49 0.32 -21.35
N TYR A 63 4.80 -0.13 -22.37
CA TYR A 63 5.15 0.23 -23.71
C TYR A 63 3.97 0.22 -24.68
N SER A 64 4.17 0.84 -25.81
CA SER A 64 3.22 0.93 -26.90
C SER A 64 3.25 -0.33 -27.75
N GLY A 65 2.13 -0.99 -28.04
CA GLY A 65 2.18 -2.19 -28.85
C GLY A 65 1.06 -2.29 -29.88
N GLU A 66 0.89 -3.53 -30.31
CA GLU A 66 -0.08 -3.96 -31.30
C GLU A 66 -0.94 -5.10 -30.78
N TYR A 67 -1.98 -5.51 -31.50
CA TYR A 67 -2.84 -6.59 -31.05
C TYR A 67 -2.11 -7.92 -30.87
N SER A 68 -1.04 -8.14 -31.63
CA SER A 68 -0.28 -9.36 -31.49
C SER A 68 0.33 -9.50 -30.11
N ASP A 69 0.54 -8.38 -29.43
CA ASP A 69 1.03 -8.42 -28.07
C ASP A 69 0.07 -9.00 -27.07
N CYS A 70 -1.19 -9.23 -27.46
CA CYS A 70 -2.15 -9.88 -26.58
C CYS A 70 -1.92 -11.37 -26.46
N LYS A 71 -1.05 -11.97 -27.27
CA LYS A 71 -0.83 -13.40 -27.28
C LYS A 71 -0.80 -14.13 -25.92
N ASP A 72 -0.01 -13.55 -25.05
CA ASP A 72 0.16 -14.16 -23.74
C ASP A 72 -0.25 -13.20 -22.63
N ALA A 73 -1.14 -12.28 -22.94
CA ALA A 73 -1.65 -11.38 -21.93
C ALA A 73 -2.66 -12.10 -21.02
N ASP A 74 -2.76 -11.64 -19.80
CA ASP A 74 -3.69 -12.20 -18.84
C ASP A 74 -5.02 -11.46 -18.90
N LEU A 75 -4.96 -10.16 -19.20
CA LEU A 75 -6.11 -9.28 -19.23
C LEU A 75 -6.06 -8.28 -20.39
N VAL A 76 -7.11 -8.20 -21.19
CA VAL A 76 -7.23 -7.17 -22.24
C VAL A 76 -8.35 -6.25 -21.84
N VAL A 77 -8.05 -4.98 -21.65
CA VAL A 77 -9.06 -3.99 -21.27
C VAL A 77 -9.41 -3.11 -22.49
N ILE A 78 -10.68 -3.16 -22.93
CA ILE A 78 -11.16 -2.42 -24.09
C ILE A 78 -11.85 -1.14 -23.69
N THR A 79 -11.17 -0.03 -23.86
CA THR A 79 -11.79 1.25 -23.58
C THR A 79 -11.97 2.02 -24.88
N ALA A 80 -11.48 1.52 -25.99
CA ALA A 80 -11.68 2.15 -27.29
C ALA A 80 -13.09 2.41 -27.82
N GLY A 81 -13.21 3.61 -28.37
CA GLY A 81 -14.41 3.96 -29.10
C GLY A 81 -14.75 5.43 -29.04
N ALA A 82 -15.73 5.75 -29.89
CA ALA A 82 -16.34 7.08 -29.90
C ALA A 82 -17.36 7.32 -28.76
N LEU A 93 -23.94 5.84 -32.81
CA LEU A 93 -22.94 5.54 -31.75
C LEU A 93 -22.80 4.04 -31.45
N VAL A 94 -23.91 3.38 -31.13
CA VAL A 94 -23.97 1.93 -31.02
C VAL A 94 -23.31 1.33 -32.27
N ASN A 95 -23.78 1.71 -33.46
CA ASN A 95 -23.15 1.24 -34.69
C ASN A 95 -21.71 1.61 -34.88
N LYS A 96 -21.33 2.86 -34.53
CA LYS A 96 -19.92 3.11 -34.80
C LYS A 96 -19.06 2.37 -33.81
N ASN A 97 -19.46 2.27 -32.53
CA ASN A 97 -18.72 1.51 -31.55
C ASN A 97 -18.75 0.03 -31.77
N LEU A 98 -19.84 -0.56 -32.28
CA LEU A 98 -19.82 -1.98 -32.66
C LEU A 98 -18.84 -2.22 -33.77
N ASN A 99 -18.77 -1.27 -34.69
CA ASN A 99 -17.78 -1.33 -35.76
C ASN A 99 -16.34 -1.28 -35.28
N ILE A 100 -16.03 -0.33 -34.41
CA ILE A 100 -14.70 -0.22 -33.82
C ILE A 100 -14.41 -1.52 -33.05
N LEU A 101 -15.35 -2.00 -32.24
CA LEU A 101 -15.16 -3.22 -31.49
C LEU A 101 -14.87 -4.43 -32.36
N SER A 102 -15.61 -4.58 -33.46
CA SER A 102 -15.34 -5.73 -34.29
C SER A 102 -13.97 -5.68 -34.92
N SER A 103 -13.40 -4.49 -35.08
CA SER A 103 -12.04 -4.38 -35.58
C SER A 103 -11.00 -4.71 -34.50
N ILE A 104 -11.34 -4.57 -33.22
CA ILE A 104 -10.45 -4.92 -32.11
C ILE A 104 -10.45 -6.39 -31.70
N VAL A 105 -11.63 -6.95 -31.42
CA VAL A 105 -11.73 -8.31 -30.90
C VAL A 105 -11.17 -9.42 -31.79
N LYS A 106 -11.44 -9.39 -33.10
CA LYS A 106 -10.93 -10.46 -33.93
C LYS A 106 -9.40 -10.56 -33.97
N PRO A 107 -8.59 -9.53 -34.23
CA PRO A 107 -7.15 -9.63 -34.10
C PRO A 107 -6.69 -9.92 -32.67
N VAL A 108 -7.31 -9.38 -31.59
CA VAL A 108 -6.94 -9.79 -30.24
C VAL A 108 -7.11 -11.30 -30.08
N VAL A 109 -8.22 -11.93 -30.49
CA VAL A 109 -8.35 -13.39 -30.35
C VAL A 109 -7.42 -14.14 -31.29
N ASP A 110 -7.20 -13.65 -32.51
CA ASP A 110 -6.27 -14.29 -33.44
C ASP A 110 -4.84 -14.24 -32.97
N SER A 111 -4.47 -13.35 -32.04
CA SER A 111 -3.11 -13.35 -31.48
C SER A 111 -2.86 -14.57 -30.64
N GLY A 112 -3.90 -15.32 -30.28
CA GLY A 112 -3.76 -16.47 -29.41
C GLY A 112 -4.13 -16.06 -27.99
N PHE A 113 -4.48 -14.82 -27.70
CA PHE A 113 -4.95 -14.44 -26.38
C PHE A 113 -6.08 -15.34 -25.83
N ASP A 114 -5.91 -15.81 -24.59
CA ASP A 114 -7.00 -16.48 -23.88
C ASP A 114 -7.14 -16.15 -22.40
N GLY A 115 -6.94 -14.90 -22.06
CA GLY A 115 -7.17 -14.45 -20.73
C GLY A 115 -8.56 -13.88 -20.61
N ILE A 116 -8.69 -12.80 -19.86
CA ILE A 116 -10.00 -12.20 -19.66
C ILE A 116 -10.14 -10.84 -20.35
N PHE A 117 -11.32 -10.63 -20.93
CA PHE A 117 -11.67 -9.30 -21.41
C PHE A 117 -12.35 -8.46 -20.36
N LEU A 118 -11.88 -7.24 -20.15
CA LEU A 118 -12.61 -6.30 -19.33
C LEU A 118 -13.11 -5.16 -20.27
N VAL A 119 -14.41 -4.95 -20.42
CA VAL A 119 -14.93 -4.00 -21.40
C VAL A 119 -15.53 -2.78 -20.75
N ALA A 120 -14.99 -1.64 -21.16
CA ALA A 120 -15.48 -0.41 -20.60
C ALA A 120 -15.92 0.58 -21.67
N ALA A 121 -15.72 0.29 -22.95
CA ALA A 121 -16.15 1.20 -24.04
C ALA A 121 -17.67 1.45 -24.09
N ASN A 122 -18.15 2.67 -24.23
CA ASN A 122 -19.59 2.87 -24.28
C ASN A 122 -20.34 2.68 -25.60
N PRO A 123 -21.61 2.27 -25.63
CA PRO A 123 -22.40 1.89 -24.43
C PRO A 123 -21.98 0.51 -23.87
N VAL A 124 -21.56 0.51 -22.60
CA VAL A 124 -20.83 -0.64 -22.09
C VAL A 124 -21.57 -1.98 -22.04
N ASP A 125 -22.85 -2.06 -21.68
CA ASP A 125 -23.57 -3.31 -21.67
C ASP A 125 -23.73 -3.98 -23.01
N ILE A 126 -24.02 -3.16 -24.02
CA ILE A 126 -24.10 -3.61 -25.42
C ILE A 126 -22.73 -4.04 -25.93
N LEU A 127 -21.69 -3.23 -25.71
CA LEU A 127 -20.40 -3.66 -26.19
C LEU A 127 -19.79 -4.82 -25.42
N THR A 128 -20.18 -5.00 -24.15
CA THR A 128 -19.70 -6.16 -23.40
C THR A 128 -20.35 -7.40 -24.01
N TYR A 129 -21.68 -7.38 -24.26
CA TYR A 129 -22.28 -8.56 -24.88
C TYR A 129 -21.68 -8.81 -26.26
N ALA A 130 -21.44 -7.77 -27.03
CA ALA A 130 -20.86 -7.98 -28.36
C ALA A 130 -19.44 -8.49 -28.26
N THR A 131 -18.64 -8.08 -27.28
CA THR A 131 -17.27 -8.65 -27.09
C THR A 131 -17.39 -10.15 -26.79
N TRP A 132 -18.39 -10.56 -25.98
CA TRP A 132 -18.61 -11.99 -25.73
C TRP A 132 -18.95 -12.74 -27.02
N LYS A 133 -19.91 -12.18 -27.76
CA LYS A 133 -20.35 -12.74 -29.03
C LYS A 133 -19.22 -12.78 -30.04
N PHE A 134 -18.46 -11.70 -30.27
CA PHE A 134 -17.39 -11.68 -31.27
C PHE A 134 -16.19 -12.51 -30.90
N SER A 135 -15.85 -12.58 -29.60
CA SER A 135 -14.68 -13.37 -29.18
C SER A 135 -14.92 -14.88 -29.10
N GLY A 136 -16.15 -15.25 -28.80
CA GLY A 136 -16.41 -16.68 -28.64
C GLY A 136 -15.90 -17.18 -27.28
N PHE A 137 -15.49 -16.29 -26.39
CA PHE A 137 -15.03 -16.67 -25.08
C PHE A 137 -16.16 -17.12 -24.19
N PRO A 138 -15.91 -17.90 -23.14
CA PRO A 138 -16.87 -18.15 -22.08
C PRO A 138 -17.39 -16.87 -21.45
N LYS A 139 -18.67 -16.82 -21.06
CA LYS A 139 -19.24 -15.63 -20.42
C LYS A 139 -18.47 -15.08 -19.23
N GLU A 140 -17.83 -15.99 -18.47
CA GLU A 140 -17.11 -15.59 -17.27
C GLU A 140 -15.78 -14.95 -17.58
N ARG A 141 -15.24 -15.18 -18.77
CA ARG A 141 -14.03 -14.53 -19.20
C ARG A 141 -14.26 -13.19 -19.97
N VAL A 142 -15.50 -12.68 -19.97
CA VAL A 142 -15.81 -11.38 -20.58
C VAL A 142 -16.61 -10.62 -19.53
N ILE A 143 -15.99 -9.59 -18.94
CA ILE A 143 -16.60 -8.86 -17.85
C ILE A 143 -16.75 -7.41 -18.28
N GLY A 144 -17.91 -6.79 -18.06
CA GLY A 144 -18.03 -5.40 -18.39
C GLY A 144 -17.99 -4.51 -17.18
N SER A 145 -17.74 -3.22 -17.35
CA SER A 145 -17.73 -2.34 -16.19
C SER A 145 -19.10 -2.10 -15.66
N GLY A 146 -20.13 -2.45 -16.43
CA GLY A 146 -21.53 -2.32 -16.00
C GLY A 146 -21.86 -1.03 -15.24
N THR A 147 -22.46 -1.08 -14.07
CA THR A 147 -22.74 0.11 -13.26
C THR A 147 -21.71 0.40 -12.17
N SER A 148 -20.48 -0.09 -12.31
CA SER A 148 -19.45 0.20 -11.31
C SER A 148 -19.13 1.68 -11.10
N LEU A 149 -19.01 2.44 -12.19
CA LEU A 149 -18.81 3.88 -12.04
C LEU A 149 -19.97 4.60 -11.37
N ASP A 150 -21.19 4.38 -11.83
CA ASP A 150 -22.29 5.09 -11.21
C ASP A 150 -22.64 4.62 -9.81
N SER A 151 -22.43 3.32 -9.51
CA SER A 151 -22.49 2.84 -8.13
C SER A 151 -21.48 3.56 -7.25
N SER A 152 -20.25 3.77 -7.72
CA SER A 152 -19.30 4.58 -6.95
C SER A 152 -19.80 5.99 -6.70
N ARG A 153 -20.37 6.62 -7.76
CA ARG A 153 -20.92 7.97 -7.59
C ARG A 153 -22.08 7.97 -6.60
N LEU A 154 -22.97 6.95 -6.63
CA LEU A 154 -23.99 6.81 -5.55
C LEU A 154 -23.37 6.69 -4.15
N ARG A 155 -22.35 5.82 -3.99
CA ARG A 155 -21.61 5.66 -2.73
C ARG A 155 -20.98 6.96 -2.24
N VAL A 156 -20.33 7.70 -3.16
CA VAL A 156 -19.79 9.02 -2.80
C VAL A 156 -20.86 10.02 -2.34
N ALA A 157 -21.99 10.02 -3.05
CA ALA A 157 -23.11 10.92 -2.69
C ALA A 157 -23.82 10.54 -1.39
N LEU A 158 -24.12 9.25 -1.16
CA LEU A 158 -24.66 8.81 0.12
C LEU A 158 -23.67 9.03 1.26
N GLY A 159 -22.39 8.80 0.96
CA GLY A 159 -21.33 9.02 1.92
C GLY A 159 -21.23 10.46 2.38
N LYS A 160 -21.39 11.33 1.39
CA LYS A 160 -21.39 12.77 1.67
C LYS A 160 -22.62 13.22 2.46
N GLN A 161 -23.77 12.72 2.07
CA GLN A 161 -25.04 12.99 2.77
C GLN A 161 -25.02 12.53 4.23
N PHE A 162 -24.51 11.33 4.44
CA PHE A 162 -24.50 10.75 5.77
C PHE A 162 -23.17 10.74 6.51
N ASN A 163 -22.15 11.48 6.05
CA ASN A 163 -20.87 11.60 6.76
C ASN A 163 -20.17 10.28 7.10
N VAL A 164 -20.15 9.46 6.07
CA VAL A 164 -19.60 8.13 6.08
C VAL A 164 -18.64 8.02 4.91
N ASP A 165 -17.60 7.25 5.12
CA ASP A 165 -16.72 6.83 4.06
C ASP A 165 -17.50 6.14 2.91
N PRO A 166 -17.37 6.51 1.63
CA PRO A 166 -18.03 5.87 0.53
C PRO A 166 -17.82 4.37 0.49
N ARG A 167 -16.66 3.88 0.95
CA ARG A 167 -16.41 2.42 0.96
C ARG A 167 -17.29 1.68 1.97
N SER A 168 -17.83 2.37 2.98
CA SER A 168 -18.80 1.75 3.91
C SER A 168 -20.27 1.89 3.47
N VAL A 169 -20.55 2.35 2.25
CA VAL A 169 -21.94 2.51 1.80
C VAL A 169 -22.18 1.33 0.93
N ASP A 170 -23.06 0.43 1.30
CA ASP A 170 -23.28 -0.73 0.43
C ASP A 170 -24.49 -0.45 -0.45
N ALA A 171 -24.20 0.08 -1.63
CA ALA A 171 -25.25 0.57 -2.51
C ALA A 171 -24.91 0.42 -3.97
N TYR A 172 -25.89 0.09 -4.78
CA TYR A 172 -25.73 -0.14 -6.20
C TYR A 172 -26.66 0.70 -7.06
N ILE A 173 -26.13 1.13 -8.21
CA ILE A 173 -26.96 1.69 -9.26
C ILE A 173 -27.34 0.51 -10.15
N MET A 174 -28.60 0.34 -10.44
CA MET A 174 -29.07 -0.71 -11.32
C MET A 174 -29.75 -0.21 -12.61
N GLY A 175 -30.06 -1.08 -13.55
CA GLY A 175 -30.57 -0.69 -14.82
C GLY A 175 -29.45 -0.46 -15.84
N GLU A 176 -29.81 -0.15 -17.08
CA GLU A 176 -28.80 0.12 -18.09
C GLU A 176 -28.36 1.54 -17.94
N HIS A 177 -27.04 1.50 -17.78
CA HIS A 177 -26.13 2.60 -17.51
C HIS A 177 -26.38 3.99 -18.14
N GLY A 178 -27.54 4.59 -17.89
CA GLY A 178 -27.81 5.95 -18.34
C GLY A 178 -29.27 6.33 -18.35
N ASP A 179 -29.73 7.34 -17.61
CA ASP A 179 -31.12 7.83 -17.62
C ASP A 179 -32.28 6.88 -17.24
N SER A 180 -32.33 5.64 -17.72
CA SER A 180 -33.27 4.64 -17.22
C SER A 180 -32.75 3.91 -15.95
N GLU A 181 -31.49 4.18 -15.55
CA GLU A 181 -30.89 3.62 -14.35
C GLU A 181 -31.40 4.21 -13.06
N PHE A 182 -31.33 3.48 -11.96
CA PHE A 182 -31.82 3.97 -10.67
C PHE A 182 -30.94 3.49 -9.52
N ALA A 183 -31.00 4.19 -8.41
CA ALA A 183 -30.45 3.78 -7.15
C ALA A 183 -31.23 2.60 -6.57
N ALA A 184 -30.64 1.40 -6.39
CA ALA A 184 -31.40 0.34 -5.75
C ALA A 184 -31.45 0.54 -4.23
N TYR A 185 -32.15 1.56 -3.77
CA TYR A 185 -32.23 1.92 -2.36
C TYR A 185 -32.80 0.83 -1.48
N SER A 186 -33.63 -0.06 -2.03
CA SER A 186 -34.25 -1.06 -1.15
C SER A 186 -33.22 -2.07 -0.69
N THR A 187 -32.13 -2.29 -1.45
CA THR A 187 -31.09 -3.21 -1.03
C THR A 187 -29.84 -2.49 -0.59
N ALA A 188 -29.92 -1.18 -0.36
CA ALA A 188 -28.78 -0.41 0.10
C ALA A 188 -28.73 -0.17 1.59
N THR A 189 -27.50 -0.28 2.13
CA THR A 189 -27.29 -0.18 3.57
C THR A 189 -26.01 0.52 4.00
N ILE A 190 -26.03 1.05 5.21
CA ILE A 190 -24.84 1.61 5.81
C ILE A 190 -24.77 1.01 7.22
N GLY A 191 -23.74 0.22 7.54
CA GLY A 191 -23.64 -0.44 8.86
C GLY A 191 -24.78 -1.43 9.08
N THR A 192 -25.18 -2.12 8.00
CA THR A 192 -26.33 -3.03 7.85
C THR A 192 -27.68 -2.34 7.98
N ARG A 193 -27.79 -1.07 8.32
CA ARG A 193 -29.09 -0.39 8.41
C ARG A 193 -29.53 0.10 7.03
N PRO A 194 -30.78 -0.14 6.58
CA PRO A 194 -31.31 0.39 5.32
C PRO A 194 -31.12 1.89 5.12
N VAL A 195 -30.59 2.30 3.96
CA VAL A 195 -30.40 3.72 3.66
C VAL A 195 -31.67 4.55 3.82
N ARG A 196 -32.86 4.02 3.47
CA ARG A 196 -34.07 4.78 3.70
C ARG A 196 -34.36 5.02 5.16
N ASP A 197 -34.04 4.06 6.04
CA ASP A 197 -34.20 4.29 7.49
C ASP A 197 -33.21 5.29 8.04
N VAL A 198 -31.93 5.17 7.65
CA VAL A 198 -30.94 6.17 8.04
C VAL A 198 -31.40 7.55 7.59
N ALA A 199 -31.94 7.61 6.35
CA ALA A 199 -32.42 8.85 5.77
C ALA A 199 -33.53 9.41 6.63
N LYS A 200 -34.58 8.62 6.91
CA LYS A 200 -35.65 9.07 7.81
C LYS A 200 -35.16 9.60 9.14
N GLU A 201 -34.35 8.78 9.81
CA GLU A 201 -33.74 9.11 11.09
C GLU A 201 -32.98 10.40 11.13
N GLN A 202 -32.54 10.79 9.96
CA GLN A 202 -31.78 12.03 9.91
C GLN A 202 -32.46 13.19 9.19
N GLY A 203 -33.75 13.10 8.91
CA GLY A 203 -34.45 14.19 8.25
C GLY A 203 -34.23 14.26 6.74
N VAL A 204 -33.76 13.19 6.10
CA VAL A 204 -33.59 13.17 4.65
C VAL A 204 -34.76 12.41 4.10
N SER A 205 -35.59 13.17 3.38
CA SER A 205 -36.81 12.63 2.80
C SER A 205 -36.61 11.76 1.57
N ASP A 206 -37.60 10.94 1.19
CA ASP A 206 -37.49 10.20 -0.07
C ASP A 206 -37.32 11.08 -1.31
N ASP A 207 -37.85 12.31 -1.24
CA ASP A 207 -37.62 13.31 -2.29
C ASP A 207 -36.16 13.70 -2.35
N ASP A 208 -35.56 13.95 -1.19
CA ASP A 208 -34.14 14.22 -1.10
C ASP A 208 -33.30 13.09 -1.68
N LEU A 209 -33.71 11.85 -1.41
CA LEU A 209 -33.02 10.70 -2.00
C LEU A 209 -33.23 10.61 -3.49
N ALA A 210 -34.39 11.03 -3.96
CA ALA A 210 -34.65 11.06 -5.41
C ALA A 210 -33.78 12.14 -6.09
N LYS A 211 -33.62 13.32 -5.51
CA LYS A 211 -32.70 14.34 -6.01
C LYS A 211 -31.25 13.86 -5.99
N LEU A 212 -30.88 13.14 -4.93
CA LEU A 212 -29.55 12.59 -4.82
C LEU A 212 -29.27 11.60 -5.95
N GLU A 213 -30.25 10.74 -6.22
CA GLU A 213 -30.17 9.78 -7.32
C GLU A 213 -30.08 10.49 -8.67
N ASP A 214 -30.81 11.60 -8.80
CA ASP A 214 -30.71 12.43 -9.98
C ASP A 214 -29.35 13.02 -10.20
N GLY A 215 -28.73 13.54 -9.11
CA GLY A 215 -27.35 14.01 -9.18
C GLY A 215 -26.42 12.96 -9.73
N VAL A 216 -26.52 11.74 -9.21
CA VAL A 216 -25.69 10.64 -9.70
C VAL A 216 -25.91 10.40 -11.18
N ARG A 217 -27.17 10.38 -11.59
CA ARG A 217 -27.50 10.10 -12.98
C ARG A 217 -27.01 11.19 -13.94
N ASN A 218 -26.99 12.42 -13.45
CA ASN A 218 -26.52 13.56 -14.20
C ASN A 218 -25.06 13.88 -13.99
N LYS A 219 -24.34 13.18 -13.12
CA LYS A 219 -22.95 13.57 -12.83
C LYS A 219 -22.02 13.54 -14.04
N ALA A 220 -22.12 12.57 -14.95
CA ALA A 220 -21.23 12.57 -16.08
C ALA A 220 -21.42 13.82 -16.94
N TYR A 221 -22.71 14.13 -17.18
CA TYR A 221 -23.10 15.32 -17.90
C TYR A 221 -22.58 16.60 -17.22
N ASP A 222 -22.75 16.71 -15.90
CA ASP A 222 -22.22 17.89 -15.23
C ASP A 222 -20.71 18.02 -15.24
N ILE A 223 -19.96 16.93 -15.13
CA ILE A 223 -18.50 17.01 -15.18
C ILE A 223 -18.11 17.41 -16.62
N ILE A 224 -18.69 16.79 -17.66
CA ILE A 224 -18.38 17.16 -19.02
C ILE A 224 -18.70 18.65 -19.23
N ASN A 225 -19.81 19.18 -18.73
CA ASN A 225 -20.06 20.63 -18.80
C ASN A 225 -19.05 21.53 -18.09
N LEU A 226 -18.47 21.05 -17.01
CA LEU A 226 -17.54 21.87 -16.26
C LEU A 226 -16.09 21.79 -16.71
N LYS A 227 -15.65 20.62 -17.15
CA LYS A 227 -14.27 20.48 -17.54
C LYS A 227 -14.07 19.71 -18.82
N GLY A 228 -15.13 19.31 -19.51
CA GLY A 228 -15.01 18.72 -20.85
C GLY A 228 -15.01 17.22 -20.97
N ALA A 229 -14.63 16.51 -19.92
CA ALA A 229 -14.53 15.07 -20.01
C ALA A 229 -14.52 14.46 -18.61
N THR A 230 -14.91 13.21 -18.45
CA THR A 230 -14.91 12.55 -17.17
C THR A 230 -14.28 11.17 -17.34
N PHE A 231 -13.21 10.97 -16.55
CA PHE A 231 -12.44 9.73 -16.61
C PHE A 231 -11.82 9.19 -15.31
N TYR A 232 -11.73 9.94 -14.20
CA TYR A 232 -11.05 9.42 -13.03
C TYR A 232 -11.78 8.30 -12.33
N GLY A 233 -13.09 8.44 -12.23
CA GLY A 233 -13.90 7.41 -11.60
C GLY A 233 -13.86 6.07 -12.33
N ILE A 234 -13.91 6.03 -13.66
CA ILE A 234 -13.89 4.76 -14.34
C ILE A 234 -12.47 4.24 -14.46
N GLY A 235 -11.44 5.08 -14.51
CA GLY A 235 -10.07 4.61 -14.48
C GLY A 235 -9.84 3.84 -13.17
N THR A 236 -10.29 4.40 -12.06
CA THR A 236 -10.23 3.73 -10.75
C THR A 236 -11.07 2.45 -10.72
N ALA A 237 -12.34 2.47 -11.15
CA ALA A 237 -13.16 1.27 -11.18
C ALA A 237 -12.55 0.15 -12.00
N LEU A 238 -11.99 0.48 -13.13
CA LEU A 238 -11.33 -0.52 -13.93
C LEU A 238 -10.07 -1.09 -13.24
N MET A 239 -9.34 -0.27 -12.48
CA MET A 239 -8.20 -0.75 -11.69
C MET A 239 -8.71 -1.71 -10.58
N ARG A 240 -9.80 -1.41 -9.90
CA ARG A 240 -10.36 -2.24 -8.86
C ARG A 240 -10.83 -3.57 -9.41
N ILE A 241 -11.50 -3.60 -10.55
CA ILE A 241 -11.89 -4.91 -11.12
C ILE A 241 -10.66 -5.66 -11.56
N SER A 242 -9.66 -4.99 -12.14
CA SER A 242 -8.42 -5.64 -12.58
C SER A 242 -7.68 -6.26 -11.37
N LYS A 243 -7.68 -5.56 -10.23
CA LYS A 243 -7.09 -6.05 -9.00
C LYS A 243 -7.82 -7.31 -8.52
N ALA A 244 -9.16 -7.31 -8.43
CA ALA A 244 -9.88 -8.50 -8.07
C ALA A 244 -9.57 -9.70 -8.95
N ILE A 245 -9.33 -9.49 -10.23
CA ILE A 245 -8.95 -10.57 -11.12
C ILE A 245 -7.52 -11.04 -10.94
N LEU A 246 -6.59 -10.10 -10.94
CA LEU A 246 -5.18 -10.46 -10.92
C LEU A 246 -4.62 -10.88 -9.58
N ARG A 247 -5.25 -10.43 -8.49
CA ARG A 247 -4.95 -10.91 -7.15
C ARG A 247 -5.96 -11.95 -6.67
N ASP A 248 -6.63 -12.64 -7.59
CA ASP A 248 -7.67 -13.64 -7.36
C ASP A 248 -8.49 -13.44 -6.11
N GLU A 249 -9.10 -12.29 -5.93
CA GLU A 249 -9.74 -12.03 -4.68
C GLU A 249 -11.11 -12.59 -4.37
N ASN A 250 -11.89 -13.02 -5.38
CA ASN A 250 -13.30 -13.31 -5.19
C ASN A 250 -14.05 -12.20 -4.44
N ALA A 251 -13.74 -10.98 -4.87
CA ALA A 251 -14.32 -9.79 -4.27
C ALA A 251 -15.70 -9.50 -4.88
N VAL A 252 -16.66 -9.00 -4.10
CA VAL A 252 -17.94 -8.62 -4.67
C VAL A 252 -17.91 -7.18 -5.25
N LEU A 253 -18.08 -7.10 -6.56
CA LEU A 253 -18.02 -5.81 -7.24
C LEU A 253 -19.24 -5.54 -8.11
N PRO A 254 -19.62 -4.29 -8.38
CA PRO A 254 -20.58 -3.98 -9.44
C PRO A 254 -19.98 -4.27 -10.82
N VAL A 255 -20.36 -5.30 -11.57
CA VAL A 255 -19.83 -5.44 -12.92
C VAL A 255 -20.98 -5.71 -13.89
N GLY A 256 -20.66 -5.84 -15.17
CA GLY A 256 -21.66 -6.24 -16.13
C GLY A 256 -21.49 -7.73 -16.36
N ALA A 257 -22.54 -8.49 -16.20
CA ALA A 257 -22.47 -9.95 -16.35
C ALA A 257 -23.62 -10.48 -17.22
N TYR A 258 -23.46 -11.65 -17.81
CA TYR A 258 -24.48 -12.27 -18.62
C TYR A 258 -25.67 -12.80 -17.80
N MET A 259 -26.87 -12.30 -18.08
CA MET A 259 -28.05 -12.74 -17.39
C MET A 259 -28.58 -14.04 -17.93
N ASP A 260 -28.68 -14.92 -16.96
CA ASP A 260 -29.18 -16.26 -17.17
C ASP A 260 -30.35 -16.58 -16.27
N GLY A 261 -31.31 -15.69 -16.24
CA GLY A 261 -32.46 -15.90 -15.41
C GLY A 261 -32.52 -14.88 -14.30
N GLN A 262 -31.39 -14.39 -13.84
CA GLN A 262 -31.38 -13.43 -12.74
C GLN A 262 -32.17 -12.16 -13.06
N TYR A 263 -32.90 -11.63 -12.08
CA TYR A 263 -33.80 -10.48 -12.23
C TYR A 263 -34.92 -10.70 -13.26
N GLY A 264 -35.10 -11.94 -13.73
CA GLY A 264 -36.06 -12.24 -14.78
C GLY A 264 -35.54 -11.87 -16.14
N LEU A 265 -34.22 -11.82 -16.29
CA LEU A 265 -33.59 -11.40 -17.53
C LEU A 265 -32.87 -12.55 -18.15
N ASN A 266 -32.74 -12.58 -19.46
CA ASN A 266 -32.00 -13.63 -20.10
C ASN A 266 -31.30 -13.08 -21.30
N ASP A 267 -30.10 -13.53 -21.54
CA ASP A 267 -29.42 -13.17 -22.76
C ASP A 267 -29.15 -11.69 -23.14
N ILE A 268 -28.68 -10.96 -22.14
CA ILE A 268 -28.11 -9.62 -22.20
C ILE A 268 -27.00 -9.53 -21.16
N TYR A 269 -25.98 -8.69 -21.28
CA TYR A 269 -25.11 -8.34 -20.18
C TYR A 269 -25.70 -7.11 -19.51
N ILE A 270 -25.75 -7.11 -18.20
CA ILE A 270 -26.18 -5.92 -17.48
C ILE A 270 -25.52 -5.81 -16.09
N GLY A 271 -25.56 -4.67 -15.44
CA GLY A 271 -24.94 -4.49 -14.13
C GLY A 271 -25.59 -5.30 -13.01
N THR A 272 -24.73 -5.96 -12.25
CA THR A 272 -25.13 -6.80 -11.09
C THR A 272 -24.03 -6.74 -10.03
N PRO A 273 -24.27 -6.94 -8.72
CA PRO A 273 -23.25 -7.50 -7.84
C PRO A 273 -22.75 -8.85 -8.37
N ALA A 274 -21.45 -9.08 -8.36
CA ALA A 274 -20.93 -10.37 -8.75
C ALA A 274 -19.60 -10.62 -8.04
N ILE A 275 -19.18 -11.88 -7.91
CA ILE A 275 -17.92 -12.22 -7.29
C ILE A 275 -16.89 -12.37 -8.40
N ILE A 276 -15.82 -11.59 -8.32
CA ILE A 276 -14.76 -11.58 -9.32
C ILE A 276 -13.43 -12.17 -8.83
N GLY A 277 -12.82 -13.06 -9.59
CA GLY A 277 -11.58 -13.63 -9.16
C GLY A 277 -10.67 -13.94 -10.32
N GLY A 278 -9.66 -14.75 -10.08
CA GLY A 278 -8.60 -15.03 -11.07
C GLY A 278 -8.99 -15.69 -12.35
N THR A 279 -10.15 -16.34 -12.37
CA THR A 279 -10.67 -16.99 -13.59
C THR A 279 -11.76 -16.13 -14.25
N GLY A 280 -12.05 -14.96 -13.69
CA GLY A 280 -13.03 -14.04 -14.23
C GLY A 280 -14.22 -13.92 -13.30
N LEU A 281 -15.42 -13.92 -13.85
CA LEU A 281 -16.58 -13.85 -13.00
C LEU A 281 -16.86 -15.21 -12.37
N LYS A 282 -16.85 -15.28 -11.03
CA LYS A 282 -17.08 -16.55 -10.34
C LYS A 282 -18.58 -16.81 -10.22
N GLN A 283 -19.34 -15.84 -9.78
CA GLN A 283 -20.78 -15.96 -9.79
C GLN A 283 -21.54 -14.63 -9.65
N ILE A 284 -22.72 -14.57 -10.25
CA ILE A 284 -23.56 -13.38 -10.17
C ILE A 284 -24.30 -13.40 -8.86
N ILE A 285 -24.47 -12.27 -8.18
CA ILE A 285 -25.31 -12.23 -7.00
C ILE A 285 -26.48 -11.30 -7.31
N GLU A 286 -27.66 -11.87 -7.29
CA GLU A 286 -28.88 -11.13 -7.57
C GLU A 286 -29.32 -10.30 -6.37
N SER A 287 -29.17 -8.98 -6.48
CA SER A 287 -29.64 -8.07 -5.44
C SER A 287 -31.15 -8.23 -5.25
N PRO A 288 -31.67 -8.49 -4.05
CA PRO A 288 -33.09 -8.76 -3.83
C PRO A 288 -33.94 -7.49 -3.95
N LEU A 289 -34.06 -6.99 -5.17
CA LEU A 289 -34.77 -5.73 -5.40
C LEU A 289 -36.22 -5.67 -4.99
N SER A 290 -36.72 -4.54 -4.50
CA SER A 290 -38.15 -4.38 -4.24
C SER A 290 -38.97 -4.58 -5.52
N ALA A 291 -40.29 -4.85 -5.48
CA ALA A 291 -41.05 -5.05 -6.71
C ALA A 291 -40.95 -3.83 -7.66
N ASP A 292 -41.00 -2.64 -7.12
CA ASP A 292 -40.83 -1.43 -7.92
C ASP A 292 -39.49 -1.33 -8.62
N GLU A 293 -38.41 -1.55 -7.86
CA GLU A 293 -37.06 -1.55 -8.41
C GLU A 293 -36.88 -2.65 -9.41
N LEU A 294 -37.47 -3.82 -9.21
CA LEU A 294 -37.33 -4.86 -10.21
C LEU A 294 -38.04 -4.52 -11.52
N LYS A 295 -39.17 -3.82 -11.43
CA LYS A 295 -39.90 -3.39 -12.63
C LYS A 295 -39.02 -2.41 -13.40
N LYS A 296 -38.46 -1.40 -12.72
CA LYS A 296 -37.53 -0.49 -13.40
C LYS A 296 -36.36 -1.21 -14.07
N MET A 297 -35.76 -2.17 -13.37
CA MET A 297 -34.66 -2.97 -13.92
C MET A 297 -35.09 -3.72 -15.16
N GLN A 298 -36.26 -4.37 -15.13
CA GLN A 298 -36.70 -5.13 -16.29
C GLN A 298 -37.12 -4.25 -17.45
N ASP A 299 -37.71 -3.09 -17.19
CA ASP A 299 -38.00 -2.12 -18.26
C ASP A 299 -36.75 -1.60 -18.93
N SER A 300 -35.80 -1.12 -18.13
CA SER A 300 -34.49 -0.69 -18.60
C SER A 300 -33.83 -1.79 -19.45
N ALA A 301 -33.83 -3.02 -18.94
CA ALA A 301 -33.28 -4.17 -19.65
C ALA A 301 -33.97 -4.48 -20.96
N ALA A 302 -35.28 -4.31 -20.96
CA ALA A 302 -36.08 -4.55 -22.18
C ALA A 302 -35.68 -3.64 -23.36
N THR A 303 -35.38 -2.36 -23.22
CA THR A 303 -34.89 -1.63 -24.39
C THR A 303 -33.53 -2.15 -24.90
N LEU A 304 -32.69 -2.54 -23.94
CA LEU A 304 -31.35 -3.07 -24.20
C LEU A 304 -31.25 -4.19 -25.22
N LYS A 305 -32.22 -5.06 -25.06
CA LYS A 305 -32.23 -6.24 -25.86
C LYS A 305 -32.57 -5.93 -27.30
N LYS A 306 -33.47 -4.95 -27.46
CA LYS A 306 -33.80 -4.45 -28.80
C LYS A 306 -32.63 -3.72 -29.44
N VAL A 307 -32.02 -2.78 -28.77
CA VAL A 307 -30.89 -2.04 -29.34
C VAL A 307 -29.67 -2.89 -29.65
N LEU A 308 -29.35 -3.79 -28.71
CA LEU A 308 -28.23 -4.72 -28.87
C LEU A 308 -28.42 -5.46 -30.18
N ASN A 309 -29.62 -6.05 -30.31
CA ASN A 309 -29.87 -6.89 -31.46
C ASN A 309 -30.02 -6.14 -32.76
N ASP A 310 -30.60 -4.94 -32.70
CA ASP A 310 -30.49 -4.07 -33.86
C ASP A 310 -29.03 -3.83 -34.24
N GLY A 311 -28.14 -3.51 -33.31
CA GLY A 311 -26.73 -3.30 -33.65
C GLY A 311 -26.00 -4.55 -34.13
N LEU A 312 -26.29 -5.71 -33.55
CA LEU A 312 -25.61 -6.90 -34.02
C LEU A 312 -26.10 -7.30 -35.40
N ALA A 313 -27.41 -7.22 -35.65
CA ALA A 313 -27.85 -7.50 -37.02
C ALA A 313 -27.40 -6.43 -38.01
N GLU A 314 -27.36 -5.17 -37.62
CA GLU A 314 -26.87 -4.11 -38.51
C GLU A 314 -25.45 -4.40 -38.98
N LEU A 315 -24.63 -4.77 -37.97
CA LEU A 315 -23.23 -5.15 -38.13
C LEU A 315 -22.96 -6.08 -39.30
N GLU A 316 -23.83 -7.07 -39.51
CA GLU A 316 -23.65 -7.95 -40.66
C GLU A 316 -24.45 -7.60 -41.94
N ASN A 317 -24.28 -6.34 -42.33
CA ASN A 317 -24.71 -5.69 -43.59
C ASN A 317 -24.32 -4.20 -43.65
N SER B 1 -5.15 20.70 10.10
CA SER B 1 -6.47 21.39 10.03
C SER B 1 -7.51 21.20 11.18
N MET B 2 -8.02 19.97 11.41
CA MET B 2 -8.90 19.56 12.54
C MET B 2 -8.42 18.13 12.94
N PRO B 3 -8.81 17.37 13.97
CA PRO B 3 -7.97 16.29 14.55
C PRO B 3 -7.63 15.15 13.60
N ASN B 4 -6.37 14.76 13.44
CA ASN B 4 -5.98 13.66 12.55
C ASN B 4 -6.38 13.80 11.08
N HIS B 5 -6.39 15.06 10.65
CA HIS B 5 -6.91 15.44 9.34
C HIS B 5 -5.99 16.43 8.64
N GLN B 6 -5.19 15.95 7.72
CA GLN B 6 -4.32 16.78 6.92
C GLN B 6 -5.00 17.39 5.64
N LYS B 7 -4.60 18.63 5.38
CA LYS B 7 -5.14 19.49 4.31
C LYS B 7 -4.12 20.02 3.32
N VAL B 8 -4.28 19.63 2.07
CA VAL B 8 -3.44 20.12 0.95
C VAL B 8 -4.24 21.05 0.03
N VAL B 9 -3.71 22.24 -0.31
CA VAL B 9 -4.30 23.08 -1.34
C VAL B 9 -3.45 23.07 -2.61
N LEU B 10 -4.06 22.61 -3.70
CA LEU B 10 -3.45 22.67 -5.01
C LEU B 10 -3.74 24.01 -5.73
N VAL B 11 -2.75 24.84 -6.05
CA VAL B 11 -2.99 26.01 -6.87
C VAL B 11 -2.48 25.71 -8.27
N GLY B 12 -3.38 25.59 -9.23
CA GLY B 12 -3.03 25.25 -10.60
C GLY B 12 -3.62 23.91 -10.99
N ASP B 13 -4.81 23.88 -11.56
CA ASP B 13 -5.44 22.64 -11.98
C ASP B 13 -5.26 22.21 -13.43
N GLY B 14 -4.10 22.38 -14.00
CA GLY B 14 -3.89 21.84 -15.33
C GLY B 14 -3.59 20.35 -15.30
N ALA B 15 -3.03 19.74 -16.36
CA ALA B 15 -2.73 18.32 -16.33
C ALA B 15 -1.74 17.86 -15.25
N VAL B 16 -0.76 18.68 -14.88
CA VAL B 16 0.20 18.36 -13.84
C VAL B 16 -0.51 18.32 -12.49
N GLY B 17 -1.12 19.43 -12.13
CA GLY B 17 -1.83 19.54 -10.88
C GLY B 17 -2.91 18.49 -10.69
N SER B 18 -3.62 18.22 -11.79
CA SER B 18 -4.66 17.23 -11.78
C SER B 18 -4.12 15.81 -11.67
N SER B 19 -3.03 15.43 -12.34
CA SER B 19 -2.56 14.06 -12.20
C SER B 19 -1.87 13.88 -10.83
N TYR B 20 -1.27 14.94 -10.28
CA TYR B 20 -0.88 14.96 -8.90
C TYR B 20 -2.03 14.64 -7.95
N ALA B 21 -3.16 15.30 -8.13
CA ALA B 21 -4.29 15.07 -7.27
C ALA B 21 -4.79 13.64 -7.38
N PHE B 22 -4.80 13.11 -8.59
CA PHE B 22 -5.24 11.73 -8.77
C PHE B 22 -4.27 10.76 -8.09
N ALA B 23 -2.95 10.95 -8.23
CA ALA B 23 -1.91 10.16 -7.56
C ALA B 23 -2.11 10.26 -6.05
N MET B 24 -2.39 11.42 -5.48
CA MET B 24 -2.64 11.56 -4.06
C MET B 24 -3.91 10.80 -3.63
N ALA B 25 -4.92 10.74 -4.48
CA ALA B 25 -6.12 9.96 -4.22
C ALA B 25 -5.82 8.47 -4.31
N GLN B 26 -5.09 7.97 -5.30
CA GLN B 26 -4.74 6.55 -5.34
C GLN B 26 -3.93 6.13 -4.12
N GLN B 27 -3.09 7.03 -3.58
CA GLN B 27 -2.19 6.73 -2.47
C GLN B 27 -2.75 6.99 -1.08
N GLY B 28 -3.94 7.60 -0.95
CA GLY B 28 -4.53 7.87 0.34
C GLY B 28 -3.72 8.83 1.18
N ILE B 29 -3.06 9.81 0.54
CA ILE B 29 -2.26 10.78 1.27
C ILE B 29 -3.07 12.04 1.38
N ALA B 30 -3.17 12.55 2.59
CA ALA B 30 -4.01 13.67 3.00
C ALA B 30 -5.52 13.38 2.96
N GLU B 31 -6.21 14.04 3.87
CA GLU B 31 -7.63 13.76 4.04
C GLU B 31 -8.53 14.81 3.41
N GLU B 32 -7.97 15.97 3.08
CA GLU B 32 -8.70 17.05 2.44
C GLU B 32 -7.80 17.70 1.38
N PHE B 33 -8.33 17.77 0.16
CA PHE B 33 -7.62 18.30 -0.97
C PHE B 33 -8.42 19.42 -1.67
N VAL B 34 -7.98 20.67 -1.55
CA VAL B 34 -8.64 21.82 -2.14
C VAL B 34 -8.01 22.17 -3.50
N ILE B 35 -8.81 22.33 -4.55
CA ILE B 35 -8.33 22.69 -5.89
C ILE B 35 -8.66 24.15 -6.21
N VAL B 36 -7.62 24.93 -6.35
CA VAL B 36 -7.71 26.35 -6.68
C VAL B 36 -7.11 26.68 -8.05
N ASP B 37 -7.92 27.36 -8.84
CA ASP B 37 -7.45 27.88 -10.11
C ASP B 37 -8.41 28.96 -10.55
N VAL B 38 -7.84 29.87 -11.33
CA VAL B 38 -8.58 30.97 -12.01
C VAL B 38 -9.75 30.47 -12.85
N VAL B 39 -9.55 29.31 -13.50
CA VAL B 39 -10.67 28.64 -14.16
C VAL B 39 -11.47 27.84 -13.11
N LYS B 40 -12.30 28.54 -12.34
CA LYS B 40 -13.14 27.95 -11.31
C LYS B 40 -14.03 26.77 -11.74
N ASP B 41 -14.71 26.83 -12.84
CA ASP B 41 -15.52 25.70 -13.24
C ASP B 41 -14.73 24.47 -13.51
N ARG B 42 -13.50 24.63 -13.98
CA ARG B 42 -12.59 23.50 -14.23
C ARG B 42 -12.36 22.79 -12.92
N THR B 43 -12.15 23.59 -11.84
CA THR B 43 -11.84 23.05 -10.53
C THR B 43 -13.03 22.38 -9.91
N LYS B 44 -14.23 22.86 -10.22
CA LYS B 44 -15.42 22.15 -9.77
C LYS B 44 -15.65 20.85 -10.53
N GLY B 45 -15.36 20.81 -11.82
CA GLY B 45 -15.52 19.57 -12.55
C GLY B 45 -14.45 18.55 -12.16
N ASP B 46 -13.22 19.00 -11.88
CA ASP B 46 -12.16 18.05 -11.55
C ASP B 46 -12.35 17.47 -10.12
N ALA B 47 -12.80 18.27 -9.16
CA ALA B 47 -13.11 17.77 -7.85
C ALA B 47 -14.20 16.69 -7.90
N LEU B 48 -15.18 16.85 -8.77
CA LEU B 48 -16.24 15.86 -8.89
C LEU B 48 -15.76 14.59 -9.54
N ASP B 49 -14.86 14.70 -10.50
CA ASP B 49 -14.35 13.54 -11.16
C ASP B 49 -13.39 12.79 -10.24
N LEU B 50 -12.50 13.53 -9.58
CA LEU B 50 -11.53 12.99 -8.67
C LEU B 50 -12.18 12.30 -7.49
N GLU B 51 -13.19 12.93 -6.88
CA GLU B 51 -13.83 12.34 -5.71
C GLU B 51 -14.49 11.00 -5.97
N ASP B 52 -14.81 10.66 -7.23
CA ASP B 52 -15.30 9.35 -7.57
C ASP B 52 -14.29 8.21 -7.41
N ALA B 53 -12.99 8.55 -7.31
CA ALA B 53 -11.96 7.53 -7.03
C ALA B 53 -12.02 6.93 -5.62
N GLN B 54 -12.72 7.64 -4.72
CA GLN B 54 -12.83 7.27 -3.33
C GLN B 54 -13.51 5.96 -3.04
N ALA B 55 -14.50 5.55 -3.82
CA ALA B 55 -15.19 4.29 -3.48
C ALA B 55 -14.26 3.10 -3.47
N PHE B 56 -13.18 3.20 -4.27
CA PHE B 56 -12.23 2.11 -4.38
C PHE B 56 -10.81 2.45 -3.95
N THR B 57 -10.61 3.58 -3.32
CA THR B 57 -9.28 3.87 -2.86
C THR B 57 -9.38 4.27 -1.40
N ALA B 58 -9.38 5.52 -0.98
CA ALA B 58 -9.44 5.82 0.43
C ALA B 58 -10.26 7.09 0.55
N PRO B 59 -10.99 7.40 1.61
CA PRO B 59 -11.77 8.63 1.65
C PRO B 59 -10.90 9.88 1.68
N LYS B 60 -11.41 10.89 0.96
CA LYS B 60 -10.75 12.17 0.86
C LYS B 60 -11.79 13.24 0.56
N LYS B 61 -11.76 14.36 1.28
CA LYS B 61 -12.63 15.51 1.01
C LYS B 61 -12.04 16.38 -0.11
N ILE B 62 -12.48 16.18 -1.35
CA ILE B 62 -11.95 16.93 -2.47
C ILE B 62 -12.96 17.97 -2.95
N TYR B 63 -12.53 19.22 -3.00
CA TYR B 63 -13.40 20.25 -3.52
C TYR B 63 -12.69 21.44 -4.14
N SER B 64 -13.45 22.19 -4.94
CA SER B 64 -12.98 23.43 -5.57
C SER B 64 -12.93 24.58 -4.58
N GLY B 65 -11.85 25.35 -4.49
CA GLY B 65 -11.86 26.44 -3.52
C GLY B 65 -11.21 27.74 -4.05
N GLU B 66 -10.85 28.53 -3.06
CA GLU B 66 -10.18 29.82 -3.27
C GLU B 66 -8.95 29.96 -2.38
N TYR B 67 -8.13 31.01 -2.54
CA TYR B 67 -6.93 31.20 -1.75
C TYR B 67 -7.17 31.27 -0.26
N SER B 68 -8.34 31.73 0.15
CA SER B 68 -8.65 31.81 1.58
C SER B 68 -8.69 30.43 2.22
N ASP B 69 -8.96 29.39 1.40
CA ASP B 69 -8.93 28.03 1.92
C ASP B 69 -7.55 27.54 2.35
N CYS B 70 -6.51 28.31 2.03
CA CYS B 70 -5.18 27.98 2.48
C CYS B 70 -4.95 28.30 3.95
N LYS B 71 -5.84 29.01 4.61
CA LYS B 71 -5.66 29.41 6.00
C LYS B 71 -5.07 28.38 6.97
N ASP B 72 -5.67 27.19 6.94
CA ASP B 72 -5.20 26.13 7.83
C ASP B 72 -4.68 24.92 7.09
N ALA B 73 -4.22 25.14 5.88
CA ALA B 73 -3.65 24.08 5.09
C ALA B 73 -2.27 23.73 5.60
N ASP B 74 -1.86 22.50 5.40
CA ASP B 74 -0.55 22.01 5.81
C ASP B 74 0.44 22.15 4.67
N LEU B 75 -0.06 21.97 3.45
CA LEU B 75 0.77 22.05 2.24
C LEU B 75 0.05 22.78 1.10
N VAL B 76 0.71 23.73 0.45
CA VAL B 76 0.16 24.38 -0.75
C VAL B 76 1.10 23.99 -1.89
N VAL B 77 0.57 23.36 -2.92
CA VAL B 77 1.35 22.93 -4.07
C VAL B 77 1.04 23.86 -5.25
N ILE B 78 2.02 24.62 -5.72
CA ILE B 78 1.86 25.53 -6.84
C ILE B 78 2.31 24.91 -8.15
N THR B 79 1.34 24.53 -8.96
CA THR B 79 1.71 24.06 -10.29
C THR B 79 1.26 25.07 -11.33
N ALA B 80 0.54 26.14 -10.98
CA ALA B 80 0.12 27.15 -11.94
C ALA B 80 1.19 27.84 -12.78
N GLY B 81 1.00 27.87 -14.09
CA GLY B 81 1.95 28.52 -14.96
C GLY B 81 1.60 28.43 -16.45
N ALA B 82 2.06 29.39 -17.25
CA ALA B 82 1.84 29.41 -18.70
C ALA B 82 2.93 28.67 -19.44
N PRO B 83 2.67 28.02 -20.58
CA PRO B 83 3.70 27.29 -21.36
C PRO B 83 4.54 28.19 -22.24
N GLN B 84 5.71 27.77 -22.73
CA GLN B 84 6.50 28.68 -23.57
C GLN B 84 5.98 28.65 -25.00
N LYS B 85 5.37 29.72 -25.53
CA LYS B 85 4.89 29.70 -26.91
C LYS B 85 6.00 29.60 -27.99
N PRO B 86 5.78 29.06 -29.20
CA PRO B 86 6.62 29.35 -30.37
C PRO B 86 7.02 30.83 -30.57
N GLY B 87 8.31 31.05 -30.86
CA GLY B 87 8.83 32.39 -31.04
C GLY B 87 9.16 33.12 -29.75
N GLU B 88 8.53 32.71 -28.65
CA GLU B 88 8.80 33.27 -27.32
C GLU B 88 10.17 32.96 -26.71
N SER B 89 10.77 33.96 -26.07
CA SER B 89 12.01 33.71 -25.36
C SER B 89 11.89 33.12 -23.94
N ARG B 90 12.95 32.45 -23.48
CA ARG B 90 13.09 31.87 -22.15
C ARG B 90 12.82 32.91 -21.05
N LEU B 91 13.43 34.10 -21.18
CA LEU B 91 13.17 35.16 -20.24
C LEU B 91 11.70 35.56 -20.29
N ASP B 92 11.02 35.41 -21.42
CA ASP B 92 9.59 35.71 -21.34
C ASP B 92 8.73 34.64 -20.66
N LEU B 93 9.11 33.35 -20.70
CA LEU B 93 8.47 32.32 -19.84
C LEU B 93 8.60 32.71 -18.37
N VAL B 94 9.82 33.10 -18.03
CA VAL B 94 10.08 33.58 -16.70
C VAL B 94 9.20 34.76 -16.35
N ASN B 95 9.18 35.79 -17.23
CA ASN B 95 8.38 36.97 -17.00
C ASN B 95 6.90 36.69 -16.71
N LYS B 96 6.23 35.94 -17.58
CA LYS B 96 4.81 35.73 -17.31
C LYS B 96 4.53 34.86 -16.11
N ASN B 97 5.37 33.85 -15.88
CA ASN B 97 5.21 33.00 -14.71
C ASN B 97 5.55 33.70 -13.43
N LEU B 98 6.50 34.62 -13.38
CA LEU B 98 6.71 35.42 -12.18
C LEU B 98 5.50 36.29 -11.86
N ASN B 99 4.88 36.79 -12.93
CA ASN B 99 3.64 37.54 -12.79
C ASN B 99 2.48 36.74 -12.23
N ILE B 100 2.27 35.56 -12.81
CA ILE B 100 1.24 34.62 -12.29
C ILE B 100 1.57 34.27 -10.83
N LEU B 101 2.82 33.91 -10.54
CA LEU B 101 3.22 33.58 -9.18
C LEU B 101 2.97 34.69 -8.18
N SER B 102 3.26 35.92 -8.57
CA SER B 102 3.07 37.00 -7.59
C SER B 102 1.61 37.23 -7.31
N SER B 103 0.75 36.84 -8.23
CA SER B 103 -0.69 36.87 -7.98
C SER B 103 -1.20 35.74 -7.07
N ILE B 104 -0.45 34.64 -6.99
CA ILE B 104 -0.80 33.49 -6.14
C ILE B 104 -0.32 33.62 -4.71
N VAL B 105 0.99 33.84 -4.54
CA VAL B 105 1.63 33.84 -3.22
C VAL B 105 1.09 34.84 -2.21
N LYS B 106 0.86 36.09 -2.64
CA LYS B 106 0.39 37.08 -1.68
C LYS B 106 -0.97 36.77 -1.05
N PRO B 107 -2.03 36.46 -1.80
CA PRO B 107 -3.26 35.98 -1.19
C PRO B 107 -3.13 34.67 -0.41
N VAL B 108 -2.29 33.71 -0.86
CA VAL B 108 -2.07 32.49 -0.06
C VAL B 108 -1.51 32.86 1.30
N VAL B 109 -0.50 33.70 1.40
CA VAL B 109 0.05 34.11 2.69
C VAL B 109 -0.94 34.95 3.49
N ASP B 110 -1.65 35.87 2.84
CA ASP B 110 -2.65 36.68 3.54
C ASP B 110 -3.81 35.86 4.09
N SER B 111 -4.03 34.63 3.61
CA SER B 111 -5.08 33.79 4.21
C SER B 111 -4.72 33.36 5.63
N GLY B 112 -3.46 33.51 6.03
CA GLY B 112 -2.99 33.05 7.33
C GLY B 112 -2.24 31.72 7.16
N PHE B 113 -2.12 31.19 5.94
CA PHE B 113 -1.37 29.96 5.76
C PHE B 113 0.03 30.03 6.29
N ASP B 114 0.44 28.98 7.01
CA ASP B 114 1.82 28.83 7.42
C ASP B 114 2.35 27.41 7.42
N GLY B 115 1.96 26.65 6.43
CA GLY B 115 2.48 25.33 6.23
C GLY B 115 3.66 25.39 5.27
N ILE B 116 3.77 24.38 4.42
CA ILE B 116 4.86 24.33 3.47
C ILE B 116 4.41 24.57 2.04
N PHE B 117 5.24 25.31 1.28
CA PHE B 117 5.02 25.43 -0.15
C PHE B 117 5.79 24.38 -0.92
N LEU B 118 5.11 23.72 -1.82
CA LEU B 118 5.83 22.84 -2.73
C LEU B 118 5.66 23.44 -4.15
N VAL B 119 6.74 23.82 -4.85
CA VAL B 119 6.61 24.53 -6.10
C VAL B 119 7.08 23.68 -7.24
N ALA B 120 6.17 23.55 -8.21
CA ALA B 120 6.45 22.77 -9.38
C ALA B 120 6.24 23.57 -10.67
N ALA B 121 5.70 24.79 -10.64
CA ALA B 121 5.53 25.62 -11.84
C ALA B 121 6.82 25.91 -12.61
N ASN B 122 6.89 25.77 -13.91
CA ASN B 122 8.11 26.14 -14.61
C ASN B 122 8.39 27.59 -15.00
N PRO B 123 9.66 28.03 -15.11
CA PRO B 123 10.85 27.27 -14.72
C PRO B 123 11.02 27.14 -13.19
N VAL B 124 11.10 25.86 -12.77
CA VAL B 124 10.90 25.57 -11.33
C VAL B 124 11.91 26.11 -10.34
N ASP B 125 13.20 26.09 -10.67
CA ASP B 125 14.16 26.70 -9.74
C ASP B 125 14.03 28.20 -9.50
N ILE B 126 13.74 28.92 -10.61
CA ILE B 126 13.45 30.36 -10.53
C ILE B 126 12.19 30.62 -9.75
N LEU B 127 11.14 29.89 -10.09
CA LEU B 127 9.87 30.15 -9.39
C LEU B 127 9.84 29.68 -7.94
N THR B 128 10.69 28.67 -7.61
CA THR B 128 10.80 28.28 -6.18
C THR B 128 11.50 29.39 -5.43
N TYR B 129 12.60 29.96 -5.99
CA TYR B 129 13.28 31.06 -5.29
C TYR B 129 12.32 32.24 -5.14
N ALA B 130 11.56 32.54 -6.20
CA ALA B 130 10.63 33.63 -6.12
C ALA B 130 9.51 33.40 -5.14
N THR B 131 9.02 32.16 -5.02
CA THR B 131 8.02 31.84 -3.97
C THR B 131 8.62 32.07 -2.59
N TRP B 132 9.90 31.71 -2.36
CA TRP B 132 10.53 31.98 -1.07
C TRP B 132 10.58 33.51 -0.78
N LYS B 133 11.05 34.23 -1.81
CA LYS B 133 11.16 35.67 -1.77
C LYS B 133 9.84 36.34 -1.55
N PHE B 134 8.79 35.97 -2.31
CA PHE B 134 7.48 36.64 -2.17
C PHE B 134 6.75 36.29 -0.91
N SER B 135 6.89 35.05 -0.43
CA SER B 135 6.18 34.61 0.78
C SER B 135 6.80 35.10 2.06
N GLY B 136 8.13 35.24 2.06
CA GLY B 136 8.82 35.60 3.30
C GLY B 136 8.95 34.39 4.24
N PHE B 137 8.64 33.20 3.76
CA PHE B 137 8.73 31.98 4.55
C PHE B 137 10.17 31.58 4.79
N PRO B 138 10.51 30.80 5.84
CA PRO B 138 11.81 30.19 5.99
C PRO B 138 12.16 29.35 4.78
N LYS B 139 13.42 29.27 4.40
CA LYS B 139 13.84 28.46 3.25
C LYS B 139 13.41 26.98 3.28
N GLU B 140 13.34 26.44 4.49
CA GLU B 140 13.00 25.04 4.66
C GLU B 140 11.52 24.79 4.48
N ARG B 141 10.70 25.84 4.57
CA ARG B 141 9.29 25.73 4.30
C ARG B 141 8.88 26.05 2.85
N VAL B 142 9.87 26.20 1.97
CA VAL B 142 9.61 26.37 0.54
C VAL B 142 10.49 25.39 -0.20
N ILE B 143 9.88 24.40 -0.82
CA ILE B 143 10.60 23.29 -1.45
C ILE B 143 10.24 23.26 -2.92
N GLY B 144 11.19 23.14 -3.82
CA GLY B 144 10.80 23.01 -5.18
C GLY B 144 10.93 21.59 -5.71
N SER B 145 10.29 21.24 -6.82
CA SER B 145 10.49 19.91 -7.34
C SER B 145 11.88 19.72 -7.92
N GLY B 146 12.65 20.79 -8.15
CA GLY B 146 14.00 20.71 -8.68
C GLY B 146 14.20 19.67 -9.76
N THR B 147 15.20 18.80 -9.62
CA THR B 147 15.40 17.75 -10.62
C THR B 147 14.78 16.41 -10.30
N SER B 148 13.75 16.36 -9.47
CA SER B 148 13.07 15.10 -9.18
C SER B 148 12.47 14.37 -10.38
N LEU B 149 11.81 15.08 -11.28
CA LEU B 149 11.29 14.42 -12.47
C LEU B 149 12.40 13.88 -13.37
N ASP B 150 13.40 14.70 -13.66
CA ASP B 150 14.44 14.21 -14.55
C ASP B 150 15.34 13.13 -13.97
N SER B 151 15.59 13.22 -12.67
CA SER B 151 16.25 12.13 -11.93
C SER B 151 15.45 10.85 -12.01
N SER B 152 14.12 10.86 -11.87
CA SER B 152 13.30 9.67 -12.13
C SER B 152 13.46 9.17 -13.54
N ARG B 153 13.48 10.06 -14.55
CA ARG B 153 13.68 9.60 -15.94
C ARG B 153 15.08 9.00 -16.10
N LEU B 154 16.13 9.52 -15.47
CA LEU B 154 17.45 8.89 -15.51
C LEU B 154 17.41 7.50 -14.82
N ARG B 155 16.77 7.38 -13.64
CA ARG B 155 16.58 6.09 -12.99
C ARG B 155 15.86 5.07 -13.86
N VAL B 156 14.75 5.49 -14.52
CA VAL B 156 14.02 4.61 -15.45
C VAL B 156 14.89 4.13 -16.61
N ALA B 157 15.67 5.07 -17.16
CA ALA B 157 16.57 4.75 -18.27
C ALA B 157 17.75 3.86 -17.87
N LEU B 158 18.45 4.14 -16.78
CA LEU B 158 19.51 3.25 -16.29
C LEU B 158 18.93 1.89 -15.87
N GLY B 159 17.74 1.92 -15.28
CA GLY B 159 17.02 0.70 -14.90
C GLY B 159 16.73 -0.19 -16.11
N LYS B 160 16.35 0.48 -17.18
CA LYS B 160 16.05 -0.23 -18.40
C LYS B 160 17.29 -0.80 -19.09
N GLN B 161 18.35 -0.02 -19.12
CA GLN B 161 19.64 -0.42 -19.66
C GLN B 161 20.23 -1.60 -18.88
N PHE B 162 20.15 -1.53 -17.54
CA PHE B 162 20.76 -2.56 -16.72
C PHE B 162 19.83 -3.58 -16.08
N ASN B 163 18.56 -3.67 -16.54
CA ASN B 163 17.60 -4.67 -16.02
C ASN B 163 17.40 -4.73 -14.52
N VAL B 164 17.30 -3.52 -13.97
CA VAL B 164 17.12 -3.24 -12.57
C VAL B 164 15.86 -2.40 -12.39
N ASP B 165 15.19 -2.58 -11.29
CA ASP B 165 14.15 -1.71 -10.84
C ASP B 165 14.64 -0.24 -10.75
N PRO B 166 13.97 0.76 -11.32
CA PRO B 166 14.36 2.16 -11.22
C PRO B 166 14.56 2.61 -9.78
N ARG B 167 13.78 2.05 -8.83
CA ARG B 167 13.94 2.46 -7.43
C ARG B 167 15.28 2.00 -6.81
N SER B 168 15.94 1.01 -7.41
CA SER B 168 17.29 0.55 -7.00
C SER B 168 18.42 1.29 -7.73
N VAL B 169 18.18 2.32 -8.53
CA VAL B 169 19.23 3.05 -9.24
C VAL B 169 19.46 4.29 -8.45
N ASP B 170 20.60 4.46 -7.82
CA ASP B 170 20.80 5.67 -7.00
C ASP B 170 21.51 6.71 -7.87
N ALA B 171 20.72 7.50 -8.57
CA ALA B 171 21.25 8.45 -9.56
C ALA B 171 20.48 9.75 -9.63
N TYR B 172 21.20 10.83 -9.84
CA TYR B 172 20.62 12.16 -9.88
C TYR B 172 20.93 12.93 -11.16
N ILE B 173 19.95 13.66 -11.68
CA ILE B 173 20.21 14.67 -12.71
C ILE B 173 20.52 15.94 -11.91
N MET B 174 21.63 16.59 -12.28
CA MET B 174 22.01 17.84 -11.66
C MET B 174 22.05 19.04 -12.64
N GLY B 175 22.24 20.25 -12.15
CA GLY B 175 22.17 21.44 -12.96
C GLY B 175 20.75 21.99 -13.04
N GLU B 176 20.55 23.13 -13.71
CA GLU B 176 19.23 23.71 -13.84
C GLU B 176 18.52 22.98 -14.97
N HIS B 177 17.39 22.55 -14.44
CA HIS B 177 16.39 21.71 -15.08
C HIS B 177 16.05 21.89 -16.58
N GLY B 178 17.01 21.77 -17.47
CA GLY B 178 16.76 21.81 -18.90
C GLY B 178 17.99 22.07 -19.73
N ASP B 179 18.39 21.19 -20.66
CA ASP B 179 19.51 21.37 -21.58
C ASP B 179 20.93 21.63 -21.01
N SER B 180 21.13 22.48 -20.02
CA SER B 180 22.40 22.59 -19.29
C SER B 180 22.55 21.54 -18.18
N GLU B 181 21.48 20.77 -17.90
CA GLU B 181 21.51 19.72 -16.91
C GLU B 181 22.26 18.47 -17.35
N PHE B 182 22.75 17.69 -16.41
CA PHE B 182 23.51 16.49 -16.75
C PHE B 182 23.26 15.35 -15.73
N ALA B 183 23.49 14.14 -16.16
CA ALA B 183 23.53 12.97 -15.28
C ALA B 183 24.75 12.98 -14.37
N ALA B 184 24.60 13.10 -13.05
CA ALA B 184 25.74 13.04 -12.15
C ALA B 184 26.26 11.60 -12.02
N TYR B 185 26.80 11.04 -13.08
CA TYR B 185 27.26 9.68 -13.13
C TYR B 185 28.37 9.32 -12.14
N SER B 186 29.15 10.31 -11.73
CA SER B 186 30.25 10.01 -10.85
C SER B 186 29.74 9.64 -9.47
N THR B 187 28.55 10.10 -9.07
CA THR B 187 28.00 9.76 -7.78
C THR B 187 26.83 8.81 -7.90
N ALA B 188 26.68 8.21 -9.07
CA ALA B 188 25.60 7.28 -9.33
C ALA B 188 25.99 5.81 -9.15
N THR B 189 25.09 5.05 -8.48
CA THR B 189 25.34 3.62 -8.20
C THR B 189 24.14 2.70 -8.31
N ILE B 190 24.44 1.45 -8.58
CA ILE B 190 23.43 0.40 -8.52
C ILE B 190 24.00 -0.72 -7.61
N GLY B 191 23.40 -0.99 -6.46
CA GLY B 191 23.89 -2.00 -5.51
C GLY B 191 25.26 -1.62 -4.94
N THR B 192 25.41 -0.31 -4.69
CA THR B 192 26.65 0.40 -4.30
C THR B 192 27.78 0.39 -5.36
N ARG B 193 27.67 -0.31 -6.47
CA ARG B 193 28.68 -0.26 -7.50
C ARG B 193 28.47 0.95 -8.44
N PRO B 194 29.51 1.76 -8.77
CA PRO B 194 29.45 2.87 -9.74
C PRO B 194 28.81 2.54 -11.06
N VAL B 195 27.86 3.35 -11.51
CA VAL B 195 27.19 3.12 -12.80
C VAL B 195 28.18 3.00 -13.95
N ARG B 196 29.26 3.80 -13.95
CA ARG B 196 30.24 3.66 -15.01
C ARG B 196 30.93 2.30 -15.02
N ASP B 197 31.22 1.74 -13.83
CA ASP B 197 31.80 0.39 -13.77
C ASP B 197 30.82 -0.67 -14.21
N VAL B 198 29.56 -0.59 -13.76
CA VAL B 198 28.54 -1.53 -14.24
C VAL B 198 28.45 -1.46 -15.76
N ALA B 199 28.50 -0.22 -16.26
CA ALA B 199 28.43 0.04 -17.70
C ALA B 199 29.55 -0.64 -18.46
N LYS B 200 30.80 -0.27 -18.15
CA LYS B 200 31.98 -0.84 -18.79
C LYS B 200 31.91 -2.38 -18.78
N GLU B 201 31.74 -2.97 -17.57
CA GLU B 201 31.52 -4.41 -17.33
C GLU B 201 30.53 -5.08 -18.27
N GLN B 202 29.45 -4.36 -18.56
CA GLN B 202 28.42 -4.90 -19.42
C GLN B 202 28.50 -4.45 -20.88
N GLY B 203 29.60 -3.85 -21.31
CA GLY B 203 29.70 -3.41 -22.70
C GLY B 203 28.99 -2.10 -23.03
N VAL B 204 28.62 -1.30 -22.05
CA VAL B 204 27.98 -0.02 -22.28
C VAL B 204 29.05 1.03 -22.12
N SER B 205 29.35 1.64 -23.25
CA SER B 205 30.38 2.67 -23.31
C SER B 205 30.01 4.01 -22.73
N ASP B 206 31.00 4.85 -22.39
CA ASP B 206 30.66 6.23 -21.99
C ASP B 206 29.85 7.05 -23.01
N ASP B 207 30.03 6.72 -24.28
CA ASP B 207 29.22 7.30 -25.36
C ASP B 207 27.78 6.87 -25.24
N ASP B 208 27.58 5.57 -24.97
CA ASP B 208 26.24 5.05 -24.74
C ASP B 208 25.58 5.73 -23.55
N LEU B 209 26.38 6.02 -22.51
CA LEU B 209 25.86 6.71 -21.35
C LEU B 209 25.54 8.16 -21.65
N ALA B 210 26.34 8.75 -22.54
CA ALA B 210 26.06 10.11 -23.00
C ALA B 210 24.75 10.17 -23.81
N LYS B 211 24.50 9.24 -24.73
CA LYS B 211 23.24 9.14 -25.45
C LYS B 211 22.06 8.90 -24.51
N LEU B 212 22.27 8.10 -23.47
CA LEU B 212 21.24 7.82 -22.50
C LEU B 212 20.86 9.10 -21.78
N GLU B 213 21.86 9.85 -21.42
CA GLU B 213 21.68 11.13 -20.73
C GLU B 213 20.95 12.13 -21.64
N ASP B 214 21.25 12.05 -22.93
CA ASP B 214 20.57 12.86 -23.91
C ASP B 214 19.12 12.51 -24.03
N GLY B 215 18.81 11.22 -24.02
CA GLY B 215 17.42 10.77 -24.02
C GLY B 215 16.65 11.38 -22.84
N VAL B 216 17.23 11.32 -21.66
CA VAL B 216 16.61 11.90 -20.48
C VAL B 216 16.37 13.39 -20.64
N ARG B 217 17.35 14.09 -21.18
CA ARG B 217 17.27 15.55 -21.38
C ARG B 217 16.22 15.95 -22.41
N ASN B 218 16.02 15.11 -23.40
CA ASN B 218 15.04 15.34 -24.42
C ASN B 218 13.69 14.67 -24.17
N LYS B 219 13.54 13.91 -23.09
CA LYS B 219 12.30 13.14 -22.90
C LYS B 219 11.06 14.02 -22.85
N ALA B 220 11.10 15.16 -22.20
CA ALA B 220 9.88 16.01 -22.14
C ALA B 220 9.44 16.45 -23.54
N TYR B 221 10.45 16.89 -24.30
CA TYR B 221 10.26 17.26 -25.70
C TYR B 221 9.69 16.10 -26.52
N ASP B 222 10.25 14.89 -26.39
CA ASP B 222 9.71 13.77 -27.14
C ASP B 222 8.31 13.37 -26.76
N ILE B 223 7.95 13.43 -25.47
CA ILE B 223 6.60 13.07 -25.02
C ILE B 223 5.65 14.15 -25.57
N ILE B 224 6.00 15.44 -25.45
CA ILE B 224 5.15 16.49 -26.02
C ILE B 224 4.99 16.31 -27.54
N ASN B 225 6.02 16.00 -28.30
CA ASN B 225 5.83 15.63 -29.71
C ASN B 225 4.93 14.45 -30.01
N LEU B 226 4.86 13.46 -29.13
CA LEU B 226 4.09 12.28 -29.40
C LEU B 226 2.66 12.36 -28.94
N LYS B 227 2.43 12.99 -27.80
CA LYS B 227 1.07 13.03 -27.25
C LYS B 227 0.67 14.41 -26.77
N GLY B 228 1.49 15.44 -26.93
CA GLY B 228 1.06 16.78 -26.68
C GLY B 228 1.39 17.38 -25.33
N ALA B 229 1.60 16.57 -24.34
CA ALA B 229 1.90 17.09 -23.01
C ALA B 229 2.49 16.00 -22.15
N THR B 230 3.18 16.39 -21.09
CA THR B 230 3.79 15.43 -20.20
C THR B 230 3.50 15.82 -18.76
N PHE B 231 2.86 14.90 -18.04
CA PHE B 231 2.44 15.14 -16.65
C PHE B 231 2.45 13.97 -15.65
N TYR B 232 2.52 12.70 -16.06
CA TYR B 232 2.48 11.60 -15.10
C TYR B 232 3.67 11.50 -14.16
N GLY B 233 4.88 11.72 -14.71
CA GLY B 233 6.11 11.68 -13.92
C GLY B 233 6.15 12.77 -12.86
N ILE B 234 5.74 14.01 -13.16
CA ILE B 234 5.83 15.05 -12.14
C ILE B 234 4.65 14.99 -11.18
N GLY B 235 3.49 14.50 -11.61
CA GLY B 235 2.39 14.26 -10.70
C GLY B 235 2.81 13.24 -9.63
N THR B 236 3.46 12.15 -10.05
CA THR B 236 4.01 11.16 -9.12
C THR B 236 5.10 11.74 -8.24
N ALA B 237 6.10 12.42 -8.80
CA ALA B 237 7.14 13.06 -7.99
C ALA B 237 6.62 14.00 -6.95
N LEU B 238 5.62 14.79 -7.30
CA LEU B 238 4.99 15.72 -6.33
C LEU B 238 4.26 14.95 -5.23
N MET B 239 3.63 13.81 -5.55
CA MET B 239 3.01 12.96 -4.53
C MET B 239 4.08 12.38 -3.58
N ARG B 240 5.22 11.93 -4.09
CA ARG B 240 6.30 11.39 -3.28
C ARG B 240 6.88 12.43 -2.40
N ILE B 241 7.10 13.66 -2.84
CA ILE B 241 7.58 14.68 -1.92
C ILE B 241 6.53 15.03 -0.90
N SER B 242 5.25 15.04 -1.30
CA SER B 242 4.19 15.37 -0.34
C SER B 242 4.07 14.30 0.75
N LYS B 243 4.25 13.04 0.36
CA LYS B 243 4.29 11.91 1.26
C LYS B 243 5.45 12.06 2.25
N ALA B 244 6.68 12.34 1.80
CA ALA B 244 7.79 12.54 2.75
C ALA B 244 7.49 13.63 3.75
N ILE B 245 6.79 14.71 3.36
CA ILE B 245 6.42 15.76 4.28
C ILE B 245 5.33 15.35 5.23
N LEU B 246 4.22 14.82 4.66
CA LEU B 246 3.03 14.57 5.48
C LEU B 246 3.10 13.34 6.36
N ARG B 247 3.94 12.37 5.96
CA ARG B 247 4.24 11.22 6.80
C ARG B 247 5.59 11.37 7.53
N ASP B 248 6.04 12.61 7.75
CA ASP B 248 7.31 12.95 8.37
C ASP B 248 8.45 11.95 8.19
N GLU B 249 8.77 11.58 6.98
CA GLU B 249 9.70 10.54 6.75
C GLU B 249 11.17 10.79 6.86
N ASN B 250 11.66 12.04 6.78
CA ASN B 250 13.08 12.29 6.63
C ASN B 250 13.71 11.46 5.52
N ALA B 251 12.98 11.37 4.43
CA ALA B 251 13.43 10.61 3.27
C ALA B 251 14.40 11.40 2.43
N VAL B 252 15.39 10.80 1.79
CA VAL B 252 16.24 11.53 0.85
C VAL B 252 15.64 11.58 -0.56
N LEU B 253 15.32 12.80 -0.98
CA LEU B 253 14.72 12.99 -2.29
C LEU B 253 15.44 14.02 -3.16
N PRO B 254 15.43 13.94 -4.50
CA PRO B 254 15.86 15.06 -5.33
C PRO B 254 14.91 16.25 -5.17
N VAL B 255 15.25 17.34 -4.50
CA VAL B 255 14.35 18.49 -4.53
C VAL B 255 15.11 19.78 -4.90
N GLY B 256 14.43 20.91 -4.94
CA GLY B 256 15.08 22.17 -5.15
C GLY B 256 15.22 22.80 -3.79
N ALA B 257 16.45 23.20 -3.46
CA ALA B 257 16.71 23.76 -2.14
C ALA B 257 17.56 25.03 -2.24
N TYR B 258 17.50 25.90 -1.26
CA TYR B 258 18.31 27.10 -1.21
C TYR B 258 19.81 26.82 -0.96
N MET B 259 20.65 27.20 -1.91
CA MET B 259 22.08 27.06 -1.76
C MET B 259 22.71 28.08 -0.84
N ASP B 260 23.36 27.53 0.16
CA ASP B 260 24.09 28.29 1.12
C ASP B 260 25.54 27.86 1.23
N GLY B 261 26.18 27.76 0.09
CA GLY B 261 27.57 27.34 0.06
C GLY B 261 27.74 26.03 -0.66
N GLN B 262 26.72 25.18 -0.62
CA GLN B 262 26.87 23.86 -1.21
C GLN B 262 27.17 23.95 -2.68
N TYR B 263 28.02 23.08 -3.20
CA TYR B 263 28.46 23.05 -4.60
C TYR B 263 29.16 24.36 -5.02
N GLY B 264 29.48 25.21 -4.05
CA GLY B 264 30.09 26.50 -4.33
C GLY B 264 29.05 27.51 -4.79
N LEU B 265 27.80 27.30 -4.43
CA LEU B 265 26.72 28.14 -4.88
C LEU B 265 26.10 28.86 -3.74
N ASN B 266 25.41 29.97 -4.05
CA ASN B 266 24.74 30.82 -3.06
C ASN B 266 23.63 31.61 -3.69
N ASP B 267 22.59 31.79 -2.84
CA ASP B 267 21.36 32.54 -3.12
C ASP B 267 20.60 32.28 -4.41
N ILE B 268 20.54 30.98 -4.65
CA ILE B 268 19.69 30.43 -5.68
C ILE B 268 19.05 29.16 -5.12
N TYR B 269 17.90 28.73 -5.64
CA TYR B 269 17.37 27.41 -5.40
C TYR B 269 17.83 26.55 -6.53
N ILE B 270 18.33 25.37 -6.25
CA ILE B 270 18.63 24.44 -7.33
C ILE B 270 18.47 22.97 -6.88
N GLY B 271 18.44 22.01 -7.76
CA GLY B 271 18.27 20.62 -7.44
C GLY B 271 19.44 20.00 -6.67
N THR B 272 19.10 19.31 -5.59
CA THR B 272 20.05 18.61 -4.70
C THR B 272 19.42 17.33 -4.13
N PRO B 273 20.15 16.28 -3.75
CA PRO B 273 19.71 15.39 -2.67
C PRO B 273 19.40 16.17 -1.40
N ALA B 274 18.30 15.89 -0.74
CA ALA B 274 18.03 16.53 0.53
C ALA B 274 17.11 15.64 1.36
N ILE B 275 17.11 15.81 2.67
CA ILE B 275 16.24 15.05 3.57
C ILE B 275 14.96 15.86 3.81
N ILE B 276 13.83 15.24 3.50
CA ILE B 276 12.52 15.89 3.59
C ILE B 276 11.65 15.31 4.69
N GLY B 277 11.10 16.14 5.55
CA GLY B 277 10.26 15.63 6.62
C GLY B 277 9.10 16.55 6.93
N GLY B 278 8.46 16.35 8.06
CA GLY B 278 7.24 17.04 8.44
C GLY B 278 7.32 18.54 8.63
N THR B 279 8.54 19.05 8.85
CA THR B 279 8.77 20.51 8.97
C THR B 279 9.28 21.12 7.65
N GLY B 280 9.41 20.28 6.62
CA GLY B 280 9.93 20.70 5.36
C GLY B 280 11.31 20.13 5.05
N LEU B 281 12.20 20.92 4.47
CA LEU B 281 13.53 20.44 4.21
C LEU B 281 14.33 20.37 5.52
N LYS B 282 14.79 19.16 5.87
CA LYS B 282 15.57 19.00 7.11
C LYS B 282 17.01 19.38 6.86
N GLN B 283 17.63 18.85 5.81
CA GLN B 283 18.95 19.28 5.41
C GLN B 283 19.32 18.92 4.00
N ILE B 284 20.18 19.74 3.42
CA ILE B 284 20.67 19.51 2.05
C ILE B 284 21.80 18.50 2.08
N ILE B 285 21.92 17.58 1.16
CA ILE B 285 23.04 16.69 1.10
C ILE B 285 23.77 16.98 -0.22
N GLU B 286 25.00 17.41 -0.10
CA GLU B 286 25.79 17.73 -1.24
C GLU B 286 26.38 16.50 -1.90
N SER B 287 25.88 16.10 -3.05
CA SER B 287 26.44 14.98 -3.80
C SER B 287 27.91 15.27 -4.14
N PRO B 288 28.85 14.40 -3.82
CA PRO B 288 30.29 14.66 -4.01
C PRO B 288 30.71 14.56 -5.47
N LEU B 289 30.25 15.52 -6.27
CA LEU B 289 30.47 15.48 -7.71
C LEU B 289 31.92 15.45 -8.16
N SER B 290 32.25 14.80 -9.27
CA SER B 290 33.59 14.88 -9.82
C SER B 290 33.94 16.32 -10.19
N ALA B 291 35.22 16.70 -10.39
CA ALA B 291 35.54 18.07 -10.78
C ALA B 291 34.82 18.51 -12.08
N ASP B 292 34.76 17.65 -13.08
CA ASP B 292 34.02 17.95 -14.29
C ASP B 292 32.53 18.23 -14.06
N GLU B 293 31.88 17.33 -13.29
CA GLU B 293 30.47 17.49 -12.95
C GLU B 293 30.23 18.71 -12.14
N LEU B 294 31.12 19.05 -11.22
CA LEU B 294 30.91 20.27 -10.44
C LEU B 294 31.05 21.54 -11.30
N LYS B 295 31.91 21.51 -12.32
CA LYS B 295 32.04 22.63 -13.26
C LYS B 295 30.72 22.80 -13.99
N LYS B 296 30.19 21.71 -14.53
CA LYS B 296 28.89 21.73 -15.18
C LYS B 296 27.79 22.33 -14.33
N MET B 297 27.75 21.88 -13.09
CA MET B 297 26.79 22.36 -12.10
C MET B 297 26.91 23.85 -11.84
N GLN B 298 28.13 24.31 -11.64
CA GLN B 298 28.37 25.72 -11.38
C GLN B 298 28.10 26.61 -12.59
N ASP B 299 28.41 26.14 -13.79
CA ASP B 299 28.08 26.84 -15.03
C ASP B 299 26.58 27.02 -15.23
N SER B 300 25.88 25.89 -15.15
CA SER B 300 24.42 25.85 -15.19
C SER B 300 23.82 26.80 -14.15
N ALA B 301 24.27 26.70 -12.90
CA ALA B 301 23.83 27.60 -11.86
C ALA B 301 24.11 29.08 -12.12
N ALA B 302 25.27 29.39 -12.70
CA ALA B 302 25.64 30.75 -13.04
C ALA B 302 24.66 31.38 -14.01
N THR B 303 24.32 30.64 -15.06
CA THR B 303 23.31 31.16 -15.97
C THR B 303 21.94 31.16 -15.34
N LEU B 304 21.52 30.15 -14.55
CA LEU B 304 20.21 30.21 -13.87
C LEU B 304 20.14 31.48 -13.05
N LYS B 305 21.22 31.78 -12.37
CA LYS B 305 21.34 32.96 -11.53
C LYS B 305 21.06 34.25 -12.30
N LYS B 306 21.64 34.29 -13.50
CA LYS B 306 21.50 35.46 -14.38
C LYS B 306 20.03 35.64 -14.80
N VAL B 307 19.40 34.52 -15.21
CA VAL B 307 18.01 34.60 -15.63
C VAL B 307 17.05 34.87 -14.49
N LEU B 308 17.33 34.33 -13.30
CA LEU B 308 16.53 34.61 -12.11
C LEU B 308 16.54 36.08 -11.81
N ASN B 309 17.70 36.66 -11.93
CA ASN B 309 17.82 38.06 -11.66
C ASN B 309 17.28 39.02 -12.73
N ASP B 310 17.43 38.69 -14.00
CA ASP B 310 16.76 39.49 -15.03
C ASP B 310 15.25 39.49 -14.82
N GLY B 311 14.68 38.32 -14.54
CA GLY B 311 13.26 38.12 -14.34
C GLY B 311 12.74 38.97 -13.21
N LEU B 312 13.52 38.92 -12.13
CA LEU B 312 13.08 39.67 -10.96
C LEU B 312 13.24 41.16 -11.12
N ALA B 313 14.25 41.54 -11.88
CA ALA B 313 14.49 42.96 -12.13
C ALA B 313 13.36 43.51 -13.00
N GLU B 314 12.99 42.74 -14.02
CA GLU B 314 11.88 43.13 -14.87
C GLU B 314 10.57 43.14 -14.12
N LEU B 315 10.34 42.19 -13.21
CA LEU B 315 9.14 42.27 -12.39
C LEU B 315 9.13 43.53 -11.53
N GLU B 316 10.27 44.08 -11.11
CA GLU B 316 10.15 45.35 -10.42
C GLU B 316 10.27 46.59 -11.32
N ASN B 317 10.35 46.41 -12.65
CA ASN B 317 10.30 47.50 -13.63
C ASN B 317 8.80 47.74 -13.87
N LYS B 318 8.30 48.66 -13.04
CA LYS B 318 6.88 49.03 -12.98
C LYS B 318 6.32 50.09 -13.97
N SER C 1 1.47 15.23 17.72
CA SER C 1 2.68 15.47 18.53
C SER C 1 3.66 16.62 18.15
N MET C 2 4.29 16.57 16.94
CA MET C 2 5.10 17.65 16.31
C MET C 2 4.76 17.65 14.80
N PRO C 3 5.12 18.50 13.84
CA PRO C 3 4.37 18.69 12.59
C PRO C 3 4.24 17.45 11.73
N ASN C 4 3.03 17.04 11.30
CA ASN C 4 2.83 15.88 10.42
C ASN C 4 3.38 14.56 10.97
N HIS C 5 3.27 14.48 12.28
CA HIS C 5 3.83 13.39 13.06
C HIS C 5 2.88 12.81 14.10
N GLN C 6 2.17 11.75 13.78
CA GLN C 6 1.32 11.07 14.74
C GLN C 6 2.03 10.09 15.72
N LYS C 7 1.53 10.09 16.95
CA LYS C 7 2.07 9.34 18.08
C LYS C 7 1.07 8.43 18.78
N VAL C 8 1.36 7.14 18.75
CA VAL C 8 0.56 6.11 19.44
C VAL C 8 1.33 5.56 20.64
N VAL C 9 0.69 5.45 21.80
CA VAL C 9 1.27 4.73 22.94
C VAL C 9 0.54 3.44 23.19
N LEU C 10 1.25 2.33 23.11
CA LEU C 10 0.73 1.01 23.46
C LEU C 10 0.96 0.67 24.93
N VAL C 11 -0.08 0.47 25.73
CA VAL C 11 0.11 0.01 27.10
C VAL C 11 -0.27 -1.47 27.12
N GLY C 12 0.72 -2.32 27.35
CA GLY C 12 0.54 -3.76 27.35
C GLY C 12 1.30 -4.40 26.21
N ASP C 13 2.52 -4.85 26.44
CA ASP C 13 3.29 -5.47 25.39
C ASP C 13 3.28 -7.01 25.33
N GLY C 14 2.17 -7.66 25.59
CA GLY C 14 2.11 -9.10 25.38
C GLY C 14 1.94 -9.44 23.91
N ALA C 15 1.55 -10.67 23.56
CA ALA C 15 1.43 -11.05 22.16
C ALA C 15 0.42 -10.24 21.33
N VAL C 16 -0.69 -9.78 21.93
CA VAL C 16 -1.70 -8.96 21.26
C VAL C 16 -1.11 -7.60 20.96
N GLY C 17 -0.61 -6.92 21.98
CA GLY C 17 -0.01 -5.60 21.83
C GLY C 17 1.14 -5.59 20.83
N SER C 18 1.95 -6.62 20.93
CA SER C 18 3.10 -6.76 20.05
C SER C 18 2.73 -7.08 18.62
N SER C 19 1.75 -7.93 18.37
CA SER C 19 1.40 -8.19 16.98
C SER C 19 0.64 -6.98 16.36
N TYR C 20 -0.12 -6.25 17.19
CA TYR C 20 -0.65 -4.94 16.81
C TYR C 20 0.45 -3.99 16.36
N ALA C 21 1.51 -3.87 17.16
CA ALA C 21 2.62 -3.00 16.78
C ALA C 21 3.28 -3.42 15.50
N PHE C 22 3.40 -4.72 15.31
CA PHE C 22 3.98 -5.22 14.08
C PHE C 22 3.11 -4.88 12.86
N ALA C 23 1.77 -5.10 12.99
CA ALA C 23 0.81 -4.76 11.94
C ALA C 23 0.86 -3.24 11.64
N MET C 24 0.97 -2.38 12.64
CA MET C 24 1.11 -0.94 12.44
C MET C 24 2.40 -0.61 11.72
N ALA C 25 3.47 -1.37 11.97
CA ALA C 25 4.73 -1.18 11.23
C ALA C 25 4.61 -1.67 9.79
N GLN C 26 3.99 -2.80 9.51
CA GLN C 26 3.83 -3.25 8.12
C GLN C 26 2.98 -2.28 7.31
N GLN C 27 2.04 -1.64 7.99
CA GLN C 27 1.09 -0.72 7.38
C GLN C 27 1.52 0.75 7.29
N GLY C 28 2.59 1.15 7.94
CA GLY C 28 3.03 2.53 7.92
C GLY C 28 2.04 3.49 8.55
N ILE C 29 1.32 3.06 9.58
CA ILE C 29 0.39 3.90 10.26
C ILE C 29 1.04 4.42 11.52
N ALA C 30 1.04 5.75 11.68
CA ALA C 30 1.67 6.51 12.73
C ALA C 30 3.18 6.56 12.59
N GLU C 31 3.73 7.68 13.08
CA GLU C 31 5.15 7.91 12.87
C GLU C 31 5.98 7.66 14.11
N GLU C 32 5.32 7.57 15.26
CA GLU C 32 5.96 7.30 16.51
C GLU C 32 5.10 6.34 17.33
N PHE C 33 5.72 5.26 17.80
CA PHE C 33 5.05 4.24 18.54
C PHE C 33 5.77 3.92 19.86
N VAL C 34 5.19 4.27 20.98
CA VAL C 34 5.79 4.06 22.29
C VAL C 34 5.22 2.80 22.93
N ILE C 35 6.07 1.90 23.42
CA ILE C 35 5.66 0.66 24.09
C ILE C 35 5.86 0.75 25.60
N VAL C 36 4.75 0.66 26.31
CA VAL C 36 4.71 0.76 27.77
C VAL C 36 4.21 -0.55 28.41
N ASP C 37 4.98 -1.11 29.33
CA ASP C 37 4.56 -2.28 30.11
C ASP C 37 5.30 -2.42 31.43
N VAL C 38 4.76 -3.19 32.39
CA VAL C 38 5.42 -3.46 33.69
C VAL C 38 6.81 -4.06 33.59
N VAL C 39 7.01 -5.01 32.67
CA VAL C 39 8.32 -5.58 32.47
C VAL C 39 9.13 -4.80 31.43
N LYS C 40 9.89 -3.79 31.85
CA LYS C 40 10.63 -2.91 30.93
C LYS C 40 11.62 -3.52 29.98
N ASP C 41 12.17 -4.64 30.41
CA ASP C 41 13.12 -5.35 29.57
C ASP C 41 12.46 -6.04 28.38
N ARG C 42 11.21 -6.43 28.50
CA ARG C 42 10.44 -6.94 27.37
C ARG C 42 10.10 -5.82 26.36
N THR C 43 9.64 -4.66 26.87
CA THR C 43 9.33 -3.57 25.97
C THR C 43 10.59 -3.06 25.27
N LYS C 44 11.73 -2.99 25.98
CA LYS C 44 12.98 -2.58 25.36
C LYS C 44 13.32 -3.46 24.19
N GLY C 45 13.29 -4.76 24.46
CA GLY C 45 13.65 -5.76 23.46
C GLY C 45 12.69 -5.79 22.29
N ASP C 46 11.41 -5.51 22.53
CA ASP C 46 10.43 -5.53 21.44
C ASP C 46 10.56 -4.31 20.53
N ALA C 47 10.82 -3.15 21.09
CA ALA C 47 11.11 -1.96 20.32
C ALA C 47 12.30 -2.17 19.39
N LEU C 48 13.34 -2.86 19.86
CA LEU C 48 14.49 -3.13 19.00
C LEU C 48 14.20 -4.09 17.89
N ASP C 49 13.36 -5.05 18.18
CA ASP C 49 13.03 -6.06 17.20
C ASP C 49 12.10 -5.47 16.14
N LEU C 50 11.11 -4.72 16.63
CA LEU C 50 10.11 -4.09 15.77
C LEU C 50 10.75 -3.05 14.87
N GLU C 51 11.64 -2.23 15.40
CA GLU C 51 12.24 -1.20 14.57
C GLU C 51 13.04 -1.71 13.38
N ASP C 52 13.48 -2.95 13.40
CA ASP C 52 14.16 -3.55 12.27
C ASP C 52 13.27 -3.77 11.08
N ALA C 53 11.95 -3.75 11.29
CA ALA C 53 10.99 -3.84 10.16
C ALA C 53 11.00 -2.62 9.22
N GLN C 54 11.51 -1.49 9.71
CA GLN C 54 11.57 -0.26 8.97
C GLN C 54 12.39 -0.25 7.70
N ALA C 55 13.51 -0.96 7.59
CA ALA C 55 14.27 -0.87 6.37
C ALA C 55 13.47 -1.29 5.15
N PHE C 56 12.47 -2.14 5.37
CA PHE C 56 11.67 -2.62 4.26
C PHE C 56 10.20 -2.31 4.37
N THR C 57 9.81 -1.45 5.30
CA THR C 57 8.41 -1.05 5.29
C THR C 57 8.36 0.47 5.29
N ALA C 58 8.22 1.20 6.36
CA ALA C 58 8.12 2.63 6.29
C ALA C 58 8.74 3.15 7.56
N PRO C 59 9.38 4.32 7.66
CA PRO C 59 9.99 4.77 8.91
C PRO C 59 9.00 5.00 10.02
N LYS C 60 9.46 4.63 11.21
CA LYS C 60 8.67 4.76 12.45
C LYS C 60 9.60 4.86 13.63
N LYS C 61 9.37 5.80 14.53
CA LYS C 61 10.17 5.95 15.75
C LYS C 61 9.56 5.06 16.85
N ILE C 62 10.14 3.86 17.02
CA ILE C 62 9.62 2.91 17.99
C ILE C 62 10.51 2.79 19.20
N TYR C 63 9.95 2.99 20.38
CA TYR C 63 10.76 2.83 21.57
C TYR C 63 9.97 2.46 22.80
N SER C 64 10.69 1.98 23.82
CA SER C 64 10.12 1.64 25.13
C SER C 64 9.92 2.87 25.99
N GLY C 65 8.76 3.10 26.60
CA GLY C 65 8.58 4.29 27.40
C GLY C 65 7.82 4.03 28.69
N GLU C 66 7.29 5.13 29.20
CA GLU C 66 6.51 5.21 30.43
C GLU C 66 5.19 5.94 30.22
N TYR C 67 4.30 5.99 31.20
CA TYR C 67 3.02 6.66 31.05
C TYR C 67 3.14 8.15 30.75
N SER C 68 4.21 8.77 31.20
CA SER C 68 4.41 10.19 30.95
C SER C 68 4.58 10.46 29.46
N ASP C 69 5.00 9.47 28.68
CA ASP C 69 5.08 9.62 27.23
C ASP C 69 3.73 9.75 26.53
N CYS C 70 2.64 9.53 27.26
CA CYS C 70 1.30 9.74 26.73
C CYS C 70 0.93 11.21 26.63
N LYS C 71 1.71 12.12 27.21
CA LYS C 71 1.37 13.54 27.21
C LYS C 71 0.79 14.15 25.93
N ASP C 72 1.51 13.88 24.85
CA ASP C 72 1.10 14.43 23.57
C ASP C 72 0.80 13.33 22.55
N ALA C 73 0.41 12.17 23.04
CA ALA C 73 0.03 11.10 22.16
C ALA C 73 -1.38 11.32 21.58
N ASP C 74 -1.61 10.79 20.40
CA ASP C 74 -2.88 10.94 19.73
C ASP C 74 -3.78 9.77 20.10
N LEU C 75 -3.18 8.60 20.28
CA LEU C 75 -3.92 7.38 20.57
C LEU C 75 -3.19 6.53 21.63
N VAL C 76 -3.89 6.10 22.67
CA VAL C 76 -3.35 5.16 23.65
C VAL C 76 -4.15 3.87 23.52
N VAL C 77 -3.48 2.78 23.18
CA VAL C 77 -4.11 1.48 23.04
C VAL C 77 -3.81 0.61 24.28
N ILE C 78 -4.85 0.25 25.03
CA ILE C 78 -4.70 -0.57 26.22
C ILE C 78 -4.95 -2.04 25.95
N THR C 79 -3.88 -2.83 25.93
CA THR C 79 -4.06 -4.27 25.74
C THR C 79 -3.64 -4.96 27.00
N ALA C 80 -3.10 -4.28 27.98
CA ALA C 80 -2.72 -4.86 29.27
C ALA C 80 -3.75 -5.62 30.14
N GLY C 81 -3.39 -6.77 30.73
CA GLY C 81 -4.30 -7.52 31.60
C GLY C 81 -3.81 -8.90 32.11
N ALA C 82 -4.76 -9.65 32.68
CA ALA C 82 -4.52 -10.96 33.30
C ALA C 82 -5.64 -12.00 33.15
N LEU C 93 -11.15 -12.41 37.73
CA LEU C 93 -10.69 -11.98 36.40
C LEU C 93 -11.11 -10.52 36.19
N VAL C 94 -12.42 -10.25 36.28
CA VAL C 94 -13.00 -8.90 36.21
C VAL C 94 -12.37 -8.01 37.24
N ASN C 95 -12.23 -8.53 38.45
CA ASN C 95 -11.54 -7.75 39.47
C ASN C 95 -10.04 -7.65 39.23
N LYS C 96 -9.27 -8.66 38.70
CA LYS C 96 -7.86 -8.37 38.58
C LYS C 96 -7.60 -7.38 37.42
N ASN C 97 -8.34 -7.53 36.31
CA ASN C 97 -8.19 -6.62 35.20
C ASN C 97 -8.68 -5.23 35.50
N LEU C 98 -9.74 -5.07 36.30
CA LEU C 98 -10.13 -3.72 36.71
C LEU C 98 -9.06 -3.06 37.56
N ASN C 99 -8.40 -3.89 38.36
CA ASN C 99 -7.28 -3.41 39.15
C ASN C 99 -6.09 -2.97 38.32
N ILE C 100 -5.67 -3.81 37.36
CA ILE C 100 -4.60 -3.44 36.45
C ILE C 100 -5.00 -2.17 35.70
N LEU C 101 -6.24 -2.10 35.18
CA LEU C 101 -6.71 -0.92 34.45
C LEU C 101 -6.65 0.36 35.27
N SER C 102 -7.09 0.28 36.53
CA SER C 102 -7.07 1.51 37.30
C SER C 102 -5.65 1.99 37.56
N SER C 103 -4.67 1.09 37.50
CA SER C 103 -3.28 1.51 37.64
C SER C 103 -2.77 2.14 36.36
N ILE C 104 -3.37 1.83 35.20
CA ILE C 104 -2.95 2.40 33.92
C ILE C 104 -3.58 3.75 33.62
N VAL C 105 -4.91 3.82 33.70
CA VAL C 105 -5.63 5.03 33.29
C VAL C 105 -5.27 6.31 34.02
N LYS C 106 -5.14 6.22 35.34
CA LYS C 106 -4.89 7.45 36.07
C LYS C 106 -3.56 8.10 35.71
N PRO C 107 -2.39 7.45 35.68
CA PRO C 107 -1.17 8.06 35.20
C PRO C 107 -1.22 8.44 33.73
N VAL C 108 -1.87 7.67 32.84
CA VAL C 108 -2.03 8.09 31.44
C VAL C 108 -2.77 9.44 31.42
N VAL C 109 -3.89 9.63 32.12
CA VAL C 109 -4.58 10.92 32.12
C VAL C 109 -3.76 12.03 32.81
N ASP C 110 -3.10 11.72 33.91
CA ASP C 110 -2.24 12.70 34.58
C ASP C 110 -1.06 13.14 33.75
N SER C 111 -0.65 12.38 32.74
CA SER C 111 0.42 12.86 31.87
C SER C 111 0.00 14.08 31.05
N GLY C 112 -1.30 14.36 30.98
CA GLY C 112 -1.84 15.43 30.15
C GLY C 112 -2.38 14.88 28.85
N PHE C 113 -2.35 13.56 28.64
CA PHE C 113 -2.93 12.98 27.45
C PHE C 113 -4.39 13.37 27.25
N ASP C 114 -4.73 13.78 26.03
CA ASP C 114 -6.12 13.97 25.65
C ASP C 114 -6.50 13.56 24.23
N GLY C 115 -5.94 12.46 23.79
CA GLY C 115 -6.34 11.88 22.54
C GLY C 115 -7.43 10.85 22.73
N ILE C 116 -7.34 9.77 22.00
CA ILE C 116 -8.33 8.71 22.11
C ILE C 116 -7.80 7.43 22.76
N PHE C 117 -8.62 6.82 23.59
CA PHE C 117 -8.34 5.49 24.08
C PHE C 117 -8.92 4.41 23.24
N LEU C 118 -8.11 3.45 22.86
CA LEU C 118 -8.64 2.25 22.19
C LEU C 118 -8.41 1.05 23.15
N VAL C 119 -9.46 0.40 23.62
CA VAL C 119 -9.33 -0.62 24.67
C VAL C 119 -9.61 -1.99 24.13
N ALA C 120 -8.61 -2.85 24.29
CA ALA C 120 -8.69 -4.23 23.84
C ALA C 120 -8.45 -5.23 24.97
N ALA C 121 -8.03 -4.83 26.16
CA ALA C 121 -7.90 -5.74 27.30
C ALA C 121 -9.12 -6.56 27.72
N ASN C 122 -9.05 -7.87 27.94
CA ASN C 122 -10.27 -8.58 28.34
C ASN C 122 -10.68 -8.63 29.80
N PRO C 123 -11.98 -8.70 30.15
CA PRO C 123 -13.12 -8.68 29.22
C PRO C 123 -13.36 -7.28 28.65
N VAL C 124 -13.31 -7.20 27.31
CA VAL C 124 -13.23 -5.87 26.67
C VAL C 124 -14.37 -4.90 26.86
N ASP C 125 -15.64 -5.30 26.84
CA ASP C 125 -16.76 -4.36 27.08
C ASP C 125 -16.77 -3.73 28.47
N ILE C 126 -16.49 -4.56 29.48
CA ILE C 126 -16.40 -4.12 30.86
C ILE C 126 -15.20 -3.21 31.01
N LEU C 127 -14.03 -3.59 30.50
CA LEU C 127 -12.88 -2.69 30.67
C LEU C 127 -12.93 -1.42 29.81
N THR C 128 -13.68 -1.46 28.69
CA THR C 128 -13.88 -0.24 27.93
C THR C 128 -14.77 0.73 28.71
N TYR C 129 -15.89 0.25 29.30
CA TYR C 129 -16.69 1.14 30.13
C TYR C 129 -15.88 1.66 31.31
N ALA C 130 -15.09 0.79 31.94
CA ALA C 130 -14.34 1.28 33.08
C ALA C 130 -13.28 2.28 32.65
N THR C 131 -12.66 2.13 31.48
CA THR C 131 -11.68 3.13 30.99
C THR C 131 -12.40 4.47 30.80
N TRP C 132 -13.65 4.47 30.30
CA TRP C 132 -14.42 5.70 30.18
C TRP C 132 -14.68 6.32 31.55
N LYS C 133 -15.15 5.47 32.47
CA LYS C 133 -15.41 5.90 33.83
C LYS C 133 -14.16 6.39 34.54
N PHE C 134 -13.03 5.69 34.52
CA PHE C 134 -11.84 6.15 35.23
C PHE C 134 -11.16 7.34 34.58
N SER C 135 -11.22 7.46 33.25
CA SER C 135 -10.55 8.59 32.59
C SER C 135 -11.33 9.88 32.66
N GLY C 136 -12.64 9.79 32.70
CA GLY C 136 -13.46 11.00 32.65
C GLY C 136 -13.53 11.58 31.23
N PHE C 137 -13.03 10.87 30.23
CA PHE C 137 -13.07 11.30 28.86
C PHE C 137 -14.49 11.27 28.30
N PRO C 138 -14.79 12.03 27.23
CA PRO C 138 -16.03 11.88 26.47
C PRO C 138 -16.18 10.47 25.94
N LYS C 139 -17.41 9.94 25.88
CA LYS C 139 -17.68 8.60 25.35
C LYS C 139 -17.06 8.29 23.99
N GLU C 140 -17.04 9.33 23.16
CA GLU C 140 -16.54 9.19 21.79
C GLU C 140 -15.04 9.09 21.71
N ARG C 141 -14.34 9.55 22.75
CA ARG C 141 -12.91 9.39 22.83
C ARG C 141 -12.44 8.10 23.55
N VAL C 142 -13.35 7.20 23.86
CA VAL C 142 -13.02 5.90 24.45
C VAL C 142 -13.73 4.85 23.58
N ILE C 143 -12.97 4.07 22.83
CA ILE C 143 -13.51 3.10 21.89
C ILE C 143 -13.03 1.74 22.28
N GLY C 144 -13.89 0.74 22.34
CA GLY C 144 -13.39 -0.59 22.62
C GLY C 144 -13.32 -1.44 21.38
N SER C 145 -12.55 -2.54 21.41
CA SER C 145 -12.55 -3.42 20.26
C SER C 145 -13.84 -4.18 20.09
N GLY C 146 -14.69 -4.22 21.12
CA GLY C 146 -16.01 -4.86 21.04
C GLY C 146 -16.03 -6.19 20.33
N THR C 147 -16.90 -6.41 19.36
CA THR C 147 -16.92 -7.66 18.60
C THR C 147 -16.16 -7.60 17.28
N SER C 148 -15.18 -6.71 17.14
CA SER C 148 -14.44 -6.66 15.87
C SER C 148 -13.70 -7.94 15.52
N LEU C 149 -13.02 -8.56 16.49
CA LEU C 149 -12.34 -9.83 16.21
C LEU C 149 -13.29 -10.95 15.86
N ASP C 150 -14.34 -11.14 16.61
CA ASP C 150 -15.24 -12.23 16.27
C ASP C 150 -16.06 -12.01 15.04
N SER C 151 -16.40 -10.74 14.76
CA SER C 151 -17.01 -10.40 13.46
C SER C 151 -16.08 -10.72 12.31
N SER C 152 -14.77 -10.46 12.44
CA SER C 152 -13.81 -10.89 11.43
C SER C 152 -13.80 -12.40 11.26
N ARG C 153 -13.85 -13.13 12.39
CA ARG C 153 -13.89 -14.60 12.30
C ARG C 153 -15.18 -15.08 11.60
N LEU C 154 -16.34 -14.47 11.89
CA LEU C 154 -17.58 -14.77 11.15
C LEU C 154 -17.43 -14.46 9.67
N ARG C 155 -16.85 -13.30 9.32
CA ARG C 155 -16.57 -12.96 7.91
C ARG C 155 -15.69 -13.96 7.20
N VAL C 156 -14.61 -14.37 7.87
CA VAL C 156 -13.73 -15.44 7.34
C VAL C 156 -14.42 -16.79 7.12
N ALA C 157 -15.27 -17.17 8.08
CA ALA C 157 -16.03 -18.41 7.97
C ALA C 157 -17.13 -18.36 6.92
N LEU C 158 -17.95 -17.28 6.85
CA LEU C 158 -18.94 -17.18 5.76
C LEU C 158 -18.24 -17.06 4.41
N GLY C 159 -17.12 -16.35 4.39
CA GLY C 159 -16.31 -16.22 3.17
C GLY C 159 -15.83 -17.56 2.64
N LYS C 160 -15.40 -18.37 3.59
CA LYS C 160 -14.94 -19.72 3.27
C LYS C 160 -16.07 -20.64 2.81
N GLN C 161 -17.20 -20.58 3.49
CA GLN C 161 -18.38 -21.34 3.11
C GLN C 161 -18.91 -20.93 1.72
N PHE C 162 -18.95 -19.63 1.46
CA PHE C 162 -19.50 -19.16 0.20
C PHE C 162 -18.52 -18.71 -0.87
N ASN C 163 -17.20 -18.99 -0.73
CA ASN C 163 -16.17 -18.68 -1.73
C ASN C 163 -16.12 -17.22 -2.20
N VAL C 164 -16.14 -16.41 -1.17
CA VAL C 164 -16.13 -14.98 -1.25
C VAL C 164 -15.02 -14.46 -0.38
N ASP C 165 -14.40 -13.39 -0.82
CA ASP C 165 -13.51 -12.61 0.02
C ASP C 165 -14.17 -12.20 1.35
N PRO C 166 -13.57 -12.43 2.52
CA PRO C 166 -14.12 -12.02 3.81
C PRO C 166 -14.49 -10.55 3.85
N ARG C 167 -13.75 -9.67 3.12
CA ARG C 167 -14.06 -8.24 3.16
C ARG C 167 -15.36 -7.93 2.43
N SER C 168 -15.87 -8.81 1.57
CA SER C 168 -17.19 -8.64 0.94
C SER C 168 -18.34 -9.32 1.71
N VAL C 169 -18.14 -9.76 2.96
CA VAL C 169 -19.21 -10.39 3.74
C VAL C 169 -19.61 -9.34 4.72
N ASP C 170 -20.80 -8.81 4.63
CA ASP C 170 -21.21 -7.79 5.57
C ASP C 170 -21.96 -8.43 6.73
N ALA C 171 -21.21 -8.76 7.75
CA ALA C 171 -21.77 -9.54 8.85
C ALA C 171 -21.14 -9.24 10.19
N TYR C 172 -21.96 -9.21 11.22
CA TYR C 172 -21.51 -8.88 12.56
C TYR C 172 -21.81 -9.95 13.61
N ILE C 173 -20.88 -10.14 14.55
CA ILE C 173 -21.15 -10.90 15.76
C ILE C 173 -21.68 -9.86 16.74
N MET C 174 -22.80 -10.15 17.39
CA MET C 174 -23.38 -9.29 18.39
C MET C 174 -23.49 -9.95 19.78
N GLY C 175 -23.82 -9.20 20.80
CA GLY C 175 -23.83 -9.67 22.16
C GLY C 175 -22.48 -9.44 22.84
N GLU C 176 -22.37 -9.79 24.13
CA GLU C 176 -21.11 -9.64 24.82
C GLU C 176 -20.24 -10.82 24.49
N HIS C 177 -19.11 -10.30 24.02
CA HIS C 177 -17.97 -11.01 23.48
C HIS C 177 -17.52 -12.36 24.07
N GLY C 178 -18.40 -13.36 24.09
CA GLY C 178 -18.04 -14.71 24.52
C GLY C 178 -19.22 -15.58 24.89
N ASP C 179 -19.45 -16.74 24.25
CA ASP C 179 -20.52 -17.68 24.61
C ASP C 179 -21.99 -17.23 24.55
N SER C 180 -22.36 -16.09 25.11
CA SER C 180 -23.68 -15.50 24.90
C SER C 180 -23.82 -14.71 23.58
N GLU C 181 -22.69 -14.54 22.86
CA GLU C 181 -22.66 -13.85 21.59
C GLU C 181 -23.25 -14.64 20.45
N PHE C 182 -23.71 -13.98 19.40
CA PHE C 182 -24.32 -14.68 18.26
C PHE C 182 -24.02 -13.99 16.94
N ALA C 183 -24.09 -14.71 15.86
CA ALA C 183 -24.03 -14.17 14.53
C ALA C 183 -25.35 -13.42 14.18
N ALA C 184 -25.31 -12.10 13.91
CA ALA C 184 -26.51 -11.39 13.55
C ALA C 184 -26.85 -11.67 12.10
N TYR C 185 -27.21 -12.91 11.79
CA TYR C 185 -27.56 -13.34 10.45
C TYR C 185 -28.68 -12.58 9.78
N SER C 186 -29.62 -12.02 10.54
CA SER C 186 -30.76 -11.36 9.92
C SER C 186 -30.33 -10.08 9.24
N THR C 187 -29.26 -9.44 9.73
CA THR C 187 -28.73 -8.24 9.10
C THR C 187 -27.46 -8.46 8.32
N ALA C 188 -27.12 -9.72 8.04
CA ALA C 188 -25.93 -10.05 7.30
C ALA C 188 -26.17 -10.32 5.81
N THR C 189 -25.25 -9.80 4.98
CA THR C 189 -25.39 -9.90 3.51
C THR C 189 -24.12 -10.10 2.75
N ILE C 190 -24.24 -10.69 1.59
CA ILE C 190 -23.12 -10.80 0.67
C ILE C 190 -23.65 -10.26 -0.69
N GLY C 191 -23.11 -9.17 -1.23
CA GLY C 191 -23.60 -8.59 -2.48
C GLY C 191 -25.03 -8.09 -2.36
N THR C 192 -25.35 -7.52 -1.21
CA THR C 192 -26.67 -7.11 -0.71
C THR C 192 -27.69 -8.25 -0.51
N ARG C 193 -27.41 -9.50 -0.86
CA ARG C 193 -28.36 -10.60 -0.66
C ARG C 193 -28.20 -11.14 0.76
N PRO C 194 -29.28 -11.36 1.52
CA PRO C 194 -29.25 -11.99 2.85
C PRO C 194 -28.48 -13.29 2.94
N VAL C 195 -27.58 -13.41 3.90
CA VAL C 195 -26.79 -14.65 4.07
C VAL C 195 -27.67 -15.91 4.20
N ARG C 196 -28.82 -15.83 4.86
CA ARG C 196 -29.71 -16.99 4.91
C ARG C 196 -30.28 -17.38 3.56
N ASP C 197 -30.57 -16.41 2.67
CA ASP C 197 -31.00 -16.76 1.32
C ASP C 197 -29.88 -17.35 0.50
N VAL C 198 -28.68 -16.77 0.53
CA VAL C 198 -27.52 -17.35 -0.16
C VAL C 198 -27.30 -18.79 0.34
N ALA C 199 -27.42 -18.97 1.66
CA ALA C 199 -27.28 -20.28 2.30
C ALA C 199 -28.29 -21.27 1.74
N LYS C 200 -29.59 -20.92 1.79
CA LYS C 200 -30.65 -21.79 1.27
C LYS C 200 -30.47 -22.10 -0.19
N GLU C 201 -30.02 -21.16 -1.00
CA GLU C 201 -29.82 -21.38 -2.43
C GLU C 201 -28.69 -22.31 -2.74
N GLN C 202 -27.75 -22.33 -1.81
CA GLN C 202 -26.61 -23.20 -2.01
C GLN C 202 -26.62 -24.47 -1.20
N GLY C 203 -27.75 -24.86 -0.62
CA GLY C 203 -27.80 -26.11 0.16
C GLY C 203 -27.19 -26.03 1.57
N VAL C 204 -26.97 -24.83 2.11
CA VAL C 204 -26.48 -24.65 3.45
C VAL C 204 -27.67 -24.34 4.35
N SER C 205 -27.96 -25.32 5.19
CA SER C 205 -29.08 -25.23 6.11
C SER C 205 -28.91 -24.28 7.29
N ASP C 206 -29.99 -23.87 7.94
CA ASP C 206 -29.83 -23.08 9.16
C ASP C 206 -29.05 -23.76 10.29
N ASP C 207 -29.09 -25.10 10.29
CA ASP C 207 -28.28 -25.89 11.20
C ASP C 207 -26.80 -25.73 10.87
N ASP C 208 -26.48 -25.79 9.57
CA ASP C 208 -25.12 -25.55 9.11
C ASP C 208 -24.64 -24.17 9.54
N LEU C 209 -25.52 -23.17 9.43
CA LEU C 209 -25.18 -21.82 9.88
C LEU C 209 -25.02 -21.73 11.37
N ALA C 210 -25.79 -22.52 12.10
CA ALA C 210 -25.65 -22.59 13.56
C ALA C 210 -24.29 -23.22 13.97
N LYS C 211 -23.87 -24.31 13.31
CA LYS C 211 -22.54 -24.89 13.50
C LYS C 211 -21.42 -23.93 13.14
N LEU C 212 -21.63 -23.15 12.05
CA LEU C 212 -20.65 -22.16 11.61
C LEU C 212 -20.45 -21.09 12.67
N GLU C 213 -21.59 -20.67 13.24
CA GLU C 213 -21.59 -19.67 14.29
C GLU C 213 -20.91 -20.24 15.55
N ASP C 214 -21.13 -21.53 15.84
CA ASP C 214 -20.43 -22.19 16.92
C ASP C 214 -18.94 -22.22 16.73
N GLY C 215 -18.48 -22.56 15.52
CA GLY C 215 -17.07 -22.49 15.17
C GLY C 215 -16.46 -21.14 15.51
N VAL C 216 -17.11 -20.05 15.10
CA VAL C 216 -16.63 -18.71 15.42
C VAL C 216 -16.57 -18.47 16.92
N ARG C 217 -17.61 -18.90 17.65
CA ARG C 217 -17.64 -18.69 19.08
C ARG C 217 -16.56 -19.50 19.83
N ASN C 218 -16.23 -20.65 19.28
CA ASN C 218 -15.18 -21.49 19.85
C ASN C 218 -13.81 -21.28 19.28
N LYS C 219 -13.62 -20.40 18.27
CA LYS C 219 -12.33 -20.31 17.60
C LYS C 219 -11.21 -19.89 18.54
N ALA C 220 -11.43 -19.02 19.49
CA ALA C 220 -10.35 -18.62 20.38
C ALA C 220 -9.83 -19.80 21.17
N TYR C 221 -10.79 -20.52 21.74
CA TYR C 221 -10.55 -21.74 22.47
C TYR C 221 -9.80 -22.76 21.62
N ASP C 222 -10.23 -23.00 20.39
CA ASP C 222 -9.51 -23.94 19.54
C ASP C 222 -8.10 -23.52 19.16
N ILE C 223 -7.84 -22.23 18.92
CA ILE C 223 -6.51 -21.78 18.56
C ILE C 223 -5.67 -21.93 19.83
N ILE C 224 -6.15 -21.52 21.02
CA ILE C 224 -5.38 -21.69 22.24
C ILE C 224 -5.07 -23.17 22.45
N ASN C 225 -5.99 -24.11 22.23
CA ASN C 225 -5.66 -25.53 22.30
C ASN C 225 -4.64 -26.05 21.33
N LEU C 226 -4.54 -25.44 20.16
CA LEU C 226 -3.59 -25.93 19.17
C LEU C 226 -2.22 -25.28 19.23
N LYS C 227 -2.14 -23.99 19.57
CA LYS C 227 -0.85 -23.34 19.58
C LYS C 227 -0.64 -22.48 20.82
N GLY C 228 -1.56 -22.49 21.79
CA GLY C 228 -1.33 -21.83 23.06
C GLY C 228 -1.84 -20.42 23.26
N ALA C 229 -2.02 -19.66 22.18
CA ALA C 229 -2.45 -18.28 22.30
C ALA C 229 -2.98 -17.81 20.98
N THR C 230 -3.81 -16.78 20.99
CA THR C 230 -4.40 -16.21 19.78
C THR C 230 -4.26 -14.69 19.84
N PHE C 231 -3.59 -14.19 18.81
CA PHE C 231 -3.33 -12.74 18.74
C PHE C 231 -3.32 -12.08 17.37
N TYR C 232 -3.23 -12.79 16.24
CA TYR C 232 -3.12 -12.12 14.96
C TYR C 232 -4.37 -11.36 14.50
N GLY C 233 -5.54 -11.97 14.73
CA GLY C 233 -6.80 -11.35 14.40
C GLY C 233 -7.05 -10.06 15.16
N ILE C 234 -6.75 -9.99 16.46
CA ILE C 234 -7.03 -8.75 17.18
C ILE C 234 -5.90 -7.74 16.97
N GLY C 235 -4.67 -8.15 16.68
CA GLY C 235 -3.62 -7.21 16.34
C GLY C 235 -4.02 -6.50 15.05
N THR C 236 -4.52 -7.23 14.05
CA THR C 236 -5.05 -6.65 12.83
C THR C 236 -6.27 -5.74 13.04
N ALA C 237 -7.27 -6.19 13.77
CA ALA C 237 -8.45 -5.38 14.04
C ALA C 237 -8.11 -4.09 14.77
N LEU C 238 -7.18 -4.13 15.69
CA LEU C 238 -6.74 -2.92 16.39
C LEU C 238 -5.99 -1.99 15.40
N MET C 239 -5.24 -2.50 14.43
CA MET C 239 -4.57 -1.69 13.42
C MET C 239 -5.65 -1.05 12.52
N ARG C 240 -6.70 -1.76 12.10
CA ARG C 240 -7.79 -1.21 11.30
C ARG C 240 -8.54 -0.13 12.04
N ILE C 241 -8.88 -0.26 13.30
CA ILE C 241 -9.57 0.80 14.01
C ILE C 241 -8.63 1.99 14.16
N SER C 242 -7.37 1.74 14.42
CA SER C 242 -6.37 2.83 14.55
C SER C 242 -6.22 3.61 13.23
N LYS C 243 -6.25 2.91 12.11
CA LYS C 243 -6.24 3.51 10.79
C LYS C 243 -7.48 4.40 10.58
N ALA C 244 -8.67 3.89 10.84
CA ALA C 244 -9.83 4.73 10.70
C ALA C 244 -9.76 6.01 11.54
N ILE C 245 -9.16 5.97 12.71
CA ILE C 245 -8.96 7.15 13.54
C ILE C 245 -7.91 8.12 13.01
N LEU C 246 -6.74 7.56 12.71
CA LEU C 246 -5.61 8.41 12.38
C LEU C 246 -5.63 8.95 10.95
N ARG C 247 -6.31 8.24 10.05
CA ARG C 247 -6.53 8.70 8.69
C ARG C 247 -7.94 9.31 8.53
N ASP C 248 -8.56 9.72 9.66
CA ASP C 248 -9.90 10.30 9.70
C ASP C 248 -10.90 9.76 8.68
N GLU C 249 -11.09 8.45 8.63
CA GLU C 249 -11.88 7.88 7.58
C GLU C 249 -13.38 7.89 7.66
N ASN C 250 -13.98 8.06 8.84
CA ASN C 250 -15.41 7.82 9.04
C ASN C 250 -15.86 6.49 8.45
N ALA C 251 -15.01 5.49 8.69
CA ALA C 251 -15.29 4.14 8.22
C ALA C 251 -16.25 3.41 9.15
N VAL C 252 -17.10 2.52 8.65
CA VAL C 252 -17.96 1.74 9.52
C VAL C 252 -17.23 0.48 9.99
N LEU C 253 -17.01 0.41 11.29
CA LEU C 253 -16.35 -0.75 11.86
C LEU C 253 -17.12 -1.41 13.02
N PRO C 254 -16.94 -2.70 13.33
CA PRO C 254 -17.45 -3.29 14.57
C PRO C 254 -16.67 -2.74 15.75
N VAL C 255 -17.19 -1.89 16.64
CA VAL C 255 -16.43 -1.50 17.81
C VAL C 255 -17.29 -1.59 19.06
N GLY C 256 -16.75 -1.27 20.22
CA GLY C 256 -17.54 -1.21 21.40
C GLY C 256 -17.83 0.26 21.65
N ALA C 257 -19.09 0.57 21.84
CA ALA C 257 -19.52 1.94 22.02
C ALA C 257 -20.52 2.07 23.16
N TYR C 258 -20.62 3.25 23.73
CA TYR C 258 -21.58 3.51 24.80
C TYR C 258 -23.05 3.48 24.35
N MET C 259 -23.87 2.60 24.90
CA MET C 259 -25.27 2.56 24.55
C MET C 259 -26.08 3.60 25.28
N ASP C 260 -26.76 4.32 24.41
CA ASP C 260 -27.64 5.40 24.80
C ASP C 260 -29.03 5.24 24.26
N GLY C 261 -29.57 4.05 24.44
CA GLY C 261 -30.90 3.74 23.97
C GLY C 261 -30.86 2.74 22.87
N GLN C 262 -29.78 2.67 22.12
CA GLN C 262 -29.73 1.74 20.99
C GLN C 262 -29.89 0.31 21.44
N TYR C 263 -30.58 -0.50 20.64
CA TYR C 263 -30.91 -1.88 20.97
C TYR C 263 -31.71 -2.04 22.29
N GLY C 264 -32.23 -0.95 22.83
CA GLY C 264 -32.95 -0.98 24.10
C GLY C 264 -31.98 -1.06 25.26
N LEU C 265 -30.75 -0.61 25.06
CA LEU C 265 -29.70 -0.69 26.06
C LEU C 265 -29.27 0.67 26.51
N ASN C 266 -28.73 0.78 27.70
CA ASN C 266 -28.29 2.03 28.26
C ASN C 266 -27.13 1.87 29.22
N ASP C 267 -26.17 2.80 29.25
CA ASP C 267 -25.07 2.83 30.21
C ASP C 267 -24.20 1.57 30.38
N ILE C 268 -23.96 0.93 29.25
CA ILE C 268 -22.95 -0.13 29.10
C ILE C 268 -22.22 0.15 27.79
N TYR C 269 -20.97 -0.28 27.63
CA TYR C 269 -20.36 -0.34 26.31
C TYR C 269 -20.60 -1.72 25.75
N ILE C 270 -20.98 -1.81 24.47
CA ILE C 270 -21.09 -3.11 23.86
C ILE C 270 -20.81 -3.04 22.36
N GLY C 271 -20.57 -4.16 21.68
CA GLY C 271 -20.31 -4.16 20.24
C GLY C 271 -21.48 -3.68 19.37
N THR C 272 -21.16 -2.76 18.47
CA THR C 272 -22.09 -2.20 17.46
C THR C 272 -21.37 -1.94 16.14
N PRO C 273 -21.99 -1.94 14.94
CA PRO C 273 -21.53 -1.06 13.88
C PRO C 273 -21.43 0.40 14.30
N ALA C 274 -20.35 1.09 13.98
CA ALA C 274 -20.26 2.51 14.26
C ALA C 274 -19.33 3.19 13.27
N ILE C 275 -19.47 4.52 13.09
CA ILE C 275 -18.59 5.27 12.20
C ILE C 275 -17.43 5.80 13.04
N ILE C 276 -16.21 5.49 12.62
CA ILE C 276 -15.00 5.89 13.33
C ILE C 276 -14.16 6.88 12.53
N GLY C 277 -13.77 7.99 13.15
CA GLY C 277 -12.97 8.99 12.46
C GLY C 277 -11.95 9.63 13.36
N GLY C 278 -11.43 10.77 12.94
CA GLY C 278 -10.29 11.41 13.59
C GLY C 278 -10.55 11.96 14.98
N THR C 279 -11.85 12.16 15.32
CA THR C 279 -12.22 12.63 16.66
C THR C 279 -12.69 11.46 17.55
N GLY C 280 -12.68 10.24 17.00
CA GLY C 280 -13.12 9.07 17.71
C GLY C 280 -14.36 8.47 17.11
N LEU C 281 -15.29 8.04 17.95
CA LEU C 281 -16.54 7.52 17.44
C LEU C 281 -17.43 8.68 16.97
N LYS C 282 -17.80 8.65 15.69
CA LYS C 282 -18.65 9.72 15.14
C LYS C 282 -20.10 9.43 15.45
N GLN C 283 -20.56 8.21 15.15
CA GLN C 283 -21.90 7.82 15.55
C GLN C 283 -22.11 6.30 15.53
N ILE C 284 -23.00 5.85 16.39
CA ILE C 284 -23.35 4.45 16.48
C ILE C 284 -24.36 4.11 15.40
N ILE C 285 -24.27 2.96 14.75
CA ILE C 285 -25.29 2.54 13.83
C ILE C 285 -25.94 1.28 14.40
N GLU C 286 -27.21 1.37 14.70
CA GLU C 286 -27.97 0.28 15.24
C GLU C 286 -28.36 -0.73 14.18
N SER C 287 -27.70 -1.88 14.13
CA SER C 287 -28.08 -2.96 13.22
C SER C 287 -29.54 -3.36 13.42
N PRO C 288 -30.42 -3.38 12.41
CA PRO C 288 -31.85 -3.63 12.58
C PRO C 288 -32.15 -5.11 12.87
N LEU C 289 -31.73 -5.59 14.03
CA LEU C 289 -31.82 -7.01 14.35
C LEU C 289 -33.22 -7.61 14.33
N SER C 290 -33.39 -8.84 13.94
CA SER C 290 -34.67 -9.53 14.07
C SER C 290 -35.15 -9.59 15.52
N ALA C 291 -36.43 -9.84 15.83
CA ALA C 291 -36.89 -9.85 17.23
C ALA C 291 -36.12 -10.92 18.06
N ASP C 292 -35.87 -12.07 17.47
CA ASP C 292 -35.07 -13.07 18.14
C ASP C 292 -33.65 -12.65 18.48
N GLU C 293 -32.97 -12.09 17.47
CA GLU C 293 -31.61 -11.59 17.66
C GLU C 293 -31.59 -10.45 18.65
N LEU C 294 -32.62 -9.59 18.68
CA LEU C 294 -32.60 -8.49 19.64
C LEU C 294 -32.78 -9.02 21.07
N LYS C 295 -33.54 -10.10 21.23
CA LYS C 295 -33.71 -10.70 22.54
C LYS C 295 -32.40 -11.26 23.04
N LYS C 296 -31.72 -12.02 22.17
CA LYS C 296 -30.37 -12.48 22.49
C LYS C 296 -29.40 -11.37 22.92
N MET C 297 -29.38 -10.28 22.14
CA MET C 297 -28.55 -9.12 22.44
C MET C 297 -28.90 -8.51 23.80
N GLN C 298 -30.18 -8.34 24.09
CA GLN C 298 -30.59 -7.75 25.34
C GLN C 298 -30.31 -8.65 26.54
N ASP C 299 -30.46 -9.97 26.36
CA ASP C 299 -30.12 -10.92 27.42
C ASP C 299 -28.64 -10.94 27.76
N SER C 300 -27.83 -11.03 26.71
CA SER C 300 -26.37 -10.94 26.80
C SER C 300 -25.95 -9.66 27.50
N ALA C 301 -26.51 -8.52 27.05
CA ALA C 301 -26.26 -7.22 27.65
C ALA C 301 -26.66 -7.14 29.13
N ALA C 302 -27.78 -7.76 29.48
CA ALA C 302 -28.26 -7.76 30.85
C ALA C 302 -27.27 -8.41 31.80
N THR C 303 -26.56 -9.44 31.32
CA THR C 303 -25.54 -10.08 32.15
C THR C 303 -24.29 -9.23 32.23
N LEU C 304 -23.82 -8.73 31.07
CA LEU C 304 -22.70 -7.76 31.06
C LEU C 304 -22.87 -6.67 32.11
N LYS C 305 -24.07 -6.12 32.08
CA LYS C 305 -24.40 -5.00 32.92
C LYS C 305 -24.37 -5.32 34.41
N LYS C 306 -24.71 -6.55 34.79
CA LYS C 306 -24.60 -6.98 36.20
C LYS C 306 -23.14 -7.08 36.65
N VAL C 307 -22.36 -7.81 35.85
CA VAL C 307 -20.94 -8.07 36.13
C VAL C 307 -20.16 -6.77 36.14
N LEU C 308 -20.52 -5.86 35.25
CA LEU C 308 -19.91 -4.54 35.21
C LEU C 308 -20.12 -3.80 36.53
N ASN C 309 -21.39 -3.76 36.97
CA ASN C 309 -21.66 -2.91 38.13
C ASN C 309 -21.22 -3.54 39.45
N ASP C 310 -21.22 -4.86 39.43
CA ASP C 310 -20.60 -5.60 40.53
C ASP C 310 -19.10 -5.27 40.58
N GLY C 311 -18.34 -5.44 39.49
CA GLY C 311 -16.91 -5.17 39.54
C GLY C 311 -16.55 -3.76 39.97
N LEU C 312 -17.23 -2.81 39.36
CA LEU C 312 -17.11 -1.41 39.69
C LEU C 312 -17.49 -1.13 41.12
N ALA C 313 -18.59 -1.70 41.65
CA ALA C 313 -18.90 -1.56 43.11
C ALA C 313 -17.83 -2.21 44.03
N GLU C 314 -17.29 -3.35 43.62
CA GLU C 314 -16.21 -4.02 44.31
C GLU C 314 -14.99 -3.13 44.38
N LEU C 315 -14.48 -2.51 43.31
CA LEU C 315 -13.33 -1.64 43.51
C LEU C 315 -13.61 -0.27 44.10
N GLU C 316 -14.88 0.11 44.21
CA GLU C 316 -15.22 1.30 44.98
C GLU C 316 -15.15 0.97 46.49
N ASN C 317 -14.95 -0.30 46.91
CA ASN C 317 -14.71 -0.66 48.31
C ASN C 317 -13.23 -0.54 48.72
N SER D 1 0.28 -21.61 -9.47
CA SER D 1 -0.63 -22.72 -9.08
C SER D 1 -1.92 -22.99 -9.93
N MET D 2 -2.88 -22.05 -9.94
CA MET D 2 -4.10 -22.01 -10.79
C MET D 2 -4.28 -20.54 -11.25
N PRO D 3 -5.16 -20.02 -12.13
CA PRO D 3 -4.96 -18.73 -12.81
C PRO D 3 -4.82 -17.53 -11.91
N ASN D 4 -3.82 -16.68 -12.08
CA ASN D 4 -3.62 -15.47 -11.25
C ASN D 4 -3.56 -15.69 -9.76
N HIS D 5 -3.01 -16.85 -9.40
CA HIS D 5 -2.99 -17.34 -8.03
C HIS D 5 -1.63 -17.87 -7.61
N GLN D 6 -0.85 -17.10 -6.90
CA GLN D 6 0.44 -17.51 -6.38
C GLN D 6 0.37 -18.26 -5.03
N LYS D 7 1.24 -19.27 -4.93
CA LYS D 7 1.32 -20.21 -3.80
C LYS D 7 2.68 -20.31 -3.13
N VAL D 8 2.72 -19.90 -1.87
CA VAL D 8 3.93 -20.03 -1.04
C VAL D 8 3.78 -21.15 0.03
N VAL D 9 4.78 -22.03 0.15
CA VAL D 9 4.82 -22.97 1.26
C VAL D 9 5.91 -22.61 2.27
N LEU D 10 5.49 -22.36 3.50
CA LEU D 10 6.40 -22.11 4.62
C LEU D 10 6.81 -23.42 5.32
N VAL D 11 8.06 -23.81 5.35
CA VAL D 11 8.48 -24.96 6.14
C VAL D 11 9.20 -24.42 7.36
N GLY D 12 8.58 -24.61 8.52
CA GLY D 12 9.11 -24.09 9.77
C GLY D 12 8.18 -23.03 10.35
N ASP D 13 7.27 -23.42 11.21
CA ASP D 13 6.37 -22.46 11.83
C ASP D 13 6.73 -21.91 13.20
N GLY D 14 8.00 -21.64 13.50
CA GLY D 14 8.30 -21.02 14.77
C GLY D 14 8.06 -19.51 14.70
N ALA D 15 8.61 -18.69 15.60
CA ALA D 15 8.38 -17.26 15.58
C ALA D 15 8.80 -16.50 14.31
N VAL D 16 9.89 -16.91 13.66
CA VAL D 16 10.36 -16.32 12.42
C VAL D 16 9.38 -16.63 11.29
N GLY D 17 9.09 -17.89 11.05
CA GLY D 17 8.18 -18.32 10.00
C GLY D 17 6.80 -17.73 10.17
N SER D 18 6.33 -17.71 11.41
CA SER D 18 5.05 -17.15 11.72
C SER D 18 5.00 -15.63 11.56
N SER D 19 6.01 -14.86 11.94
CA SER D 19 5.90 -13.42 11.77
C SER D 19 6.09 -13.08 10.28
N TYR D 20 6.85 -13.89 9.55
CA TYR D 20 6.90 -13.79 8.10
C TYR D 20 5.51 -13.97 7.48
N ALA D 21 4.77 -14.96 7.92
CA ALA D 21 3.44 -15.21 7.37
C ALA D 21 2.51 -14.06 7.69
N PHE D 22 2.63 -13.50 8.90
CA PHE D 22 1.81 -12.39 9.26
C PHE D 22 2.15 -11.16 8.39
N ALA D 23 3.44 -10.87 8.14
CA ALA D 23 3.90 -9.79 7.29
C ALA D 23 3.39 -9.98 5.87
N MET D 24 3.40 -11.22 5.37
CA MET D 24 2.83 -11.53 4.04
C MET D 24 1.33 -11.29 3.98
N ALA D 25 0.63 -11.54 5.09
CA ALA D 25 -0.80 -11.25 5.17
C ALA D 25 -1.04 -9.76 5.23
N GLN D 26 -0.33 -8.97 6.02
CA GLN D 26 -0.53 -7.54 6.05
C GLN D 26 -0.22 -6.86 4.72
N GLN D 27 0.70 -7.43 3.94
CA GLN D 27 1.07 -6.92 2.63
C GLN D 27 0.32 -7.44 1.43
N GLY D 28 -0.57 -8.44 1.58
CA GLY D 28 -1.30 -8.95 0.45
C GLY D 28 -0.42 -9.59 -0.61
N ILE D 29 0.71 -10.21 -0.20
CA ILE D 29 1.52 -10.88 -1.18
C ILE D 29 1.20 -12.37 -1.13
N ALA D 30 0.98 -12.96 -2.30
CA ALA D 30 0.56 -14.31 -2.54
C ALA D 30 -0.88 -14.59 -2.12
N GLU D 31 -1.51 -15.47 -2.85
CA GLU D 31 -2.91 -15.75 -2.65
C GLU D 31 -3.18 -17.03 -1.84
N GLU D 32 -2.16 -17.88 -1.75
CA GLU D 32 -2.23 -19.12 -1.01
C GLU D 32 -0.94 -19.35 -0.20
N PHE D 33 -1.10 -19.56 1.09
CA PHE D 33 0.03 -19.74 1.98
C PHE D 33 -0.12 -21.04 2.79
N VAL D 34 0.68 -22.05 2.49
CA VAL D 34 0.69 -23.32 3.20
C VAL D 34 1.71 -23.33 4.35
N ILE D 35 1.31 -23.71 5.55
CA ILE D 35 2.21 -23.83 6.71
C ILE D 35 2.55 -25.31 7.00
N VAL D 36 3.81 -25.65 6.85
CA VAL D 36 4.34 -26.99 7.12
C VAL D 36 5.32 -27.00 8.30
N ASP D 37 5.12 -27.89 9.24
CA ASP D 37 6.03 -28.12 10.36
C ASP D 37 5.73 -29.49 10.97
N VAL D 38 6.78 -30.04 11.55
CA VAL D 38 6.73 -31.33 12.23
C VAL D 38 5.67 -31.23 13.33
N VAL D 39 5.62 -30.16 14.07
CA VAL D 39 4.47 -29.86 14.94
C VAL D 39 3.17 -29.41 14.22
N LYS D 40 2.49 -30.38 13.65
CA LYS D 40 1.24 -30.21 12.94
C LYS D 40 0.13 -29.40 13.61
N ASP D 41 -0.32 -29.70 14.83
CA ASP D 41 -1.31 -28.85 15.45
C ASP D 41 -0.88 -27.41 15.57
N ARG D 42 0.40 -27.10 15.72
CA ARG D 42 0.85 -25.70 15.78
C ARG D 42 0.56 -25.08 14.41
N THR D 43 0.81 -25.73 13.26
CA THR D 43 0.57 -25.18 11.96
C THR D 43 -0.91 -25.02 11.76
N LYS D 44 -1.75 -25.90 12.32
CA LYS D 44 -3.20 -25.72 12.29
C LYS D 44 -3.72 -24.53 13.08
N GLY D 45 -3.21 -24.34 14.28
CA GLY D 45 -3.62 -23.22 15.11
C GLY D 45 -3.14 -21.89 14.55
N ASP D 46 -1.98 -21.88 13.90
CA ASP D 46 -1.45 -20.63 13.38
C ASP D 46 -2.18 -20.22 12.09
N ALA D 47 -2.50 -21.17 11.21
CA ALA D 47 -3.32 -20.90 10.06
C ALA D 47 -4.67 -20.29 10.43
N LEU D 48 -5.29 -20.74 11.50
CA LEU D 48 -6.54 -20.18 11.99
C LEU D 48 -6.43 -18.79 12.51
N ASP D 49 -5.34 -18.57 13.23
CA ASP D 49 -5.10 -17.25 13.79
C ASP D 49 -4.78 -16.24 12.69
N LEU D 50 -3.88 -16.66 11.79
CA LEU D 50 -3.43 -15.86 10.67
C LEU D 50 -4.57 -15.50 9.74
N GLU D 51 -5.42 -16.47 9.39
CA GLU D 51 -6.49 -16.19 8.45
C GLU D 51 -7.47 -15.15 8.93
N ASP D 52 -7.57 -14.91 10.23
CA ASP D 52 -8.39 -13.85 10.74
C ASP D 52 -7.94 -12.45 10.38
N ALA D 53 -6.70 -12.31 9.92
CA ALA D 53 -6.20 -11.02 9.46
C ALA D 53 -6.83 -10.52 8.16
N GLN D 54 -7.41 -11.47 7.42
CA GLN D 54 -8.02 -11.23 6.14
C GLN D 54 -9.17 -10.26 6.10
N ALA D 55 -10.04 -10.19 7.11
CA ALA D 55 -11.18 -9.29 7.01
C ALA D 55 -10.77 -7.84 6.85
N PHE D 56 -9.59 -7.51 7.35
CA PHE D 56 -9.09 -6.16 7.28
C PHE D 56 -7.82 -6.01 6.48
N THR D 57 -7.39 -7.01 5.74
CA THR D 57 -6.20 -6.79 4.94
C THR D 57 -6.51 -7.28 3.52
N ALA D 58 -6.22 -8.47 3.06
CA ALA D 58 -6.47 -8.85 1.70
C ALA D 58 -6.79 -10.31 1.74
N PRO D 59 -7.60 -10.93 0.89
CA PRO D 59 -7.86 -12.34 0.98
C PRO D 59 -6.62 -13.19 0.69
N LYS D 60 -6.54 -14.28 1.45
CA LYS D 60 -5.44 -15.25 1.35
C LYS D 60 -5.91 -16.61 1.84
N LYS D 61 -5.66 -17.67 1.08
CA LYS D 61 -5.99 -19.03 1.51
C LYS D 61 -4.85 -19.61 2.36
N ILE D 62 -4.99 -19.56 3.68
CA ILE D 62 -3.95 -19.96 4.58
C ILE D 62 -4.36 -21.27 5.27
N TYR D 63 -3.52 -22.27 5.14
CA TYR D 63 -3.81 -23.52 5.84
C TYR D 63 -2.55 -24.32 6.18
N SER D 64 -2.76 -25.29 7.09
CA SER D 64 -1.72 -26.22 7.53
C SER D 64 -1.53 -27.32 6.51
N GLY D 65 -0.33 -27.66 6.07
CA GLY D 65 -0.17 -28.73 5.11
C GLY D 65 0.99 -29.68 5.41
N GLU D 66 1.39 -30.34 4.35
CA GLU D 66 2.49 -31.27 4.32
C GLU D 66 3.43 -30.99 3.15
N TYR D 67 4.56 -31.67 3.02
CA TYR D 67 5.51 -31.43 1.93
C TYR D 67 4.93 -31.66 0.57
N SER D 68 3.96 -32.56 0.44
CA SER D 68 3.34 -32.82 -0.87
C SER D 68 2.62 -31.58 -1.40
N ASP D 69 2.21 -30.65 -0.52
CA ASP D 69 1.63 -29.40 -0.93
C ASP D 69 2.57 -28.47 -1.66
N CYS D 70 3.86 -28.78 -1.69
CA CYS D 70 4.84 -28.01 -2.45
C CYS D 70 4.78 -28.32 -3.93
N LYS D 71 4.06 -29.34 -4.38
CA LYS D 71 4.04 -29.70 -5.78
C LYS D 71 3.94 -28.57 -6.82
N ASP D 72 3.00 -27.68 -6.57
CA ASP D 72 2.79 -26.60 -7.50
C ASP D 72 3.01 -25.24 -6.87
N ALA D 73 3.84 -25.22 -5.84
CA ALA D 73 4.16 -23.98 -5.16
C ALA D 73 5.14 -23.18 -5.97
N ASP D 74 5.09 -21.87 -5.83
CA ASP D 74 5.99 -20.96 -6.54
C ASP D 74 7.22 -20.70 -5.70
N LEU D 75 7.00 -20.66 -4.38
CA LEU D 75 8.06 -20.38 -3.46
C LEU D 75 7.97 -21.26 -2.20
N VAL D 76 9.10 -21.88 -1.78
CA VAL D 76 9.16 -22.59 -0.52
C VAL D 76 10.14 -21.82 0.35
N VAL D 77 9.70 -21.39 1.51
CA VAL D 77 10.55 -20.67 2.45
C VAL D 77 10.91 -21.61 3.63
N ILE D 78 12.18 -21.91 3.78
CA ILE D 78 12.66 -22.77 4.86
C ILE D 78 13.17 -21.98 6.05
N THR D 79 12.38 -21.95 7.11
CA THR D 79 12.87 -21.30 8.31
C THR D 79 13.10 -22.34 9.41
N ALA D 80 12.74 -23.61 9.18
CA ALA D 80 12.97 -24.66 10.17
C ALA D 80 14.38 -24.88 10.67
N GLY D 81 14.54 -24.76 11.98
CA GLY D 81 15.83 -25.00 12.61
C GLY D 81 15.78 -25.21 14.12
N ALA D 82 16.85 -25.75 14.64
CA ALA D 82 17.03 -25.87 16.08
C ALA D 82 18.00 -24.80 16.59
N PRO D 83 17.77 -24.23 17.75
CA PRO D 83 18.62 -23.18 18.28
C PRO D 83 19.92 -23.68 18.89
N GLN D 84 21.00 -22.89 18.91
CA GLN D 84 22.22 -23.27 19.64
C GLN D 84 22.02 -23.29 21.17
N LYS D 85 22.33 -24.44 21.79
CA LYS D 85 22.22 -24.56 23.25
C LYS D 85 23.40 -23.98 24.05
N PRO D 86 23.32 -23.60 25.34
CA PRO D 86 24.54 -23.32 26.13
C PRO D 86 25.51 -24.52 26.16
N GLY D 87 26.82 -24.32 25.98
CA GLY D 87 27.76 -25.43 25.98
C GLY D 87 27.96 -26.10 24.63
N GLU D 88 26.98 -26.02 23.73
CA GLU D 88 27.10 -26.59 22.38
C GLU D 88 28.02 -25.88 21.37
N SER D 89 28.75 -26.60 20.56
CA SER D 89 29.68 -25.96 19.64
C SER D 89 29.05 -25.37 18.36
N ARG D 90 29.67 -24.40 17.67
CA ARG D 90 29.10 -23.84 16.42
C ARG D 90 28.86 -24.92 15.36
N LEU D 91 29.81 -25.83 15.22
CA LEU D 91 29.66 -26.96 14.32
C LEU D 91 28.53 -27.90 14.76
N ASP D 92 28.17 -27.97 16.06
CA ASP D 92 27.00 -28.78 16.37
C ASP D 92 25.71 -28.09 16.00
N LEU D 93 25.62 -26.75 16.10
CA LEU D 93 24.48 -26.03 15.48
C LEU D 93 24.38 -26.36 13.99
N VAL D 94 25.50 -26.36 13.29
CA VAL D 94 25.49 -26.74 11.89
C VAL D 94 25.02 -28.16 11.65
N ASN D 95 25.53 -29.06 12.49
CA ASN D 95 25.19 -30.46 12.43
C ASN D 95 23.72 -30.77 12.60
N LYS D 96 23.05 -30.31 13.63
CA LYS D 96 21.65 -30.68 13.74
C LYS D 96 20.78 -30.06 12.69
N ASN D 97 21.10 -28.81 12.33
CA ASN D 97 20.36 -28.12 11.27
C ASN D 97 20.58 -28.70 9.91
N LEU D 98 21.76 -29.22 9.59
CA LEU D 98 21.92 -29.96 8.33
C LEU D 98 21.08 -31.22 8.29
N ASN D 99 20.95 -31.83 9.45
CA ASN D 99 20.11 -33.00 9.59
C ASN D 99 18.63 -32.69 9.38
N ILE D 100 18.12 -31.66 10.06
CA ILE D 100 16.78 -31.17 9.85
C ILE D 100 16.54 -30.80 8.38
N LEU D 101 17.46 -30.05 7.80
CA LEU D 101 17.35 -29.64 6.42
C LEU D 101 17.28 -30.82 5.46
N SER D 102 18.10 -31.85 5.69
CA SER D 102 18.07 -32.96 4.75
C SER D 102 16.75 -33.71 4.81
N SER D 103 16.06 -33.61 5.93
CA SER D 103 14.73 -34.20 6.07
C SER D 103 13.65 -33.36 5.37
N ILE D 104 13.89 -32.06 5.17
CA ILE D 104 12.96 -31.16 4.49
C ILE D 104 13.08 -31.18 2.98
N VAL D 105 14.28 -30.91 2.47
CA VAL D 105 14.51 -30.75 1.04
C VAL D 105 14.12 -31.92 0.15
N LYS D 106 14.46 -33.14 0.56
CA LYS D 106 14.19 -34.28 -0.29
C LYS D 106 12.70 -34.49 -0.53
N PRO D 107 11.81 -34.54 0.46
CA PRO D 107 10.37 -34.59 0.21
C PRO D 107 9.83 -33.38 -0.51
N VAL D 108 10.31 -32.15 -0.22
CA VAL D 108 9.90 -30.97 -1.00
C VAL D 108 10.19 -31.20 -2.48
N VAL D 109 11.39 -31.61 -2.87
CA VAL D 109 11.71 -31.87 -4.29
C VAL D 109 10.92 -33.05 -4.87
N ASP D 110 10.76 -34.13 -4.11
CA ASP D 110 9.97 -35.27 -4.56
C ASP D 110 8.50 -34.94 -4.75
N SER D 111 7.98 -33.86 -4.15
CA SER D 111 6.59 -33.50 -4.42
C SER D 111 6.43 -33.03 -5.86
N GLY D 112 7.51 -32.74 -6.57
CA GLY D 112 7.42 -32.20 -7.92
C GLY D 112 7.63 -30.68 -7.90
N PHE D 113 7.83 -30.07 -6.73
CA PHE D 113 8.12 -28.66 -6.65
C PHE D 113 9.26 -28.23 -7.56
N ASP D 114 9.07 -27.14 -8.31
CA ASP D 114 10.16 -26.53 -9.05
C ASP D 114 10.13 -25.01 -9.13
N GLY D 115 9.75 -24.42 -8.02
CA GLY D 115 9.82 -22.98 -7.88
C GLY D 115 11.14 -22.56 -7.26
N ILE D 116 11.08 -21.57 -6.39
CA ILE D 116 12.29 -21.07 -5.79
C ILE D 116 12.32 -21.38 -4.29
N PHE D 117 13.53 -21.74 -3.83
CA PHE D 117 13.76 -21.84 -2.40
C PHE D 117 14.26 -20.57 -1.79
N LEU D 118 13.63 -20.12 -0.72
CA LEU D 118 14.19 -19.00 0.05
C LEU D 118 14.60 -19.53 1.42
N VAL D 119 15.89 -19.51 1.78
CA VAL D 119 16.36 -20.15 3.00
C VAL D 119 16.76 -19.15 4.04
N ALA D 120 16.16 -19.31 5.21
CA ALA D 120 16.41 -18.43 6.31
C ALA D 120 16.84 -19.17 7.58
N ALA D 121 16.80 -20.49 7.61
CA ALA D 121 17.23 -21.27 8.79
C ALA D 121 18.69 -21.05 9.18
N ASN D 122 19.03 -20.80 10.44
CA ASN D 122 20.46 -20.69 10.75
C ASN D 122 21.35 -21.91 11.01
N PRO D 123 22.66 -21.88 10.76
CA PRO D 123 23.36 -20.75 10.14
C PRO D 123 23.08 -20.62 8.62
N VAL D 124 22.53 -19.45 8.24
CA VAL D 124 21.91 -19.30 6.93
C VAL D 124 22.75 -19.49 5.67
N ASP D 125 24.01 -19.01 5.63
CA ASP D 125 24.84 -19.27 4.45
C ASP D 125 25.19 -20.73 4.21
N ILE D 126 25.46 -21.46 5.33
CA ILE D 126 25.73 -22.89 5.26
C ILE D 126 24.49 -23.61 4.84
N LEU D 127 23.35 -23.30 5.46
CA LEU D 127 22.14 -24.02 5.08
C LEU D 127 21.57 -23.67 3.70
N THR D 128 21.89 -22.45 3.22
CA THR D 128 21.50 -22.08 1.86
C THR D 128 22.35 -22.89 0.88
N TYR D 129 23.68 -23.00 1.09
CA TYR D 129 24.48 -23.85 0.21
C TYR D 129 24.01 -25.30 0.25
N ALA D 130 23.74 -25.81 1.45
CA ALA D 130 23.27 -27.18 1.55
C ALA D 130 21.92 -27.40 0.89
N THR D 131 20.99 -26.43 0.96
CA THR D 131 19.71 -26.53 0.21
C THR D 131 19.99 -26.61 -1.28
N TRP D 132 20.96 -25.86 -1.79
CA TRP D 132 21.32 -25.94 -3.21
C TRP D 132 21.81 -27.34 -3.57
N LYS D 133 22.76 -27.77 -2.75
CA LYS D 133 23.37 -29.10 -2.90
C LYS D 133 22.35 -30.21 -2.78
N PHE D 134 21.50 -30.23 -1.75
CA PHE D 134 20.52 -31.31 -1.60
C PHE D 134 19.41 -31.29 -2.60
N SER D 135 18.97 -30.11 -3.05
CA SER D 135 17.88 -30.03 -4.02
C SER D 135 18.28 -30.33 -5.44
N GLY D 136 19.52 -30.00 -5.79
CA GLY D 136 19.95 -30.12 -7.19
C GLY D 136 19.38 -29.00 -8.08
N PHE D 137 18.77 -27.96 -7.48
CA PHE D 137 18.23 -26.84 -8.20
C PHE D 137 19.31 -25.93 -8.74
N PRO D 138 19.05 -25.14 -9.80
CA PRO D 138 19.97 -24.11 -10.26
C PRO D 138 20.30 -23.15 -9.13
N LYS D 139 21.50 -22.60 -9.07
CA LYS D 139 21.88 -21.65 -8.05
C LYS D 139 20.95 -20.43 -7.91
N GLU D 140 20.40 -20.01 -9.03
CA GLU D 140 19.53 -18.84 -9.03
C GLU D 140 18.16 -19.12 -8.46
N ARG D 141 17.77 -20.39 -8.39
CA ARG D 141 16.51 -20.78 -7.77
C ARG D 141 16.66 -21.13 -6.29
N VAL D 142 17.83 -20.85 -5.69
CA VAL D 142 18.03 -21.10 -4.26
C VAL D 142 18.64 -19.82 -3.72
N ILE D 143 17.88 -19.10 -2.91
CA ILE D 143 18.30 -17.78 -2.45
C ILE D 143 18.31 -17.80 -0.92
N GLY D 144 19.37 -17.29 -0.29
CA GLY D 144 19.34 -17.25 1.14
C GLY D 144 19.10 -15.88 1.65
N SER D 145 18.69 -15.73 2.91
CA SER D 145 18.49 -14.38 3.43
C SER D 145 19.81 -13.67 3.67
N GLY D 146 20.94 -14.37 3.63
CA GLY D 146 22.26 -13.79 3.80
C GLY D 146 22.34 -12.71 4.85
N THR D 147 22.88 -11.55 4.50
CA THR D 147 22.96 -10.43 5.45
C THR D 147 21.81 -9.41 5.38
N SER D 148 20.66 -9.79 4.82
CA SER D 148 19.54 -8.86 4.79
C SER D 148 19.05 -8.36 6.13
N LEU D 149 18.92 -9.22 7.14
CA LEU D 149 18.50 -8.71 8.45
C LEU D 149 19.55 -7.77 9.07
N ASP D 150 20.81 -8.16 9.07
CA ASP D 150 21.79 -7.30 9.70
C ASP D 150 22.06 -6.02 8.93
N SER D 151 21.98 -6.08 7.60
CA SER D 151 22.02 -4.85 6.79
C SER D 151 20.85 -3.92 7.15
N SER D 152 19.63 -4.42 7.35
CA SER D 152 18.55 -3.58 7.87
C SER D 152 18.87 -3.01 9.22
N ARG D 153 19.48 -3.79 10.12
CA ARG D 153 19.81 -3.22 11.45
C ARG D 153 20.88 -2.12 11.29
N LEU D 154 21.86 -2.28 10.39
CA LEU D 154 22.82 -1.20 10.08
C LEU D 154 22.11 0.04 9.52
N ARG D 155 21.21 -0.14 8.54
CA ARG D 155 20.40 0.96 8.02
C ARG D 155 19.59 1.68 9.09
N VAL D 156 18.92 0.94 9.98
CA VAL D 156 18.19 1.53 11.12
C VAL D 156 19.09 2.35 12.04
N ALA D 157 20.27 1.79 12.31
CA ALA D 157 21.26 2.45 13.16
C ALA D 157 21.87 3.70 12.56
N LEU D 158 22.36 3.63 11.30
CA LEU D 158 22.85 4.81 10.61
C LEU D 158 21.72 5.84 10.44
N GLY D 159 20.48 5.36 10.20
CA GLY D 159 19.33 6.24 10.05
C GLY D 159 19.05 7.00 11.31
N LYS D 160 19.20 6.29 12.39
CA LYS D 160 18.99 6.93 13.70
C LYS D 160 20.09 7.93 14.07
N GLN D 161 21.33 7.55 13.80
CA GLN D 161 22.47 8.44 13.99
C GLN D 161 22.39 9.72 13.14
N PHE D 162 22.02 9.56 11.89
CA PHE D 162 21.98 10.69 10.98
C PHE D 162 20.61 11.29 10.65
N ASN D 163 19.56 10.95 11.41
CA ASN D 163 18.20 11.48 11.22
C ASN D 163 17.62 11.39 9.80
N VAL D 164 17.83 10.21 9.27
CA VAL D 164 17.40 9.83 7.93
C VAL D 164 16.52 8.59 8.04
N ASP D 165 15.55 8.46 7.16
CA ASP D 165 14.83 7.24 6.97
C ASP D 165 15.79 6.05 6.69
N PRO D 166 15.71 4.90 7.35
CA PRO D 166 16.54 3.73 7.07
C PRO D 166 16.50 3.32 5.61
N ARG D 167 15.36 3.52 4.93
CA ARG D 167 15.31 3.14 3.52
C ARG D 167 16.18 4.01 2.61
N SER D 168 16.59 5.18 3.06
CA SER D 168 17.50 6.06 2.33
C SER D 168 18.97 5.85 2.72
N VAL D 169 19.32 4.81 3.50
CA VAL D 169 20.73 4.56 3.87
C VAL D 169 21.14 3.44 2.98
N ASP D 170 22.07 3.66 2.07
CA ASP D 170 22.50 2.59 1.18
C ASP D 170 23.73 1.92 1.83
N ALA D 171 23.49 0.92 2.65
CA ALA D 171 24.55 0.29 3.42
C ALA D 171 24.35 -1.20 3.63
N TYR D 172 25.45 -1.93 3.55
CA TYR D 172 25.44 -3.38 3.68
C TYR D 172 26.28 -3.91 4.81
N ILE D 173 25.80 -4.94 5.52
CA ILE D 173 26.65 -5.74 6.40
C ILE D 173 27.20 -6.85 5.49
N MET D 174 28.52 -7.02 5.51
CA MET D 174 29.16 -8.10 4.78
C MET D 174 29.90 -9.14 5.67
N GLY D 175 30.35 -10.23 5.08
CA GLY D 175 30.93 -11.32 5.84
C GLY D 175 29.87 -12.35 6.24
N GLU D 176 30.29 -13.43 6.88
CA GLU D 176 29.37 -14.44 7.31
C GLU D 176 28.74 -13.97 8.60
N HIS D 177 27.44 -14.01 8.41
CA HIS D 177 26.39 -13.56 9.32
C HIS D 177 26.54 -13.77 10.85
N GLY D 178 27.58 -13.25 11.47
CA GLY D 178 27.74 -13.32 12.92
C GLY D 178 29.15 -13.07 13.39
N ASP D 179 29.43 -12.08 14.23
CA ASP D 179 30.75 -11.81 14.81
C ASP D 179 31.95 -11.55 13.90
N SER D 180 32.19 -12.31 12.85
CA SER D 180 33.18 -11.97 11.81
C SER D 180 32.66 -10.98 10.76
N GLU D 181 31.36 -10.67 10.81
CA GLU D 181 30.74 -9.75 9.88
C GLU D 181 31.09 -8.29 10.17
N PHE D 182 31.00 -7.45 9.17
CA PHE D 182 31.32 -6.03 9.35
C PHE D 182 30.41 -5.14 8.52
N ALA D 183 30.31 -3.89 8.94
CA ALA D 183 29.72 -2.80 8.14
C ALA D 183 30.58 -2.44 6.93
N ALA D 184 30.11 -2.65 5.69
CA ALA D 184 30.90 -2.24 4.53
C ALA D 184 30.80 -0.70 4.33
N TYR D 185 31.36 0.06 5.28
CA TYR D 185 31.31 1.50 5.27
C TYR D 185 31.89 2.17 4.03
N SER D 186 32.87 1.53 3.41
CA SER D 186 33.53 2.16 2.28
C SER D 186 32.58 2.23 1.10
N THR D 187 31.61 1.33 0.97
CA THR D 187 30.65 1.42 -0.12
C THR D 187 29.28 1.89 0.34
N ALA D 188 29.22 2.46 1.54
CA ALA D 188 27.97 2.95 2.12
C ALA D 188 27.74 4.43 1.91
N THR D 189 26.48 4.79 1.56
CA THR D 189 26.13 6.18 1.30
C THR D 189 24.76 6.60 1.73
N ILE D 190 24.62 7.91 1.96
CA ILE D 190 23.32 8.53 2.24
C ILE D 190 23.20 9.73 1.28
N GLY D 191 22.28 9.71 0.33
CA GLY D 191 22.13 10.78 -0.66
C GLY D 191 23.35 10.91 -1.57
N THR D 192 23.90 9.73 -1.93
CA THR D 192 25.16 9.48 -2.64
C THR D 192 26.43 9.94 -1.91
N ARG D 193 26.36 10.58 -0.74
CA ARG D 193 27.55 10.98 -0.04
C ARG D 193 28.05 9.81 0.84
N PRO D 194 29.36 9.46 0.87
CA PRO D 194 29.94 8.43 1.75
C PRO D 194 29.62 8.59 3.21
N VAL D 195 29.14 7.50 3.85
CA VAL D 195 28.77 7.54 5.29
C VAL D 195 29.91 8.08 6.16
N ARG D 196 31.15 7.73 5.85
CA ARG D 196 32.29 8.26 6.63
C ARG D 196 32.43 9.77 6.51
N ASP D 197 32.16 10.33 5.32
CA ASP D 197 32.18 11.80 5.19
C ASP D 197 31.03 12.47 5.91
N VAL D 198 29.80 11.92 5.78
CA VAL D 198 28.67 12.44 6.55
C VAL D 198 29.01 12.39 8.03
N ALA D 199 29.62 11.28 8.44
CA ALA D 199 30.02 11.09 9.85
C ALA D 199 31.00 12.16 10.33
N LYS D 200 32.18 12.23 9.69
CA LYS D 200 33.24 13.22 9.97
C LYS D 200 32.64 14.63 10.07
N GLU D 201 31.87 14.98 9.03
CA GLU D 201 31.13 16.24 8.92
C GLU D 201 30.27 16.57 10.10
N GLN D 202 29.57 15.58 10.64
CA GLN D 202 28.68 15.79 11.77
C GLN D 202 29.28 15.48 13.13
N GLY D 203 30.59 15.32 13.22
CA GLY D 203 31.20 15.03 14.53
C GLY D 203 31.12 13.56 14.98
N VAL D 204 30.83 12.63 14.09
CA VAL D 204 30.78 11.22 14.41
C VAL D 204 32.09 10.63 13.91
N SER D 205 32.87 10.22 14.90
CA SER D 205 34.19 9.64 14.64
C SER D 205 34.20 8.22 14.12
N ASP D 206 35.29 7.78 13.50
CA ASP D 206 35.38 6.37 13.12
C ASP D 206 35.23 5.35 14.27
N ASP D 207 35.58 5.78 15.48
CA ASP D 207 35.32 5.02 16.69
C ASP D 207 33.84 4.88 16.95
N ASP D 208 33.13 6.01 16.83
CA ASP D 208 31.67 6.00 16.95
C ASP D 208 31.04 5.05 15.96
N LEU D 209 31.55 5.03 14.72
CA LEU D 209 31.06 4.13 13.69
C LEU D 209 31.39 2.68 14.01
N ALA D 210 32.52 2.45 14.65
CA ALA D 210 32.90 1.11 15.08
C ALA D 210 31.98 0.61 16.20
N LYS D 211 31.67 1.45 17.19
CA LYS D 211 30.67 1.13 18.21
C LYS D 211 29.28 0.86 17.61
N LEU D 212 28.89 1.64 16.60
CA LEU D 212 27.60 1.50 15.92
C LEU D 212 27.54 0.14 15.25
N GLU D 213 28.62 -0.21 14.59
CA GLU D 213 28.74 -1.51 13.94
C GLU D 213 28.71 -2.66 14.96
N ASP D 214 29.30 -2.43 16.14
CA ASP D 214 29.20 -3.40 17.23
C ASP D 214 27.80 -3.58 17.72
N GLY D 215 27.04 -2.50 17.86
CA GLY D 215 25.65 -2.58 18.24
C GLY D 215 24.89 -3.47 17.27
N VAL D 216 25.08 -3.25 15.97
CA VAL D 216 24.42 -4.07 14.97
C VAL D 216 24.79 -5.55 15.12
N ARG D 217 26.07 -5.81 15.34
CA ARG D 217 26.57 -7.17 15.48
C ARG D 217 26.03 -7.89 16.72
N ASN D 218 25.82 -7.12 17.78
CA ASN D 218 25.27 -7.63 19.01
C ASN D 218 23.77 -7.52 19.14
N LYS D 219 23.06 -6.94 18.18
CA LYS D 219 21.63 -6.68 18.37
C LYS D 219 20.79 -7.93 18.57
N ALA D 220 21.07 -9.02 17.87
CA ALA D 220 20.34 -10.26 18.07
C ALA D 220 20.44 -10.75 19.53
N TYR D 221 21.69 -10.77 19.99
CA TYR D 221 22.01 -11.11 21.36
C TYR D 221 21.27 -10.21 22.35
N ASP D 222 21.30 -8.89 22.14
CA ASP D 222 20.59 -7.99 23.05
C ASP D 222 19.10 -8.15 23.08
N ILE D 223 18.48 -8.41 21.93
CA ILE D 223 17.03 -8.58 21.85
C ILE D 223 16.69 -9.88 22.58
N ILE D 224 17.42 -10.96 22.29
CA ILE D 224 17.20 -12.23 23.01
C ILE D 224 17.38 -12.03 24.52
N ASN D 225 18.39 -11.30 25.02
CA ASN D 225 18.46 -10.99 26.45
C ASN D 225 17.29 -10.20 27.04
N LEU D 226 16.66 -9.35 26.24
CA LEU D 226 15.61 -8.52 26.76
C LEU D 226 14.24 -9.16 26.68
N LYS D 227 13.97 -9.85 25.59
CA LYS D 227 12.63 -10.42 25.40
C LYS D 227 12.63 -11.87 24.97
N GLY D 228 13.78 -12.54 24.90
CA GLY D 228 13.82 -13.98 24.69
C GLY D 228 13.99 -14.46 23.28
N ALA D 229 13.63 -13.68 22.29
CA ALA D 229 13.74 -14.11 20.91
C ALA D 229 13.65 -12.91 19.97
N THR D 230 14.17 -13.05 18.76
CA THR D 230 14.15 -12.00 17.78
C THR D 230 13.66 -12.55 16.46
N PHE D 231 12.56 -11.95 15.97
CA PHE D 231 11.91 -12.40 14.74
C PHE D 231 11.22 -11.36 13.82
N TYR D 232 10.94 -10.14 14.27
CA TYR D 232 10.28 -9.17 13.38
C TYR D 232 11.08 -8.68 12.19
N GLY D 233 12.37 -8.44 12.41
CA GLY D 233 13.23 -8.02 11.32
C GLY D 233 13.38 -9.05 10.24
N ILE D 234 13.55 -10.34 10.55
CA ILE D 234 13.77 -11.31 9.49
C ILE D 234 12.44 -11.72 8.91
N GLY D 235 11.34 -11.65 9.64
CA GLY D 235 10.03 -11.87 9.03
C GLY D 235 9.76 -10.82 7.94
N THR D 236 10.04 -9.55 8.24
CA THR D 236 9.94 -8.49 7.21
C THR D 236 10.94 -8.68 6.07
N ALA D 237 12.25 -8.93 6.32
CA ALA D 237 13.18 -9.18 5.24
C ALA D 237 12.79 -10.32 4.32
N LEU D 238 12.25 -11.38 4.89
CA LEU D 238 11.76 -12.50 4.09
C LEU D 238 10.53 -12.10 3.24
N MET D 239 9.66 -11.28 3.77
CA MET D 239 8.54 -10.76 2.97
C MET D 239 9.06 -9.87 1.83
N ARG D 240 10.06 -8.98 2.07
CA ARG D 240 10.62 -8.14 1.03
C ARG D 240 11.30 -8.94 -0.05
N ILE D 241 12.06 -9.99 0.25
CA ILE D 241 12.63 -10.81 -0.82
C ILE D 241 11.54 -11.57 -1.55
N SER D 242 10.52 -12.05 -0.84
CA SER D 242 9.40 -12.76 -1.49
C SER D 242 8.65 -11.85 -2.45
N LYS D 243 8.46 -10.60 -2.05
CA LYS D 243 7.84 -9.58 -2.89
C LYS D 243 8.68 -9.34 -4.17
N ALA D 244 9.99 -9.13 -4.06
CA ALA D 244 10.81 -8.99 -5.26
C ALA D 244 10.72 -10.17 -6.21
N ILE D 245 10.55 -11.38 -5.70
CA ILE D 245 10.37 -12.55 -6.53
C ILE D 245 8.99 -12.61 -7.18
N LEU D 246 7.97 -12.49 -6.33
CA LEU D 246 6.60 -12.73 -6.78
C LEU D 246 5.97 -11.59 -7.61
N ARG D 247 6.49 -10.38 -7.41
CA ARG D 247 6.11 -9.23 -8.22
C ARG D 247 7.17 -8.94 -9.27
N ASP D 248 7.97 -9.92 -9.66
CA ASP D 248 9.09 -9.80 -10.59
C ASP D 248 9.80 -8.46 -10.63
N GLU D 249 10.27 -7.97 -9.52
CA GLU D 249 10.79 -6.64 -9.51
C GLU D 249 12.18 -6.31 -10.02
N ASN D 250 13.07 -7.29 -10.09
CA ASN D 250 14.51 -7.03 -10.32
C ASN D 250 15.04 -5.96 -9.39
N ALA D 251 14.62 -6.09 -8.14
CA ALA D 251 15.04 -5.18 -7.09
C ALA D 251 16.41 -5.54 -6.56
N VAL D 252 17.24 -4.58 -6.15
CA VAL D 252 18.52 -4.89 -5.53
C VAL D 252 18.35 -5.10 -4.01
N LEU D 253 18.63 -6.33 -3.56
CA LEU D 253 18.48 -6.64 -2.15
C LEU D 253 19.73 -7.30 -1.56
N PRO D 254 19.99 -7.20 -0.25
CA PRO D 254 21.01 -8.02 0.39
C PRO D 254 20.55 -9.47 0.41
N VAL D 255 21.08 -10.41 -0.38
CA VAL D 255 20.72 -11.81 -0.19
C VAL D 255 21.96 -12.71 -0.08
N GLY D 256 21.75 -14.02 0.07
CA GLY D 256 22.87 -14.92 0.05
C GLY D 256 22.87 -15.55 -1.33
N ALA D 257 24.02 -15.47 -2.00
CA ALA D 257 24.10 -16.02 -3.35
C ALA D 257 25.37 -16.84 -3.55
N TYR D 258 25.39 -17.72 -4.52
CA TYR D 258 26.53 -18.54 -4.84
C TYR D 258 27.71 -17.75 -5.43
N MET D 259 28.87 -17.79 -4.75
CA MET D 259 30.05 -17.10 -5.26
C MET D 259 30.75 -17.88 -6.35
N ASP D 260 30.85 -17.17 -7.46
CA ASP D 260 31.56 -17.66 -8.61
C ASP D 260 32.69 -16.75 -9.07
N GLY D 261 33.52 -16.39 -8.12
CA GLY D 261 34.61 -15.50 -8.41
C GLY D 261 34.46 -14.17 -7.69
N GLN D 262 33.25 -13.73 -7.47
CA GLN D 262 33.04 -12.44 -6.85
C GLN D 262 33.73 -12.35 -5.50
N TYR D 263 34.28 -11.19 -5.17
CA TYR D 263 35.04 -10.96 -3.93
C TYR D 263 36.25 -11.88 -3.76
N GLY D 264 36.60 -12.62 -4.82
CA GLY D 264 37.69 -13.57 -4.77
C GLY D 264 37.25 -14.88 -4.10
N LEU D 265 35.94 -15.14 -4.10
CA LEU D 265 35.36 -16.31 -3.46
C LEU D 265 34.78 -17.27 -4.45
N ASN D 266 34.72 -18.52 -4.04
CA ASN D 266 34.19 -19.63 -4.83
C ASN D 266 33.52 -20.73 -4.00
N ASP D 267 32.48 -21.31 -4.59
CA ASP D 267 31.71 -22.45 -4.06
C ASP D 267 31.24 -22.42 -2.60
N ILE D 268 30.84 -21.20 -2.25
CA ILE D 268 30.11 -20.93 -1.02
C ILE D 268 28.94 -19.99 -1.33
N TYR D 269 27.89 -19.99 -0.53
CA TYR D 269 26.86 -18.96 -0.57
C TYR D 269 27.24 -17.95 0.47
N ILE D 270 27.22 -16.68 0.12
CA ILE D 270 27.41 -15.65 1.13
C ILE D 270 26.62 -14.36 0.81
N GLY D 271 26.51 -13.44 1.75
CA GLY D 271 25.76 -12.20 1.55
C GLY D 271 26.36 -11.26 0.54
N THR D 272 25.54 -10.79 -0.40
CA THR D 272 25.92 -9.85 -1.47
C THR D 272 24.75 -8.91 -1.79
N PRO D 273 24.92 -7.68 -2.30
CA PRO D 273 23.91 -7.08 -3.18
C PRO D 273 23.60 -7.99 -4.37
N ALA D 274 22.35 -8.14 -4.71
CA ALA D 274 22.01 -8.89 -5.90
C ALA D 274 20.65 -8.42 -6.46
N ILE D 275 20.37 -8.64 -7.72
CA ILE D 275 19.10 -8.29 -8.33
C ILE D 275 18.18 -9.51 -8.26
N ILE D 276 17.03 -9.33 -7.64
CA ILE D 276 16.06 -10.42 -7.44
C ILE D 276 14.78 -10.25 -8.24
N GLY D 277 14.37 -11.27 -8.97
CA GLY D 277 13.16 -11.15 -9.77
C GLY D 277 12.38 -12.43 -9.84
N GLY D 278 11.47 -12.53 -10.76
CA GLY D 278 10.51 -13.64 -10.84
C GLY D 278 11.08 -15.01 -11.12
N THR D 279 12.30 -15.07 -11.67
CA THR D 279 13.00 -16.34 -11.90
C THR D 279 14.01 -16.66 -10.79
N GLY D 280 14.11 -15.80 -9.81
CA GLY D 280 15.04 -15.96 -8.72
C GLY D 280 16.12 -14.89 -8.72
N LEU D 281 17.37 -15.29 -8.46
CA LEU D 281 18.46 -14.35 -8.51
C LEU D 281 18.81 -14.05 -9.97
N LYS D 282 18.73 -12.78 -10.36
CA LYS D 282 19.02 -12.41 -11.74
C LYS D 282 20.53 -12.22 -11.90
N GLN D 283 21.14 -11.46 -11.00
CA GLN D 283 22.58 -11.34 -10.99
C GLN D 283 23.15 -10.78 -9.70
N ILE D 284 24.35 -11.21 -9.39
CA ILE D 284 25.09 -10.77 -8.21
C ILE D 284 25.71 -9.42 -8.46
N ILE D 285 25.70 -8.50 -7.54
CA ILE D 285 26.42 -7.27 -7.74
C ILE D 285 27.51 -7.21 -6.66
N GLU D 286 28.74 -7.17 -7.12
CA GLU D 286 29.88 -7.11 -6.25
C GLU D 286 30.12 -5.74 -5.69
N SER D 287 29.79 -5.49 -4.44
CA SER D 287 30.11 -4.20 -3.79
C SER D 287 31.60 -3.91 -3.85
N PRO D 288 32.06 -2.78 -4.39
CA PRO D 288 33.48 -2.48 -4.57
C PRO D 288 34.21 -2.19 -3.26
N LEU D 289 34.35 -3.22 -2.42
CA LEU D 289 34.89 -3.03 -1.07
C LEU D 289 36.29 -2.43 -1.01
N SER D 290 36.62 -1.64 -0.01
CA SER D 290 38.01 -1.21 0.17
C SER D 290 38.94 -2.41 0.41
N ALA D 291 40.28 -2.32 0.26
CA ALA D 291 41.15 -3.48 0.48
C ALA D 291 41.00 -4.07 1.88
N ASP D 292 40.89 -3.23 2.89
CA ASP D 292 40.63 -3.72 4.24
C ASP D 292 39.35 -4.52 4.42
N GLU D 293 38.25 -3.94 3.91
CA GLU D 293 36.97 -4.61 3.90
C GLU D 293 36.98 -5.89 3.10
N LEU D 294 37.66 -5.93 1.97
CA LEU D 294 37.72 -7.17 1.22
C LEU D 294 38.51 -8.27 1.97
N LYS D 295 39.55 -7.88 2.73
CA LYS D 295 40.31 -8.85 3.53
C LYS D 295 39.38 -9.44 4.58
N LYS D 296 38.66 -8.58 5.32
CA LYS D 296 37.66 -9.06 6.26
C LYS D 296 36.66 -10.06 5.67
N MET D 297 36.13 -9.73 4.51
CA MET D 297 35.20 -10.55 3.77
C MET D 297 35.79 -11.90 3.40
N GLN D 298 37.00 -11.90 2.90
CA GLN D 298 37.65 -13.14 2.50
C GLN D 298 38.06 -13.99 3.70
N ASP D 299 38.48 -13.40 4.80
CA ASP D 299 38.75 -14.15 6.01
C ASP D 299 37.50 -14.82 6.59
N SER D 300 36.44 -14.02 6.74
CA SER D 300 35.13 -14.49 7.16
C SER D 300 34.63 -15.65 6.28
N ALA D 301 34.68 -15.45 4.96
CA ALA D 301 34.36 -16.51 4.02
C ALA D 301 35.22 -17.79 4.15
N ALA D 302 36.52 -17.61 4.42
CA ALA D 302 37.43 -18.74 4.55
C ALA D 302 37.05 -19.61 5.73
N THR D 303 36.71 -18.90 6.81
CA THR D 303 36.29 -19.71 7.94
C THR D 303 34.89 -20.29 7.73
N LEU D 304 33.91 -19.61 7.17
CA LEU D 304 32.59 -20.22 6.87
C LEU D 304 32.73 -21.50 6.05
N LYS D 305 33.63 -21.45 5.07
CA LYS D 305 33.85 -22.55 4.13
C LYS D 305 34.39 -23.80 4.81
N LYS D 306 35.27 -23.52 5.77
CA LYS D 306 35.81 -24.52 6.67
C LYS D 306 34.65 -25.20 7.45
N VAL D 307 33.87 -24.47 8.26
CA VAL D 307 32.72 -25.01 8.96
C VAL D 307 31.73 -25.72 8.03
N LEU D 308 31.57 -25.19 6.81
CA LEU D 308 30.64 -25.74 5.81
C LEU D 308 31.03 -27.16 5.47
N ASN D 309 32.31 -27.23 5.12
CA ASN D 309 32.80 -28.53 4.73
C ASN D 309 32.93 -29.50 5.90
N ASP D 310 33.26 -29.07 7.14
CA ASP D 310 33.20 -29.92 8.31
C ASP D 310 31.82 -30.54 8.53
N GLY D 311 30.80 -29.69 8.55
CA GLY D 311 29.42 -30.17 8.70
C GLY D 311 28.95 -31.14 7.60
N LEU D 312 29.24 -30.78 6.34
CA LEU D 312 28.79 -31.64 5.26
C LEU D 312 29.52 -33.00 5.26
N ALA D 313 30.77 -32.93 5.75
CA ALA D 313 31.58 -34.11 5.93
C ALA D 313 30.99 -35.00 7.02
N GLU D 314 30.55 -34.44 8.13
CA GLU D 314 29.98 -35.25 9.17
C GLU D 314 28.65 -35.78 8.72
N LEU D 315 27.84 -35.03 7.96
CA LEU D 315 26.56 -35.55 7.45
C LEU D 315 26.80 -36.75 6.55
N GLU D 316 27.95 -36.81 5.88
CA GLU D 316 28.26 -37.98 5.08
C GLU D 316 28.86 -39.18 5.86
N ASN D 317 29.15 -38.99 7.16
CA ASN D 317 29.73 -40.03 7.99
C ASN D 317 28.57 -40.86 8.57
N LYS D 318 28.25 -41.97 7.92
CA LYS D 318 27.07 -42.79 8.28
C LYS D 318 27.27 -43.96 9.25
PA NAD E . -11.83 8.81 -26.44
O1A NAD E . -10.94 9.98 -26.24
O2A NAD E . -12.61 8.70 -27.69
O5B NAD E . -10.79 7.56 -26.31
C5B NAD E . -10.97 6.26 -26.88
C4B NAD E . -9.89 6.01 -27.91
O4B NAD E . -10.19 4.82 -28.64
C3B NAD E . -9.88 7.12 -28.96
O3B NAD E . -9.12 8.25 -28.50
C2B NAD E . -9.47 6.45 -30.28
O2B NAD E . -8.26 6.86 -30.95
C1B NAD E . -9.44 4.98 -29.86
N9A NAD E . -9.88 4.07 -30.94
C8A NAD E . -10.86 4.29 -31.84
N7A NAD E . -10.92 3.28 -32.71
C5A NAD E . -9.96 2.44 -32.31
C6A NAD E . -9.68 1.19 -32.85
N6A NAD E . -10.39 0.67 -33.84
N1A NAD E . -8.71 0.47 -32.24
C2A NAD E . -8.06 0.93 -31.16
N3A NAD E . -8.34 2.12 -30.64
C4A NAD E . -9.30 2.90 -31.20
O3 NAD E . -12.83 8.71 -25.19
PN NAD E . -12.71 8.46 -23.60
O1N NAD E . -13.31 9.56 -22.81
O2N NAD E . -11.34 8.00 -23.23
O5D NAD E . -13.69 7.21 -23.40
C5D NAD E . -13.45 5.96 -24.08
C4D NAD E . -14.62 4.99 -23.95
O4D NAD E . -14.78 4.64 -22.53
C3D NAD E . -15.88 5.68 -24.49
O3D NAD E . -16.74 4.84 -25.28
C2D NAD E . -16.45 6.27 -23.20
O2D NAD E . -17.84 6.58 -23.33
C1D NAD E . -16.09 5.15 -22.20
N1N NAD E . -16.21 5.45 -20.75
C2N NAD E . -16.66 4.36 -20.00
C3N NAD E . -17.46 4.53 -18.85
C7N NAD E . -18.28 3.32 -18.33
O7N NAD E . -19.04 3.42 -17.38
N7N NAD E . -18.14 2.17 -18.96
C4N NAD E . -17.69 5.83 -18.41
C5N NAD E . -17.17 6.94 -19.09
C6N NAD E . -16.44 6.77 -20.26
PA NAD F . -1.67 23.60 -18.10
O1A NAD F . -2.48 22.44 -18.57
O2A NAD F . -1.32 24.69 -19.06
O5B NAD F . -2.38 24.27 -16.81
C5B NAD F . -1.74 25.31 -16.05
C4B NAD F . -2.74 25.89 -15.08
O4B NAD F . -2.21 27.18 -14.71
C3B NAD F . -4.13 26.15 -15.74
O3B NAD F . -5.22 25.36 -15.24
C2B NAD F . -4.31 27.66 -15.63
O2B NAD F . -5.65 28.19 -15.44
C1B NAD F . -3.37 27.97 -14.49
N9A NAD F . -3.12 29.42 -14.38
C8A NAD F . -2.55 30.24 -15.29
N7A NAD F . -2.61 31.52 -14.89
C5A NAD F . -3.21 31.44 -13.69
C6A NAD F . -3.25 32.46 -12.74
N6A NAD F . -2.90 33.70 -12.98
N1A NAD F . -3.62 32.09 -11.49
C2A NAD F . -3.94 30.83 -11.18
N3A NAD F . -3.92 29.86 -12.08
C4A NAD F . -3.52 30.14 -13.36
O3 NAD F . -0.30 23.06 -17.51
PN NAD F . 0.11 21.88 -16.52
O1N NAD F . 0.24 20.63 -17.32
O2N NAD F . -0.74 21.85 -15.30
O5D NAD F . 1.56 22.46 -16.15
C5D NAD F . 1.61 23.48 -15.13
C4D NAD F . 3.03 23.80 -14.63
O4D NAD F . 3.69 22.60 -14.14
C3D NAD F . 3.87 24.43 -15.75
O3D NAD F . 4.47 25.71 -15.41
C2D NAD F . 4.74 23.23 -16.14
O2D NAD F . 5.87 23.49 -17.00
C1D NAD F . 4.99 22.57 -14.77
N1N NAD F . 5.63 21.22 -14.75
C2N NAD F . 6.62 20.99 -13.76
C3N NAD F . 7.68 20.09 -13.95
C7N NAD F . 8.91 20.12 -13.01
O7N NAD F . 9.83 19.34 -13.16
N7N NAD F . 8.92 21.06 -12.07
C4N NAD F . 7.71 19.32 -15.13
C5N NAD F . 6.70 19.49 -16.08
C6N NAD F . 5.67 20.41 -15.91
PA NAD G . -0.60 -11.21 28.01
O1A NAD G . 0.74 -11.63 27.52
O2A NAD G . -1.08 -11.64 29.35
O5B NAD G . -0.75 -9.61 27.87
C5B NAD G . -1.28 -8.77 28.91
C4B NAD G . -0.21 -7.72 29.04
O4B NAD G . -0.61 -6.77 30.03
C3B NAD G . 1.08 -8.35 29.53
O3B NAD G . 2.15 -7.91 28.69
C2B NAD G . 1.25 -7.86 30.97
O2B NAD G . 2.65 -7.84 31.38
C1B NAD G . 0.58 -6.50 30.80
N9A NAD G . 0.34 -5.68 32.03
C8A NAD G . -0.17 -6.10 33.20
N7A NAD G . -0.25 -5.07 34.06
C5A NAD G . 0.20 -4.03 33.38
C6A NAD G . 0.35 -2.69 33.84
N6A NAD G . -0.06 -2.28 35.02
N1A NAD G . 0.91 -1.80 32.99
C2A NAD G . 1.27 -2.14 31.75
N3A NAD G . 1.11 -3.39 31.32
C4A NAD G . 0.59 -4.36 32.10
O3 NAD G . -1.64 -11.68 26.90
PN NAD G . -1.98 -11.14 25.42
O1N NAD G . -2.27 -12.32 24.55
O2N NAD G . -0.98 -10.18 24.91
O5D NAD G . -3.38 -10.41 25.69
C5D NAD G . -3.48 -9.06 26.23
C4D NAD G . -4.91 -8.61 26.57
O4D NAD G . -5.63 -8.29 25.36
C3D NAD G . -5.69 -9.65 27.40
O3D NAD G . -6.51 -9.16 28.49
C2D NAD G . -6.41 -10.39 26.26
O2D NAD G . -7.51 -11.25 26.67
C1D NAD G . -6.74 -9.22 25.31
N1N NAD G . -7.17 -9.62 23.94
C2N NAD G . -8.24 -8.86 23.41
C3N NAD G . -9.18 -9.38 22.51
C7N NAD G . -10.49 -8.61 22.25
O7N NAD G . -11.35 -8.98 21.45
N7N NAD G . -10.69 -7.50 22.98
C4N NAD G . -8.96 -10.69 22.04
C5N NAD G . -7.86 -11.43 22.48
C6N NAD G . -6.97 -10.92 23.42
PA NAD H . 11.80 -21.89 16.92
O1A NAD H . 10.75 -21.09 17.63
O2A NAD H . 12.78 -22.69 17.71
O5B NAD H . 11.11 -22.87 15.84
C5B NAD H . 11.85 -23.62 14.86
C4B NAD H . 10.90 -24.58 14.13
O4B NAD H . 11.63 -25.60 13.39
C3B NAD H . 10.02 -25.29 15.16
O3B NAD H . 8.63 -24.88 15.06
C2B NAD H . 10.35 -26.78 14.99
O2B NAD H . 9.35 -27.78 15.27
C1B NAD H . 10.84 -26.79 13.55
N9A NAD H . 11.54 -28.05 13.22
C8A NAD H . 12.55 -28.64 13.89
N7A NAD H . 12.83 -29.85 13.37
C5A NAD H . 11.98 -29.97 12.35
C6A NAD H . 12.05 -30.93 11.34
N6A NAD H . 12.82 -32.00 11.36
N1A NAD H . 11.27 -30.71 10.26
C2A NAD H . 10.48 -29.64 10.16
N3A NAD H . 10.41 -28.72 11.12
C4A NAD H . 11.17 -28.86 12.22
O3 NAD H . 12.66 -20.92 15.98
PN NAD H . 12.45 -19.49 15.30
O1N NAD H . 12.63 -18.43 16.31
O2N NAD H . 11.19 -19.45 14.51
O5D NAD H . 13.70 -19.52 14.28
C5D NAD H . 13.78 -20.53 13.25
C4D NAD H . 14.99 -20.36 12.32
O4D NAD H . 15.02 -19.03 11.74
C3D NAD H . 16.30 -20.64 13.08
O3D NAD H . 17.26 -21.51 12.43
C2D NAD H . 16.79 -19.21 13.32
O2D NAD H . 18.21 -19.21 13.56
C1D NAD H . 16.33 -18.47 12.05
N1N NAD H . 16.44 -16.96 12.02
C2N NAD H . 17.01 -16.41 10.86
C3N NAD H . 17.65 -15.16 10.85
C7N NAD H . 18.52 -14.80 9.61
O7N NAD H . 19.22 -13.78 9.57
N7N NAD H . 18.53 -15.65 8.59
C4N NAD H . 17.64 -14.39 12.03
C5N NAD H . 17.02 -14.87 13.19
C6N NAD H . 16.43 -16.15 13.19
#